data_6CFQ
#
_entry.id   6CFQ
#
_cell.length_a   100.641
_cell.length_b   115.506
_cell.length_c   174.546
_cell.angle_alpha   90.000
_cell.angle_beta   90.000
_cell.angle_gamma   90.000
#
_symmetry.space_group_name_H-M   'P 21 21 21'
#
loop_
_entity.id
_entity.type
_entity.pdbx_description
1 polymer Catalase-peroxidase
2 non-polymer 'PROTOPORPHYRIN IX CONTAINING FE'
3 non-polymer 'SODIUM ION'
4 non-polymer 'CHLORIDE ION'
5 non-polymer 'OXYGEN MOLECULE'
6 non-polymer 'PHOSPHATE ION'
7 non-polymer (4S)-2-METHYL-2,4-PENTANEDIOL
8 non-polymer pyridine-4-carbohydrazide
9 water water
#
_entity_poly.entity_id   1
_entity_poly.type   'polypeptide(L)'
_entity_poly.pdbx_seq_one_letter_code
;MSNEAKCPFHQAAGNGTSNRDWWPNQLDLSILHRHSSLSDPMGKDFNYAQAFEKLDLAAVKRDLHALMTTSQDWWPADFG
HYGGLFIRMAWHSAGTYRTADGRGGAGEGQQRFAPLNSWPNNANLDKARRLLWPIKQKYGRAISWADLLILTGNVALESM
GFKTFGFAGGRADTWEPEDVYWGSEKIWLELSGGPNSRYSGDRQLENPLAAVQMGLIYVNPEGPDGNPDPVAAARDIRDT
FARMAMNDEETVALIAGGHTFGKTHGAGPASNVGAEPEAAGIEAQGLGWKSAYRTGKGADAITSGLEVTWTTTPTQWSHN
FFENLFGYEWELTKSPAGAHQWVAKGADAVIPDAFDPSKKHRPTMLTTDLSLRFDPAYEKISRRFHENPEQFADAFARAW
FKLTHRDMGPRARYLGPEVPAEVLLWQDPIPAVDHPLIDAADAAELKAKVLASGLTVSQLVSTAWAAASTFRGSDKRGGA
NGARIRLAPQKDWEANQPEQLAAVLETLEAIRTAFNGAQRGGKQVSLADLIVLAGCAGVEQAAKNAGHAVTVPFAPGRAD
ASQEQTDVESMAVLEPVADGFRNYLKGKYRVPAEVLLVDKAQLLTLSAPEMTVLLGGLRVLGANVGQSRHGVFTAREQAL
TNDFFVNLLDMGTEWKPTAADADVFEGRDRATGELKWTGTRVDLVFGSHSQLRALAEVYGSADAQEKFVRDFVAVWNKVM
NLDRFDLA
;
_entity_poly.pdbx_strand_id   A,B
#
loop_
_chem_comp.id
_chem_comp.type
_chem_comp.name
_chem_comp.formula
CL non-polymer 'CHLORIDE ION' 'Cl -1'
HEM non-polymer 'PROTOPORPHYRIN IX CONTAINING FE' 'C34 H32 Fe N4 O4'
MPD non-polymer (4S)-2-METHYL-2,4-PENTANEDIOL 'C6 H14 O2'
NA non-polymer 'SODIUM ION' 'Na 1'
NIZ non-polymer pyridine-4-carbohydrazide 'C6 H7 N3 O'
OXY non-polymer 'OXYGEN MOLECULE' O2
PO4 non-polymer 'PHOSPHATE ION' 'O4 P -3'
#
# COMPACT_ATOMS: atom_id res chain seq x y z
N GLY A 16 -13.20 -7.99 -8.32
CA GLY A 16 -12.56 -8.87 -7.28
C GLY A 16 -12.92 -8.38 -5.89
N THR A 17 -13.48 -9.26 -5.05
CA THR A 17 -13.87 -8.87 -3.70
C THR A 17 -12.62 -8.80 -2.83
N SER A 18 -12.49 -7.74 -2.04
CA SER A 18 -11.25 -7.46 -1.29
C SER A 18 -11.56 -7.53 0.23
N ASN A 19 -10.52 -7.47 1.06
CA ASN A 19 -10.74 -7.46 2.53
C ASN A 19 -11.59 -6.29 2.96
N ARG A 20 -11.35 -5.13 2.33
CA ARG A 20 -12.15 -3.92 2.59
C ARG A 20 -13.67 -4.14 2.34
N ASP A 21 -14.00 -4.93 1.31
CA ASP A 21 -15.39 -5.31 1.04
C ASP A 21 -15.98 -6.18 2.16
N TRP A 22 -15.23 -7.21 2.58
CA TRP A 22 -15.74 -8.16 3.57
C TRP A 22 -15.84 -7.52 4.96
N TRP A 23 -14.86 -6.69 5.31
CA TRP A 23 -14.73 -6.19 6.68
C TRP A 23 -14.51 -4.68 6.58
N PRO A 24 -15.58 -3.96 6.19
CA PRO A 24 -15.41 -2.54 5.78
C PRO A 24 -15.07 -1.63 6.94
N ASN A 25 -15.19 -2.13 8.15
CA ASN A 25 -14.87 -1.35 9.32
C ASN A 25 -13.52 -1.72 9.96
N GLN A 26 -12.82 -2.78 9.50
CA GLN A 26 -11.49 -3.16 10.10
C GLN A 26 -10.56 -1.92 9.85
N LEU A 27 -9.55 -1.82 10.70
CA LEU A 27 -8.57 -0.74 10.69
C LEU A 27 -7.75 -0.83 9.41
N ASP A 28 -7.35 0.27 8.81
CA ASP A 28 -6.49 0.21 7.59
C ASP A 28 -5.04 0.64 7.81
N LEU A 29 -4.13 -0.33 7.90
CA LEU A 29 -2.77 -0.02 8.19
C LEU A 29 -1.99 0.48 6.96
N SER A 30 -2.56 0.33 5.74
CA SER A 30 -1.79 0.65 4.54
C SER A 30 -1.50 2.17 4.53
N ILE A 31 -2.27 2.95 5.27
CA ILE A 31 -2.00 4.40 5.33
C ILE A 31 -0.64 4.66 5.97
N LEU A 32 -0.13 3.72 6.75
CA LEU A 32 1.20 3.89 7.33
C LEU A 32 2.35 3.51 6.42
N HIS A 33 2.04 2.85 5.29
CA HIS A 33 3.11 2.24 4.48
C HIS A 33 3.11 2.77 3.04
N ARG A 34 2.50 3.93 2.86
CA ARG A 34 2.65 4.75 1.66
C ARG A 34 4.06 5.31 1.57
N HIS A 35 4.45 5.69 0.37
CA HIS A 35 5.63 6.46 0.21
C HIS A 35 6.85 5.59 0.53
N SER A 36 6.74 4.30 0.25
CA SER A 36 7.91 3.41 0.29
C SER A 36 8.83 3.68 -0.85
N SER A 37 10.04 3.19 -0.70
CA SER A 37 11.05 3.37 -1.71
C SER A 37 10.60 2.58 -2.97
N LEU A 38 9.66 1.63 -2.82
CA LEU A 38 9.19 0.84 -3.99
C LEU A 38 8.51 1.74 -5.06
N SER A 39 7.69 2.68 -4.60
CA SER A 39 6.85 3.45 -5.47
C SER A 39 7.56 4.71 -6.01
N ASP A 40 8.75 5.00 -5.48
CA ASP A 40 9.52 6.24 -5.80
C ASP A 40 10.44 5.98 -6.95
N PRO A 41 10.30 6.69 -8.05
CA PRO A 41 11.19 6.47 -9.17
C PRO A 41 12.56 7.04 -9.00
N MET A 42 12.75 7.90 -8.00
CA MET A 42 14.07 8.50 -7.85
C MET A 42 14.96 7.55 -7.04
N GLY A 43 16.24 7.63 -7.23
CA GLY A 43 17.14 6.74 -6.43
C GLY A 43 17.06 6.99 -4.92
N LYS A 44 17.53 6.02 -4.13
CA LYS A 44 17.45 6.13 -2.67
C LYS A 44 18.22 7.37 -2.18
N ASP A 45 19.22 7.77 -2.95
CA ASP A 45 20.05 8.87 -2.51
C ASP A 45 19.57 10.23 -3.05
N PHE A 46 18.54 10.25 -3.88
CA PHE A 46 18.08 11.54 -4.41
C PHE A 46 17.71 12.49 -3.27
N ASN A 47 18.18 13.70 -3.42
CA ASN A 47 17.91 14.76 -2.47
C ASN A 47 17.36 15.97 -3.25
N TYR A 48 16.07 16.19 -3.13
CA TYR A 48 15.44 17.29 -3.92
C TYR A 48 16.03 18.65 -3.61
N ALA A 49 16.31 18.92 -2.34
CA ALA A 49 16.90 20.22 -1.98
C ALA A 49 18.20 20.50 -2.70
N GLN A 50 19.03 19.47 -2.85
CA GLN A 50 20.30 19.63 -3.56
C GLN A 50 20.12 19.92 -5.06
N ALA A 51 19.07 19.32 -5.64
CA ALA A 51 18.73 19.53 -7.05
C ALA A 51 18.19 20.93 -7.25
N PHE A 52 17.28 21.35 -6.38
CA PHE A 52 16.65 22.65 -6.48
C PHE A 52 17.68 23.75 -6.32
N GLU A 53 18.62 23.55 -5.40
CA GLU A 53 19.55 24.63 -5.09
C GLU A 53 20.44 24.97 -6.28
N LYS A 54 20.59 24.04 -7.23
CA LYS A 54 21.25 24.32 -8.46
C LYS A 54 20.33 24.73 -9.66
N LEU A 55 19.02 24.75 -9.48
CA LEU A 55 18.10 25.19 -10.52
C LEU A 55 18.40 26.65 -10.85
N ASP A 56 18.35 27.00 -12.12
CA ASP A 56 18.40 28.42 -12.49
C ASP A 56 16.96 28.98 -12.42
N LEU A 57 16.57 29.42 -11.24
CA LEU A 57 15.22 29.77 -10.98
C LEU A 57 14.82 30.94 -11.87
N ALA A 58 15.75 31.85 -12.15
CA ALA A 58 15.43 32.99 -13.01
C ALA A 58 15.07 32.54 -14.42
N ALA A 59 15.76 31.51 -14.91
CA ALA A 59 15.45 30.99 -16.22
C ALA A 59 14.07 30.33 -16.25
N VAL A 60 13.74 29.60 -15.19
CA VAL A 60 12.41 29.00 -15.07
C VAL A 60 11.36 30.10 -15.14
N LYS A 61 11.56 31.17 -14.35
CA LYS A 61 10.60 32.25 -14.32
C LYS A 61 10.44 32.95 -15.68
N ARG A 62 11.53 33.09 -16.44
CA ARG A 62 11.42 33.66 -17.78
C ARG A 62 10.58 32.79 -18.70
N ASP A 63 10.77 31.47 -18.62
CA ASP A 63 9.97 30.56 -19.42
C ASP A 63 8.52 30.65 -19.03
N LEU A 64 8.23 30.71 -17.72
CA LEU A 64 6.82 30.80 -17.25
C LEU A 64 6.19 32.13 -17.73
N HIS A 65 6.97 33.20 -17.70
CA HIS A 65 6.51 34.52 -18.14
C HIS A 65 6.10 34.44 -19.63
N ALA A 66 6.96 33.82 -20.45
CA ALA A 66 6.62 33.63 -21.87
C ALA A 66 5.37 32.79 -22.11
N LEU A 67 5.22 31.73 -21.30
CA LEU A 67 4.09 30.88 -21.37
C LEU A 67 2.77 31.62 -21.16
N MET A 68 2.77 32.62 -20.31
CA MET A 68 1.54 33.29 -19.92
C MET A 68 0.77 33.82 -21.15
N THR A 69 1.50 34.25 -22.16
CA THR A 69 0.86 34.75 -23.38
C THR A 69 1.13 33.92 -24.61
N THR A 70 1.38 32.64 -24.43
CA THR A 70 1.53 31.72 -25.57
C THR A 70 0.40 30.71 -25.57
N SER A 71 -0.68 31.08 -26.25
CA SER A 71 -1.88 30.30 -26.25
C SER A 71 -1.73 28.97 -27.02
N GLN A 72 -2.23 27.90 -26.46
CA GLN A 72 -2.34 26.61 -27.17
C GLN A 72 -3.78 26.44 -27.68
N ASP A 73 -3.93 25.91 -28.90
CA ASP A 73 -5.27 25.79 -29.49
C ASP A 73 -6.17 24.76 -28.85
N TRP A 74 -5.61 23.79 -28.14
CA TRP A 74 -6.43 22.83 -27.44
C TRP A 74 -7.04 23.40 -26.13
N TRP A 75 -6.56 24.58 -25.68
CA TRP A 75 -7.18 25.29 -24.54
C TRP A 75 -6.82 26.75 -24.61
N PRO A 76 -7.45 27.48 -25.56
CA PRO A 76 -7.06 28.85 -25.81
C PRO A 76 -7.13 29.74 -24.57
N ALA A 77 -6.17 30.65 -24.47
CA ALA A 77 -6.04 31.54 -23.34
C ALA A 77 -7.07 32.67 -23.38
N ASP A 78 -7.85 32.79 -22.34
CA ASP A 78 -8.76 33.96 -22.16
C ASP A 78 -7.98 35.26 -22.23
N PHE A 79 -8.46 36.24 -23.03
CA PHE A 79 -7.82 37.53 -23.16
C PHE A 79 -6.37 37.39 -23.66
N GLY A 80 -6.04 36.25 -24.23
CA GLY A 80 -4.65 35.97 -24.61
C GLY A 80 -3.66 35.78 -23.45
N HIS A 81 -4.16 35.51 -22.24
CA HIS A 81 -3.28 35.46 -21.05
C HIS A 81 -3.78 34.37 -20.09
N TYR A 82 -2.91 33.40 -19.82
CA TYR A 82 -3.22 32.27 -18.89
C TYR A 82 -3.09 32.63 -17.40
N GLY A 83 -2.82 33.88 -17.09
CA GLY A 83 -2.49 34.26 -15.69
C GLY A 83 -3.61 33.90 -14.70
N GLY A 84 -4.87 34.24 -15.03
CA GLY A 84 -5.98 33.93 -14.14
C GLY A 84 -6.10 32.42 -13.92
N LEU A 85 -5.99 31.63 -14.98
CA LEU A 85 -6.12 30.20 -14.88
C LEU A 85 -5.05 29.68 -13.91
N PHE A 86 -3.81 30.14 -14.09
CA PHE A 86 -2.74 29.68 -13.21
C PHE A 86 -2.80 30.15 -11.77
N ILE A 87 -3.36 31.34 -11.53
CA ILE A 87 -3.59 31.78 -10.16
C ILE A 87 -4.63 30.87 -9.48
N ARG A 88 -5.71 30.57 -10.18
CA ARG A 88 -6.70 29.61 -9.67
C ARG A 88 -6.05 28.25 -9.41
N MET A 89 -5.24 27.80 -10.33
CA MET A 89 -4.54 26.51 -10.17
C MET A 89 -3.72 26.49 -8.85
N ALA A 90 -2.96 27.54 -8.60
CA ALA A 90 -2.08 27.58 -7.43
C ALA A 90 -2.90 27.73 -6.18
N TRP A 91 -3.95 28.58 -6.23
CA TRP A 91 -4.89 28.71 -5.13
C TRP A 91 -5.54 27.37 -4.75
N HIS A 92 -6.00 26.63 -5.74
CA HIS A 92 -6.56 25.30 -5.46
C HIS A 92 -5.56 24.31 -4.93
N SER A 93 -4.31 24.39 -5.41
CA SER A 93 -3.24 23.53 -4.89
C SER A 93 -3.10 23.73 -3.37
N ALA A 94 -3.05 25.00 -2.92
CA ALA A 94 -2.91 25.34 -1.53
C ALA A 94 -4.19 25.22 -0.74
N GLY A 95 -5.32 25.32 -1.43
CA GLY A 95 -6.61 25.61 -0.81
C GLY A 95 -7.28 24.40 -0.15
N THR A 96 -6.69 23.20 -0.30
CA THR A 96 -7.22 22.01 0.33
C THR A 96 -6.83 21.89 1.80
N TYR A 97 -5.88 22.72 2.22
CA TYR A 97 -5.31 22.67 3.56
C TYR A 97 -6.36 22.80 4.67
N ARG A 98 -6.22 21.99 5.71
CA ARG A 98 -7.07 22.08 6.90
C ARG A 98 -6.14 22.21 8.11
N THR A 99 -6.41 23.15 9.00
CA THR A 99 -5.60 23.34 10.21
CA THR A 99 -5.59 23.36 10.17
C THR A 99 -5.80 22.23 11.20
N ALA A 100 -6.94 21.57 11.15
CA ALA A 100 -7.32 20.59 12.19
C ALA A 100 -6.26 19.47 12.25
N ASP A 101 -5.86 18.98 11.08
CA ASP A 101 -4.86 17.95 11.01
C ASP A 101 -3.63 18.29 10.17
N GLY A 102 -3.62 19.46 9.54
CA GLY A 102 -2.48 19.82 8.65
C GLY A 102 -2.51 19.17 7.26
N ARG A 103 -3.55 18.36 7.02
CA ARG A 103 -3.57 17.62 5.76
C ARG A 103 -4.09 18.56 4.66
N GLY A 104 -3.91 18.14 3.43
CA GLY A 104 -4.12 19.01 2.28
C GLY A 104 -2.99 20.06 2.19
N GLY A 105 -3.18 21.02 1.29
CA GLY A 105 -2.17 22.02 0.98
C GLY A 105 -1.35 21.67 -0.25
N ALA A 106 -0.50 22.62 -0.65
CA ALA A 106 0.26 22.55 -1.89
C ALA A 106 1.58 21.79 -1.77
N GLY A 107 1.95 21.45 -0.52
CA GLY A 107 3.29 21.01 -0.24
C GLY A 107 3.73 19.67 -0.73
N GLU A 108 2.79 18.86 -1.22
CA GLU A 108 3.14 17.58 -1.82
C GLU A 108 2.74 17.46 -3.28
N GLY A 109 2.21 18.53 -3.87
CA GLY A 109 1.80 18.45 -5.28
C GLY A 109 0.70 17.46 -5.58
N GLN A 110 -0.14 17.25 -4.59
CA GLN A 110 -1.20 16.23 -4.67
C GLN A 110 -2.34 16.53 -5.65
N GLN A 111 -2.43 17.74 -6.15
CA GLN A 111 -3.42 18.10 -7.18
C GLN A 111 -3.28 17.25 -8.43
N ARG A 112 -2.11 16.66 -8.67
CA ARG A 112 -1.93 15.87 -9.87
C ARG A 112 -2.34 14.41 -9.72
N PHE A 113 -2.77 14.03 -8.54
CA PHE A 113 -3.20 12.64 -8.26
C PHE A 113 -4.68 12.60 -7.91
N ALA A 114 -5.26 11.40 -7.86
CA ALA A 114 -6.59 11.21 -7.29
C ALA A 114 -6.62 11.43 -5.80
N PRO A 115 -7.70 11.94 -5.24
CA PRO A 115 -8.91 12.36 -5.94
C PRO A 115 -8.88 13.80 -6.44
N LEU A 116 -7.92 14.58 -5.94
CA LEU A 116 -7.97 16.00 -6.15
C LEU A 116 -7.90 16.39 -7.63
N ASN A 117 -7.21 15.59 -8.44
CA ASN A 117 -7.13 15.89 -9.86
C ASN A 117 -8.48 15.87 -10.56
N SER A 118 -9.47 15.30 -9.86
CA SER A 118 -10.80 15.06 -10.46
C SER A 118 -11.92 15.62 -9.61
N TRP A 119 -11.59 16.41 -8.61
CA TRP A 119 -12.63 17.11 -7.86
C TRP A 119 -13.36 18.04 -8.85
N PRO A 120 -14.68 18.18 -8.69
CA PRO A 120 -15.35 19.11 -9.59
C PRO A 120 -14.84 20.55 -9.53
N ASN A 121 -14.47 21.01 -8.35
CA ASN A 121 -13.94 22.39 -8.20
CA ASN A 121 -13.88 22.36 -8.17
C ASN A 121 -12.56 22.54 -8.91
N ASN A 122 -11.91 21.41 -9.28
CA ASN A 122 -10.64 21.45 -9.99
C ASN A 122 -10.81 21.24 -11.47
N ALA A 123 -12.04 21.35 -11.97
CA ALA A 123 -12.27 21.16 -13.40
C ALA A 123 -11.42 22.12 -14.23
N ASN A 124 -10.86 21.58 -15.30
CA ASN A 124 -10.02 22.29 -16.22
C ASN A 124 -8.68 22.77 -15.70
N LEU A 125 -8.38 22.49 -14.43
CA LEU A 125 -6.98 22.62 -13.97
C LEU A 125 -6.09 21.56 -14.51
N ASP A 126 -6.67 20.44 -14.98
CA ASP A 126 -5.92 19.52 -15.76
C ASP A 126 -5.31 20.16 -16.99
N LYS A 127 -6.02 21.12 -17.59
CA LYS A 127 -5.49 21.84 -18.76
C LYS A 127 -4.28 22.70 -18.33
N ALA A 128 -4.44 23.39 -17.21
CA ALA A 128 -3.40 24.24 -16.69
C ALA A 128 -2.14 23.45 -16.38
N ARG A 129 -2.27 22.29 -15.73
CA ARG A 129 -1.08 21.46 -15.47
C ARG A 129 -0.45 20.97 -16.74
N ARG A 130 -1.27 20.59 -17.73
CA ARG A 130 -0.72 20.13 -19.03
C ARG A 130 0.07 21.23 -19.77
N LEU A 131 -0.35 22.48 -19.61
CA LEU A 131 0.38 23.60 -20.20
C LEU A 131 1.78 23.72 -19.64
N LEU A 132 1.94 23.25 -18.41
CA LEU A 132 3.25 23.34 -17.72
C LEU A 132 4.20 22.16 -18.02
N TRP A 133 3.73 21.11 -18.73
CA TRP A 133 4.60 19.97 -18.96
C TRP A 133 5.89 20.32 -19.70
N PRO A 134 5.84 21.20 -20.73
CA PRO A 134 7.09 21.49 -21.40
C PRO A 134 8.17 22.08 -20.50
N ILE A 135 7.78 22.98 -19.59
CA ILE A 135 8.72 23.54 -18.63
C ILE A 135 9.20 22.48 -17.63
N LYS A 136 8.26 21.67 -17.12
CA LYS A 136 8.62 20.59 -16.20
C LYS A 136 9.59 19.66 -16.84
N GLN A 137 9.34 19.33 -18.10
CA GLN A 137 10.20 18.43 -18.87
C GLN A 137 11.60 19.04 -19.09
N LYS A 138 11.65 20.33 -19.34
CA LYS A 138 12.94 20.99 -19.60
C LYS A 138 13.85 20.96 -18.36
N TYR A 139 13.28 21.23 -17.20
CA TYR A 139 14.06 21.38 -15.97
C TYR A 139 14.14 20.12 -15.14
N GLY A 140 13.27 19.15 -15.43
CA GLY A 140 13.36 17.81 -14.85
C GLY A 140 13.30 17.79 -13.32
N ARG A 141 14.19 17.03 -12.72
CA ARG A 141 14.11 16.79 -11.28
C ARG A 141 14.53 17.99 -10.46
N ALA A 142 15.09 19.01 -11.10
CA ALA A 142 15.49 20.23 -10.37
C ALA A 142 14.34 21.13 -9.95
N ILE A 143 13.13 20.93 -10.51
CA ILE A 143 11.95 21.62 -9.97
C ILE A 143 10.79 20.62 -9.89
N SER A 144 10.29 20.45 -8.70
CA SER A 144 9.19 19.52 -8.45
C SER A 144 7.87 20.10 -9.04
N TRP A 145 6.94 19.22 -9.36
CA TRP A 145 5.59 19.70 -9.68
C TRP A 145 5.06 20.57 -8.55
N ALA A 146 5.23 20.11 -7.32
CA ALA A 146 4.69 20.84 -6.18
C ALA A 146 5.19 22.31 -6.16
N ASP A 147 6.50 22.48 -6.30
CA ASP A 147 7.06 23.84 -6.35
C ASP A 147 6.60 24.61 -7.61
N LEU A 148 6.53 23.92 -8.73
CA LEU A 148 6.21 24.54 -10.01
C LEU A 148 4.78 25.09 -9.98
N LEU A 149 3.83 24.37 -9.39
CA LEU A 149 2.46 24.89 -9.36
C LEU A 149 2.41 26.24 -8.65
N ILE A 150 3.11 26.37 -7.54
CA ILE A 150 3.09 27.59 -6.79
C ILE A 150 3.90 28.69 -7.50
N LEU A 151 5.06 28.34 -8.00
CA LEU A 151 5.88 29.30 -8.73
C LEU A 151 5.11 29.89 -9.91
N THR A 152 4.39 29.03 -10.61
CA THR A 152 3.61 29.47 -11.77
C THR A 152 2.55 30.50 -11.34
N GLY A 153 1.87 30.27 -10.21
CA GLY A 153 0.97 31.31 -9.69
C GLY A 153 1.66 32.64 -9.38
N ASN A 154 2.82 32.55 -8.77
CA ASN A 154 3.62 33.79 -8.51
C ASN A 154 3.99 34.50 -9.82
N VAL A 155 4.41 33.76 -10.82
CA VAL A 155 4.87 34.39 -12.05
C VAL A 155 3.65 35.00 -12.77
N ALA A 156 2.53 34.33 -12.69
CA ALA A 156 1.26 34.90 -13.23
C ALA A 156 1.01 36.28 -12.61
N LEU A 157 0.98 36.33 -11.28
CA LEU A 157 0.81 37.57 -10.56
C LEU A 157 1.82 38.64 -10.98
N GLU A 158 3.10 38.28 -10.97
CA GLU A 158 4.15 39.22 -11.33
C GLU A 158 3.99 39.73 -12.75
N SER A 159 3.66 38.85 -13.68
CA SER A 159 3.52 39.25 -15.10
C SER A 159 2.40 40.28 -15.29
N MET A 160 1.41 40.22 -14.41
CA MET A 160 0.24 41.11 -14.47
C MET A 160 0.36 42.35 -13.60
N GLY A 161 1.56 42.61 -13.09
CA GLY A 161 1.88 43.82 -12.36
C GLY A 161 1.71 43.79 -10.85
N PHE A 162 1.63 42.58 -10.26
CA PHE A 162 1.48 42.47 -8.80
C PHE A 162 2.84 42.04 -8.19
N LYS A 163 3.27 42.74 -7.17
CA LYS A 163 4.51 42.43 -6.46
C LYS A 163 4.20 41.40 -5.41
N THR A 164 4.80 40.20 -5.58
CA THR A 164 4.62 39.17 -4.57
C THR A 164 5.55 39.39 -3.38
N PHE A 165 5.23 38.72 -2.26
CA PHE A 165 5.98 38.82 -1.03
C PHE A 165 7.24 37.96 -1.07
N GLY A 166 7.30 37.04 -2.01
CA GLY A 166 8.44 36.09 -2.07
C GLY A 166 8.02 34.69 -2.46
N PHE A 167 8.97 33.76 -2.44
CA PHE A 167 8.72 32.39 -2.83
C PHE A 167 9.83 31.56 -2.19
N ALA A 168 9.47 30.37 -1.72
CA ALA A 168 10.44 29.38 -1.32
C ALA A 168 10.18 28.09 -2.12
N GLY A 169 11.24 27.49 -2.61
CA GLY A 169 11.19 26.12 -3.10
C GLY A 169 11.45 25.14 -1.93
N GLY A 170 11.39 23.87 -2.27
CA GLY A 170 11.66 22.77 -1.34
C GLY A 170 10.54 21.79 -1.11
N ARG A 171 9.42 21.90 -1.86
CA ARG A 171 8.35 20.93 -1.76
C ARG A 171 8.74 19.71 -2.65
N ALA A 172 9.21 18.64 -2.04
CA ALA A 172 9.55 17.45 -2.83
C ALA A 172 8.29 16.84 -3.39
N ASP A 173 8.39 16.32 -4.61
CA ASP A 173 7.25 15.60 -5.19
C ASP A 173 7.01 14.30 -4.47
N THR A 174 5.74 13.92 -4.48
CA THR A 174 5.28 12.60 -4.01
C THR A 174 4.80 11.80 -5.19
N TRP A 175 4.59 10.50 -4.97
CA TRP A 175 4.42 9.60 -6.10
C TRP A 175 3.16 8.76 -6.00
N GLU A 176 2.39 8.99 -4.95
CA GLU A 176 1.06 8.34 -4.84
C GLU A 176 0.11 9.21 -4.06
N PRO A 177 -1.18 8.97 -4.20
CA PRO A 177 -2.14 9.77 -3.42
C PRO A 177 -1.99 9.60 -1.92
N GLU A 178 -2.16 10.69 -1.17
CA GLU A 178 -2.21 10.65 0.28
C GLU A 178 -3.55 10.07 0.73
N ASP A 179 -3.56 9.41 1.88
CA ASP A 179 -4.80 8.90 2.45
C ASP A 179 -5.37 9.97 3.35
N VAL A 180 -6.38 10.66 2.85
CA VAL A 180 -6.95 11.77 3.60
C VAL A 180 -8.48 11.54 3.74
N TYR A 181 -9.04 11.79 4.91
CA TYR A 181 -10.51 11.82 5.08
C TYR A 181 -11.03 13.13 4.55
N TRP A 182 -11.75 13.10 3.41
CA TRP A 182 -12.30 14.30 2.82
C TRP A 182 -13.80 14.44 3.07
N GLY A 183 -14.36 13.49 3.83
CA GLY A 183 -15.81 13.40 4.07
C GLY A 183 -16.34 12.00 3.74
N SER A 184 -17.59 11.75 4.13
CA SER A 184 -18.22 10.41 4.01
C SER A 184 -19.28 10.36 2.89
N GLU A 185 -19.55 11.50 2.24
CA GLU A 185 -20.54 11.47 1.16
C GLU A 185 -20.10 10.60 -0.01
N LYS A 186 -21.08 10.00 -0.68
CA LYS A 186 -20.84 9.07 -1.80
C LYS A 186 -21.28 9.67 -3.13
N ILE A 187 -21.69 10.94 -3.09
CA ILE A 187 -22.08 11.70 -4.26
C ILE A 187 -21.28 13.02 -4.32
N TRP A 188 -20.70 13.32 -5.48
CA TRP A 188 -19.92 14.58 -5.63
C TRP A 188 -20.85 15.77 -5.34
N LEU A 189 -20.35 16.75 -4.60
CA LEU A 189 -21.08 18.00 -4.34
C LEU A 189 -22.43 17.84 -3.61
N GLU A 190 -22.61 16.72 -2.92
CA GLU A 190 -23.92 16.45 -2.25
C GLU A 190 -24.27 17.63 -1.33
N LEU A 191 -25.49 18.16 -1.49
CA LEU A 191 -25.98 19.20 -0.57
C LEU A 191 -26.11 18.66 0.85
N SER A 192 -25.97 19.54 1.85
CA SER A 192 -25.91 19.12 3.25
C SER A 192 -27.26 18.50 3.68
N GLY A 193 -27.21 17.68 4.74
CA GLY A 193 -28.45 17.08 5.30
C GLY A 193 -28.73 15.69 4.74
N GLY A 194 -27.83 15.14 3.91
CA GLY A 194 -27.98 13.77 3.38
C GLY A 194 -27.60 12.74 4.42
N PRO A 195 -27.64 11.45 4.04
CA PRO A 195 -27.34 10.40 5.04
C PRO A 195 -25.89 10.46 5.56
N ASN A 196 -25.00 11.12 4.81
CA ASN A 196 -23.59 11.27 5.23
C ASN A 196 -23.20 12.75 5.46
N SER A 197 -24.19 13.56 5.89
CA SER A 197 -24.00 14.97 6.05
C SER A 197 -22.74 15.32 6.84
N ARG A 198 -21.98 16.30 6.35
CA ARG A 198 -20.86 16.79 7.07
C ARG A 198 -21.25 17.94 8.01
N TYR A 199 -22.56 18.22 8.09
CA TYR A 199 -23.09 19.24 9.00
C TYR A 199 -24.03 18.62 10.03
N SER A 200 -24.02 19.21 11.22
CA SER A 200 -25.00 18.87 12.25
C SER A 200 -25.26 20.10 13.10
N GLY A 201 -26.25 20.03 13.99
CA GLY A 201 -26.59 21.20 14.83
C GLY A 201 -26.86 22.46 14.02
N ASP A 202 -26.39 23.59 14.51
CA ASP A 202 -26.62 24.88 13.80
C ASP A 202 -25.47 25.08 12.80
N ARG A 203 -25.53 24.34 11.69
CA ARG A 203 -24.52 24.39 10.62
C ARG A 203 -23.07 24.25 11.14
N GLN A 204 -22.84 23.18 11.91
CA GLN A 204 -21.53 22.89 12.46
C GLN A 204 -20.88 21.89 11.54
N LEU A 205 -19.75 22.28 10.97
CA LEU A 205 -19.07 21.45 9.99
C LEU A 205 -18.21 20.45 10.77
N GLU A 206 -18.27 19.16 10.46
CA GLU A 206 -17.47 18.19 11.24
C GLU A 206 -15.97 18.38 11.04
N ASN A 207 -15.22 18.38 12.14
CA ASN A 207 -13.76 18.25 12.09
C ASN A 207 -13.38 16.88 11.56
N PRO A 208 -12.36 16.77 10.70
CA PRO A 208 -11.39 17.82 10.37
C PRO A 208 -11.67 18.55 9.05
N LEU A 209 -12.92 18.55 8.58
CA LEU A 209 -13.24 19.02 7.23
C LEU A 209 -13.20 20.57 7.18
N ALA A 210 -12.88 21.09 6.02
CA ALA A 210 -12.74 22.52 5.84
C ALA A 210 -13.39 23.03 4.56
N ALA A 211 -14.33 22.25 4.03
CA ALA A 211 -15.10 22.61 2.86
C ALA A 211 -16.56 22.22 3.10
N VAL A 212 -17.48 22.88 2.38
CA VAL A 212 -18.91 22.78 2.71
C VAL A 212 -19.61 21.60 1.98
N GLN A 213 -18.95 21.11 0.92
CA GLN A 213 -19.49 20.04 0.04
C GLN A 213 -18.29 19.25 -0.52
N MET A 214 -18.53 17.96 -0.72
CA MET A 214 -17.52 17.05 -1.19
C MET A 214 -17.07 17.46 -2.60
N GLY A 215 -15.76 17.77 -2.74
CA GLY A 215 -15.25 18.14 -4.06
C GLY A 215 -15.15 19.67 -4.27
N LEU A 216 -15.47 20.44 -3.23
CA LEU A 216 -15.21 21.89 -3.21
C LEU A 216 -13.96 22.19 -2.39
N ILE A 217 -13.34 23.34 -2.68
CA ILE A 217 -12.20 23.82 -1.96
C ILE A 217 -12.59 24.45 -0.62
N TYR A 218 -13.45 25.50 -0.66
CA TYR A 218 -14.01 26.05 0.58
C TYR A 218 -15.55 26.06 0.56
N VAL A 219 -16.12 26.94 -0.25
CA VAL A 219 -17.57 27.16 -0.24
C VAL A 219 -18.19 27.07 -1.63
N ASN A 220 -19.53 27.12 -1.66
CA ASN A 220 -20.28 27.07 -2.90
C ASN A 220 -20.45 28.50 -3.45
N PRO A 221 -19.99 28.76 -4.69
CA PRO A 221 -19.99 30.14 -5.18
C PRO A 221 -21.42 30.71 -5.40
N GLU A 222 -22.43 29.83 -5.44
CA GLU A 222 -23.81 30.28 -5.52
C GLU A 222 -24.40 30.70 -4.19
N GLY A 223 -23.82 30.22 -3.08
CA GLY A 223 -24.37 30.40 -1.75
C GLY A 223 -24.58 29.07 -1.07
N PRO A 224 -24.93 29.09 0.21
CA PRO A 224 -24.92 27.85 0.99
C PRO A 224 -25.93 26.85 0.44
N ASP A 225 -25.42 25.67 0.07
CA ASP A 225 -26.24 24.63 -0.59
C ASP A 225 -27.01 25.23 -1.78
N GLY A 226 -26.44 26.24 -2.44
CA GLY A 226 -27.04 26.79 -3.65
C GLY A 226 -27.97 27.98 -3.43
N ASN A 227 -28.16 28.38 -2.18
CA ASN A 227 -29.08 29.50 -1.90
C ASN A 227 -28.32 30.84 -2.00
N PRO A 228 -28.69 31.72 -2.96
CA PRO A 228 -27.89 32.93 -3.29
C PRO A 228 -28.12 34.11 -2.33
N ASP A 229 -27.75 33.90 -1.10
CA ASP A 229 -27.82 34.90 -0.07
C ASP A 229 -26.37 35.21 0.39
N PRO A 230 -25.88 36.40 0.04
CA PRO A 230 -24.48 36.76 0.35
C PRO A 230 -24.21 36.81 1.82
N VAL A 231 -25.22 37.15 2.61
CA VAL A 231 -25.02 37.26 4.06
C VAL A 231 -24.79 35.88 4.67
N ALA A 232 -25.62 34.92 4.29
CA ALA A 232 -25.43 33.55 4.72
C ALA A 232 -24.20 32.91 4.11
N ALA A 233 -23.87 33.27 2.89
CA ALA A 233 -22.64 32.74 2.30
C ALA A 233 -21.44 33.16 3.12
N ALA A 234 -21.50 34.39 3.63
CA ALA A 234 -20.38 34.92 4.38
C ALA A 234 -20.05 34.06 5.58
N ARG A 235 -21.09 33.48 6.21
N ARG A 235 -21.10 33.48 6.20
CA ARG A 235 -20.85 32.66 7.37
CA ARG A 235 -20.89 32.61 7.36
C ARG A 235 -20.02 31.42 6.99
C ARG A 235 -20.03 31.42 6.98
N ASP A 236 -20.35 30.80 5.86
CA ASP A 236 -19.60 29.64 5.35
C ASP A 236 -18.16 30.04 4.98
N ILE A 237 -18.02 31.23 4.39
CA ILE A 237 -16.69 31.72 3.99
C ILE A 237 -15.81 31.85 5.22
N ARG A 238 -16.36 32.48 6.24
CA ARG A 238 -15.62 32.76 7.42
C ARG A 238 -15.20 31.46 8.11
N ASP A 239 -16.14 30.52 8.19
CA ASP A 239 -15.88 29.25 8.91
C ASP A 239 -14.82 28.42 8.19
N THR A 240 -15.00 28.23 6.88
CA THR A 240 -14.06 27.44 6.13
C THR A 240 -12.70 28.06 6.00
N PHE A 241 -12.65 29.38 5.77
CA PHE A 241 -11.34 30.04 5.76
C PHE A 241 -10.64 29.97 7.13
N ALA A 242 -11.38 30.10 8.23
CA ALA A 242 -10.75 29.92 9.56
C ALA A 242 -10.17 28.52 9.71
N ARG A 243 -10.86 27.56 9.15
CA ARG A 243 -10.38 26.17 9.18
C ARG A 243 -9.24 25.91 8.22
N MET A 244 -8.92 26.94 7.43
CA MET A 244 -7.67 26.94 6.62
C MET A 244 -6.63 27.97 7.08
N ALA A 245 -6.81 28.44 8.30
CA ALA A 245 -5.88 29.30 9.02
C ALA A 245 -5.92 30.76 8.59
N MET A 246 -7.03 31.20 8.02
CA MET A 246 -7.14 32.57 7.55
C MET A 246 -8.18 33.33 8.34
N ASN A 247 -7.83 34.55 8.77
CA ASN A 247 -8.73 35.43 9.48
C ASN A 247 -9.53 36.33 8.51
N ASP A 248 -10.34 37.26 9.04
CA ASP A 248 -11.16 38.06 8.17
C ASP A 248 -10.34 38.90 7.17
N GLU A 249 -9.33 39.60 7.65
CA GLU A 249 -8.53 40.44 6.78
C GLU A 249 -7.87 39.63 5.67
N GLU A 250 -7.31 38.50 6.01
CA GLU A 250 -6.66 37.63 5.03
C GLU A 250 -7.67 37.10 4.02
N THR A 251 -8.83 36.68 4.51
CA THR A 251 -9.90 36.18 3.66
C THR A 251 -10.41 37.19 2.62
N VAL A 252 -10.69 38.40 3.06
CA VAL A 252 -11.09 39.42 2.11
C VAL A 252 -9.97 39.74 1.12
N ALA A 253 -8.73 39.84 1.62
CA ALA A 253 -7.59 40.09 0.74
C ALA A 253 -7.42 39.04 -0.33
N LEU A 254 -7.54 37.76 0.05
CA LEU A 254 -7.39 36.66 -0.87
C LEU A 254 -8.48 36.64 -1.93
N ILE A 255 -9.75 36.77 -1.49
CA ILE A 255 -10.84 36.59 -2.44
C ILE A 255 -10.86 37.76 -3.44
N ALA A 256 -10.76 38.98 -2.93
CA ALA A 256 -10.75 40.16 -3.80
C ALA A 256 -9.49 40.21 -4.66
N GLY A 257 -8.34 39.79 -4.08
CA GLY A 257 -7.11 39.69 -4.85
C GLY A 257 -7.20 38.72 -5.98
N GLY A 258 -7.67 37.51 -5.70
CA GLY A 258 -7.79 36.50 -6.76
C GLY A 258 -8.72 37.00 -7.87
N HIS A 259 -9.88 37.48 -7.44
CA HIS A 259 -10.94 37.88 -8.38
C HIS A 259 -10.73 39.25 -8.97
N THR A 260 -9.54 39.79 -8.78
CA THR A 260 -9.03 40.88 -9.63
C THR A 260 -8.68 40.37 -11.03
N PHE A 261 -8.46 39.08 -11.16
CA PHE A 261 -7.94 38.52 -12.39
C PHE A 261 -8.90 37.51 -13.05
N GLY A 262 -8.85 37.46 -14.38
CA GLY A 262 -9.45 36.39 -15.13
C GLY A 262 -10.97 36.39 -15.14
N LYS A 263 -11.56 35.21 -15.27
CA LYS A 263 -12.99 35.04 -15.39
C LYS A 263 -13.38 33.60 -15.01
N THR A 264 -14.67 33.39 -14.82
CA THR A 264 -15.29 32.09 -14.67
C THR A 264 -15.75 31.59 -16.06
N HIS A 265 -16.19 30.35 -16.12
CA HIS A 265 -16.55 29.70 -17.40
C HIS A 265 -17.83 28.91 -17.25
N GLY A 266 -18.87 29.38 -17.96
CA GLY A 266 -20.20 28.77 -17.88
C GLY A 266 -21.02 29.04 -19.14
N ALA A 267 -20.42 28.83 -20.29
CA ALA A 267 -20.97 29.34 -21.56
C ALA A 267 -22.23 28.59 -22.02
N GLY A 268 -22.42 27.38 -21.51
CA GLY A 268 -23.58 26.53 -21.86
C GLY A 268 -23.88 25.57 -20.77
N PRO A 269 -24.87 24.69 -21.01
CA PRO A 269 -25.31 23.85 -19.92
C PRO A 269 -24.27 22.81 -19.48
N ALA A 270 -24.28 22.47 -18.21
CA ALA A 270 -23.25 21.61 -17.65
C ALA A 270 -23.40 20.20 -18.12
N SER A 271 -24.58 19.84 -18.60
CA SER A 271 -24.77 18.47 -19.12
C SER A 271 -23.87 18.22 -20.34
N ASN A 272 -23.36 19.27 -20.98
CA ASN A 272 -22.39 19.10 -22.06
C ASN A 272 -21.02 18.55 -21.59
N VAL A 273 -20.75 18.64 -20.29
CA VAL A 273 -19.41 18.29 -19.76
C VAL A 273 -19.35 16.81 -19.38
N GLY A 274 -18.38 16.11 -19.93
CA GLY A 274 -18.19 14.68 -19.64
C GLY A 274 -17.25 14.36 -18.48
N ALA A 275 -16.81 13.11 -18.46
CA ALA A 275 -16.16 12.49 -17.31
C ALA A 275 -14.95 13.29 -16.82
N GLU A 276 -14.88 13.39 -15.51
CA GLU A 276 -13.66 13.88 -14.81
C GLU A 276 -12.45 12.98 -15.16
N PRO A 277 -11.22 13.51 -14.97
CA PRO A 277 -10.06 12.76 -15.47
C PRO A 277 -9.96 11.30 -15.04
N GLU A 278 -10.20 10.97 -13.76
CA GLU A 278 -10.04 9.60 -13.30
C GLU A 278 -11.06 8.66 -13.92
N ALA A 279 -12.11 9.22 -14.49
CA ALA A 279 -13.19 8.38 -15.09
C ALA A 279 -13.15 8.40 -16.61
N ALA A 280 -12.29 9.22 -17.18
CA ALA A 280 -12.28 9.43 -18.60
C ALA A 280 -11.65 8.22 -19.31
N GLY A 281 -11.88 8.16 -20.61
CA GLY A 281 -11.24 7.12 -21.40
C GLY A 281 -9.72 7.27 -21.47
N ILE A 282 -9.09 6.14 -21.74
CA ILE A 282 -7.63 6.10 -21.82
C ILE A 282 -7.10 7.06 -22.91
N GLU A 283 -7.91 7.32 -23.94
CA GLU A 283 -7.44 8.17 -25.04
C GLU A 283 -7.35 9.64 -24.62
N ALA A 284 -8.02 10.02 -23.53
CA ALA A 284 -7.99 11.41 -23.06
C ALA A 284 -6.62 11.73 -22.44
N GLN A 285 -5.82 10.71 -22.21
CA GLN A 285 -4.44 10.90 -21.75
C GLN A 285 -4.31 11.83 -20.57
N GLY A 286 -5.13 11.55 -19.57
CA GLY A 286 -5.03 12.20 -18.29
C GLY A 286 -5.79 13.52 -18.16
N LEU A 287 -6.51 13.92 -19.20
CA LEU A 287 -7.35 15.09 -19.15
C LEU A 287 -8.81 14.64 -18.99
N GLY A 288 -9.65 15.57 -18.64
CA GLY A 288 -11.06 15.27 -18.43
C GLY A 288 -11.97 16.45 -18.73
N TRP A 289 -13.25 16.26 -18.35
CA TRP A 289 -14.25 17.31 -18.55
C TRP A 289 -14.38 17.74 -20.00
N LYS A 290 -14.28 16.77 -20.91
CA LYS A 290 -14.40 17.12 -22.31
C LYS A 290 -15.86 17.57 -22.56
N SER A 291 -16.00 18.69 -23.24
CA SER A 291 -17.31 19.33 -23.43
C SER A 291 -17.80 19.22 -24.87
N ALA A 292 -19.10 18.90 -24.98
CA ALA A 292 -19.79 18.81 -26.27
C ALA A 292 -20.35 20.18 -26.68
N TYR A 293 -20.17 21.20 -25.85
CA TYR A 293 -20.78 22.52 -26.14
C TYR A 293 -19.94 23.30 -27.13
N ARG A 294 -20.46 23.47 -28.36
CA ARG A 294 -19.76 24.21 -29.39
C ARG A 294 -18.31 23.74 -29.51
N THR A 295 -17.31 24.62 -29.45
CA THR A 295 -15.90 24.17 -29.59
C THR A 295 -15.37 23.44 -28.35
N GLY A 296 -16.09 23.51 -27.24
CA GLY A 296 -15.68 22.76 -26.01
C GLY A 296 -14.58 23.47 -25.19
N LYS A 297 -14.23 24.68 -25.59
CA LYS A 297 -13.04 25.40 -25.07
C LYS A 297 -13.13 26.89 -25.41
N GLY A 298 -12.19 27.67 -24.87
CA GLY A 298 -12.07 29.09 -25.17
C GLY A 298 -13.32 29.86 -24.88
N ALA A 299 -13.86 30.51 -25.91
CA ALA A 299 -15.10 31.26 -25.75
C ALA A 299 -16.27 30.40 -25.29
N ASP A 300 -16.23 29.09 -25.57
CA ASP A 300 -17.29 28.17 -25.24
C ASP A 300 -17.04 27.38 -23.96
N ALA A 301 -15.98 27.71 -23.22
CA ALA A 301 -15.62 26.87 -22.06
C ALA A 301 -16.67 26.83 -21.00
N ILE A 302 -16.80 25.66 -20.39
CA ILE A 302 -17.60 25.46 -19.20
C ILE A 302 -16.74 24.75 -18.12
N THR A 303 -16.61 25.42 -16.98
CA THR A 303 -15.85 24.92 -15.85
C THR A 303 -16.76 24.83 -14.63
N SER A 304 -17.13 25.97 -14.08
CA SER A 304 -17.99 26.00 -12.89
C SER A 304 -19.48 26.07 -13.28
N GLY A 305 -19.76 26.53 -14.49
CA GLY A 305 -21.14 26.85 -14.85
C GLY A 305 -21.55 28.29 -14.58
N LEU A 306 -20.66 29.07 -13.96
CA LEU A 306 -20.88 30.48 -13.80
C LEU A 306 -20.20 31.25 -14.92
N GLU A 307 -20.73 32.41 -15.22
CA GLU A 307 -20.20 33.25 -16.28
C GLU A 307 -20.04 34.71 -15.81
N VAL A 308 -18.91 34.97 -15.15
CA VAL A 308 -18.63 36.23 -14.47
C VAL A 308 -17.21 36.64 -14.83
N THR A 309 -17.03 37.91 -15.16
CA THR A 309 -15.71 38.51 -15.32
C THR A 309 -15.72 39.75 -14.45
N TRP A 310 -14.79 39.85 -13.50
CA TRP A 310 -14.88 40.83 -12.43
C TRP A 310 -14.43 42.22 -12.76
N THR A 311 -13.36 42.36 -13.55
CA THR A 311 -12.77 43.67 -13.75
C THR A 311 -12.65 44.09 -15.19
N THR A 312 -12.41 45.39 -15.38
CA THR A 312 -12.24 45.94 -16.73
C THR A 312 -10.89 45.60 -17.34
N THR A 313 -9.97 45.08 -16.55
CA THR A 313 -8.68 44.67 -17.05
C THR A 313 -8.28 43.33 -16.43
N PRO A 314 -8.84 42.24 -16.95
CA PRO A 314 -8.68 40.97 -16.23
C PRO A 314 -7.26 40.42 -16.29
N THR A 315 -6.35 41.05 -17.04
CA THR A 315 -4.97 40.60 -17.15
C THR A 315 -3.99 41.60 -16.54
N GLN A 316 -4.49 42.48 -15.70
CA GLN A 316 -3.64 43.47 -15.04
C GLN A 316 -4.13 43.71 -13.61
N TRP A 317 -3.19 43.74 -12.68
CA TRP A 317 -3.52 44.13 -11.30
C TRP A 317 -4.15 45.55 -11.31
N SER A 318 -5.17 45.72 -10.49
CA SER A 318 -5.96 46.97 -10.39
C SER A 318 -6.61 47.02 -9.03
N HIS A 319 -7.37 48.08 -8.74
CA HIS A 319 -8.30 48.04 -7.65
C HIS A 319 -9.75 48.18 -8.16
N ASN A 320 -10.00 47.54 -9.31
CA ASN A 320 -11.30 47.62 -9.97
C ASN A 320 -12.29 46.58 -9.41
N PHE A 321 -11.81 45.55 -8.70
CA PHE A 321 -12.78 44.67 -8.03
C PHE A 321 -13.61 45.44 -7.01
N PHE A 322 -12.94 46.17 -6.12
CA PHE A 322 -13.66 46.92 -5.11
C PHE A 322 -14.38 48.12 -5.71
N GLU A 323 -13.81 48.71 -6.75
CA GLU A 323 -14.51 49.84 -7.43
C GLU A 323 -15.85 49.36 -7.92
N ASN A 324 -15.89 48.19 -8.57
CA ASN A 324 -17.14 47.62 -9.02
C ASN A 324 -18.02 47.15 -7.87
N LEU A 325 -17.45 46.46 -6.86
CA LEU A 325 -18.27 45.92 -5.82
C LEU A 325 -19.09 47.03 -5.15
N PHE A 326 -18.45 48.15 -4.91
CA PHE A 326 -19.06 49.26 -4.16
C PHE A 326 -19.73 50.29 -5.07
N GLY A 327 -19.33 50.36 -6.32
CA GLY A 327 -19.83 51.40 -7.25
C GLY A 327 -21.14 51.02 -7.94
N TYR A 328 -21.56 49.78 -7.83
CA TYR A 328 -22.86 49.34 -8.38
C TYR A 328 -23.76 48.69 -7.37
N GLU A 329 -25.08 48.62 -7.67
CA GLU A 329 -25.97 47.70 -7.03
C GLU A 329 -26.16 46.46 -7.88
N TRP A 330 -26.52 45.37 -7.25
CA TRP A 330 -26.39 44.05 -7.86
C TRP A 330 -27.74 43.32 -7.97
N GLU A 331 -27.97 42.73 -9.12
CA GLU A 331 -29.23 42.02 -9.43
C GLU A 331 -28.97 40.55 -9.69
N LEU A 332 -29.80 39.71 -9.08
CA LEU A 332 -29.72 38.28 -9.22
C LEU A 332 -30.12 37.84 -10.58
N THR A 333 -29.29 36.98 -11.16
CA THR A 333 -29.45 36.55 -12.54
C THR A 333 -28.95 35.12 -12.66
N LYS A 334 -29.00 34.58 -13.87
CA LYS A 334 -28.60 33.22 -14.10
C LYS A 334 -27.59 33.19 -15.22
N SER A 335 -26.60 32.32 -15.10
CA SER A 335 -25.67 32.11 -16.17
C SER A 335 -26.34 31.30 -17.27
N PRO A 336 -25.66 31.13 -18.40
CA PRO A 336 -26.16 30.26 -19.46
C PRO A 336 -26.27 28.81 -19.07
N ALA A 337 -25.61 28.42 -17.97
CA ALA A 337 -25.78 27.09 -17.45
C ALA A 337 -26.84 27.00 -16.40
N GLY A 338 -27.44 28.12 -16.05
CA GLY A 338 -28.49 28.13 -15.04
C GLY A 338 -28.04 28.34 -13.61
N ALA A 339 -26.79 28.74 -13.39
CA ALA A 339 -26.31 29.00 -12.06
C ALA A 339 -26.62 30.42 -11.61
N HIS A 340 -26.84 30.58 -10.31
CA HIS A 340 -27.12 31.92 -9.75
C HIS A 340 -25.84 32.75 -9.76
N GLN A 341 -25.95 33.98 -10.21
CA GLN A 341 -24.89 34.97 -10.18
C GLN A 341 -25.49 36.35 -10.27
N TRP A 342 -24.67 37.40 -10.29
CA TRP A 342 -25.17 38.76 -10.12
C TRP A 342 -24.64 39.67 -11.18
N VAL A 343 -25.47 40.65 -11.58
CA VAL A 343 -25.08 41.58 -12.60
C VAL A 343 -25.32 43.01 -12.09
N ALA A 344 -24.52 43.94 -12.58
CA ALA A 344 -24.57 45.32 -12.12
C ALA A 344 -25.78 46.02 -12.76
N LYS A 345 -26.62 46.52 -11.89
CA LYS A 345 -27.82 47.27 -12.33
C LYS A 345 -27.39 48.58 -12.98
N GLY A 346 -27.99 48.83 -14.15
CA GLY A 346 -27.82 50.08 -14.89
C GLY A 346 -26.45 50.29 -15.49
N ALA A 347 -25.61 49.27 -15.53
CA ALA A 347 -24.24 49.53 -15.90
C ALA A 347 -24.14 49.52 -17.42
N ASP A 348 -23.16 50.25 -17.88
CA ASP A 348 -22.64 50.12 -19.23
C ASP A 348 -21.84 48.83 -19.43
N ALA A 349 -21.65 48.48 -20.69
CA ALA A 349 -20.80 47.37 -21.07
C ALA A 349 -19.33 47.81 -21.06
N VAL A 350 -18.66 47.60 -19.93
CA VAL A 350 -17.30 48.11 -19.78
C VAL A 350 -16.26 46.95 -19.58
N ILE A 351 -16.74 45.72 -19.45
CA ILE A 351 -15.86 44.56 -19.18
C ILE A 351 -15.50 43.94 -20.54
N PRO A 352 -14.22 43.75 -20.82
CA PRO A 352 -13.91 43.18 -22.12
C PRO A 352 -14.31 41.69 -22.24
N ASP A 353 -14.55 41.27 -23.48
CA ASP A 353 -14.83 39.89 -23.78
C ASP A 353 -13.49 39.16 -23.90
N ALA A 354 -13.47 37.86 -23.60
CA ALA A 354 -12.22 37.11 -23.55
C ALA A 354 -11.69 36.78 -24.93
N PHE A 355 -12.57 36.80 -25.97
CA PHE A 355 -12.11 36.46 -27.33
C PHE A 355 -12.51 37.42 -28.47
N ASP A 356 -13.55 38.20 -28.25
CA ASP A 356 -14.12 39.02 -29.37
C ASP A 356 -13.90 40.46 -29.01
N PRO A 357 -12.93 41.12 -29.64
CA PRO A 357 -12.63 42.50 -29.29
C PRO A 357 -13.75 43.50 -29.66
N SER A 358 -14.83 43.05 -30.27
CA SER A 358 -15.94 43.97 -30.60
C SER A 358 -17.03 43.87 -29.53
N LYS A 359 -16.85 43.02 -28.51
CA LYS A 359 -17.88 42.77 -27.51
C LYS A 359 -17.42 43.21 -26.12
N LYS A 360 -18.35 43.74 -25.36
CA LYS A 360 -18.10 44.13 -23.98
C LYS A 360 -19.30 43.72 -23.16
N HIS A 361 -19.10 43.67 -21.84
CA HIS A 361 -20.12 43.12 -20.95
C HIS A 361 -20.29 43.99 -19.75
N ARG A 362 -21.44 43.83 -19.08
CA ARG A 362 -21.68 44.54 -17.84
C ARG A 362 -20.83 43.82 -16.74
N PRO A 363 -20.46 44.55 -15.70
CA PRO A 363 -19.88 43.92 -14.50
C PRO A 363 -20.75 42.89 -13.85
N THR A 364 -20.13 41.80 -13.41
CA THR A 364 -20.84 40.72 -12.76
C THR A 364 -20.07 40.33 -11.49
N MET A 365 -20.72 39.59 -10.61
CA MET A 365 -20.19 39.13 -9.34
C MET A 365 -20.80 37.78 -8.96
N LEU A 366 -20.06 36.98 -8.18
CA LEU A 366 -20.61 35.82 -7.50
C LEU A 366 -21.30 36.24 -6.22
N THR A 367 -22.23 35.40 -5.77
CA THR A 367 -22.82 35.56 -4.44
C THR A 367 -21.74 35.79 -3.38
N THR A 368 -20.68 34.96 -3.44
CA THR A 368 -19.62 34.98 -2.45
C THR A 368 -18.71 36.22 -2.55
N ASP A 369 -18.67 36.85 -3.72
CA ASP A 369 -18.05 38.15 -3.85
C ASP A 369 -18.86 39.19 -3.15
N LEU A 370 -20.18 39.13 -3.31
CA LEU A 370 -21.02 40.12 -2.63
C LEU A 370 -20.98 39.97 -1.10
N SER A 371 -20.64 38.75 -0.59
CA SER A 371 -20.42 38.56 0.83
C SER A 371 -19.45 39.61 1.38
N LEU A 372 -18.50 40.02 0.54
CA LEU A 372 -17.44 40.92 1.04
C LEU A 372 -17.97 42.34 1.31
N ARG A 373 -19.11 42.67 0.69
CA ARG A 373 -19.78 43.94 0.95
C ARG A 373 -20.94 43.82 1.95
N PHE A 374 -21.65 42.73 1.93
CA PHE A 374 -22.89 42.62 2.72
C PHE A 374 -22.78 41.95 4.11
N ASP A 375 -21.65 41.33 4.41
CA ASP A 375 -21.38 40.91 5.76
C ASP A 375 -20.77 42.11 6.46
N PRO A 376 -21.26 42.47 7.66
CA PRO A 376 -20.83 43.76 8.19
C PRO A 376 -19.36 43.80 8.56
N ALA A 377 -18.80 42.69 9.03
CA ALA A 377 -17.39 42.73 9.37
C ALA A 377 -16.51 42.77 8.10
N TYR A 378 -16.87 41.96 7.11
CA TYR A 378 -16.16 42.05 5.81
C TYR A 378 -16.25 43.43 5.20
N GLU A 379 -17.41 44.04 5.28
CA GLU A 379 -17.60 45.33 4.67
C GLU A 379 -16.62 46.38 5.15
N LYS A 380 -16.29 46.35 6.43
CA LYS A 380 -15.37 47.35 6.98
C LYS A 380 -13.98 47.18 6.43
N ILE A 381 -13.59 45.91 6.26
CA ILE A 381 -12.26 45.59 5.67
C ILE A 381 -12.23 45.94 4.17
N SER A 382 -13.26 45.50 3.47
CA SER A 382 -13.39 45.79 2.08
C SER A 382 -13.38 47.27 1.82
N ARG A 383 -14.09 48.05 2.64
CA ARG A 383 -14.08 49.49 2.43
C ARG A 383 -12.69 50.10 2.67
N ARG A 384 -11.98 49.61 3.67
CA ARG A 384 -10.62 50.12 3.93
C ARG A 384 -9.69 49.78 2.73
N PHE A 385 -9.82 48.56 2.19
CA PHE A 385 -9.07 48.15 1.03
C PHE A 385 -9.43 48.94 -0.21
N HIS A 386 -10.73 49.24 -0.39
CA HIS A 386 -11.20 50.08 -1.48
C HIS A 386 -10.59 51.51 -1.42
N GLU A 387 -10.60 52.11 -0.23
CA GLU A 387 -10.12 53.45 -0.08
C GLU A 387 -8.59 53.51 -0.08
N ASN A 388 -7.98 52.38 0.28
CA ASN A 388 -6.52 52.33 0.44
C ASN A 388 -5.93 51.12 -0.29
N PRO A 389 -5.88 51.16 -1.63
CA PRO A 389 -5.51 49.93 -2.34
C PRO A 389 -4.10 49.48 -2.05
N GLU A 390 -3.25 50.38 -1.57
CA GLU A 390 -1.90 49.94 -1.15
C GLU A 390 -1.98 48.99 0.06
N GLN A 391 -2.93 49.21 0.92
CA GLN A 391 -3.16 48.30 2.05
C GLN A 391 -3.66 46.93 1.56
N PHE A 392 -4.53 46.97 0.58
CA PHE A 392 -5.06 45.78 -0.09
C PHE A 392 -3.90 44.97 -0.72
N ALA A 393 -3.03 45.62 -1.45
CA ALA A 393 -1.96 44.94 -2.13
C ALA A 393 -1.06 44.26 -1.10
N ASP A 394 -0.72 44.96 -0.03
CA ASP A 394 0.19 44.37 0.94
C ASP A 394 -0.45 43.20 1.65
N ALA A 395 -1.71 43.33 2.04
CA ALA A 395 -2.42 42.22 2.69
C ALA A 395 -2.56 41.02 1.80
N PHE A 396 -2.88 41.25 0.52
CA PHE A 396 -2.97 40.16 -0.42
C PHE A 396 -1.63 39.50 -0.63
N ALA A 397 -0.54 40.27 -0.73
CA ALA A 397 0.76 39.63 -0.95
C ALA A 397 1.10 38.72 0.25
N ARG A 398 0.89 39.24 1.43
CA ARG A 398 1.20 38.51 2.64
C ARG A 398 0.37 37.24 2.75
N ALA A 399 -0.94 37.38 2.48
CA ALA A 399 -1.84 36.26 2.56
C ALA A 399 -1.59 35.24 1.51
N TRP A 400 -1.22 35.67 0.31
CA TRP A 400 -0.88 34.73 -0.77
C TRP A 400 0.41 33.91 -0.43
N PHE A 401 1.37 34.59 0.16
CA PHE A 401 2.56 33.86 0.65
C PHE A 401 2.16 32.82 1.73
N LYS A 402 1.40 33.23 2.74
CA LYS A 402 0.96 32.36 3.81
C LYS A 402 0.18 31.15 3.26
N LEU A 403 -0.81 31.44 2.42
CA LEU A 403 -1.60 30.42 1.75
C LEU A 403 -0.72 29.36 1.14
N THR A 404 0.23 29.81 0.30
CA THR A 404 1.01 28.93 -0.52
C THR A 404 2.21 28.28 0.19
N HIS A 405 2.50 28.72 1.42
CA HIS A 405 3.62 28.20 2.21
C HIS A 405 3.19 27.58 3.56
N ARG A 406 1.88 27.54 3.85
CA ARG A 406 1.46 27.31 5.22
CA ARG A 406 1.39 27.26 5.19
C ARG A 406 1.82 25.89 5.70
N ASP A 407 1.96 24.96 4.76
CA ASP A 407 2.33 23.58 5.03
C ASP A 407 3.76 23.21 4.79
N MET A 408 4.62 24.18 4.65
CA MET A 408 6.05 23.91 4.34
C MET A 408 6.92 23.59 5.56
N GLY A 409 6.45 23.91 6.73
CA GLY A 409 7.18 23.63 7.95
C GLY A 409 8.14 24.71 8.35
N PRO A 410 9.15 24.33 9.08
CA PRO A 410 10.09 25.31 9.61
C PRO A 410 10.79 26.08 8.47
N ARG A 411 11.13 27.36 8.71
CA ARG A 411 11.85 28.20 7.70
C ARG A 411 13.15 27.57 7.22
N ALA A 412 13.74 26.69 8.00
CA ALA A 412 14.90 25.95 7.54
C ALA A 412 14.68 25.10 6.29
N ARG A 413 13.43 24.75 5.97
CA ARG A 413 13.13 24.02 4.76
C ARG A 413 13.05 24.90 3.50
N TYR A 414 12.95 26.23 3.69
CA TYR A 414 12.74 27.15 2.58
C TYR A 414 13.99 27.33 1.76
N LEU A 415 13.90 27.08 0.47
CA LEU A 415 15.03 27.14 -0.42
C LEU A 415 14.95 28.28 -1.44
N GLY A 416 16.12 28.69 -1.93
CA GLY A 416 16.22 29.53 -3.09
C GLY A 416 16.42 31.00 -2.77
N PRO A 417 16.53 31.80 -3.79
CA PRO A 417 16.92 33.22 -3.70
C PRO A 417 15.78 34.19 -3.43
N GLU A 418 14.54 33.73 -3.35
CA GLU A 418 13.38 34.62 -3.14
C GLU A 418 12.64 34.42 -1.80
N VAL A 419 13.29 33.76 -0.86
CA VAL A 419 12.69 33.58 0.46
C VAL A 419 12.59 34.90 1.17
N PRO A 420 11.41 35.25 1.70
CA PRO A 420 11.29 36.51 2.38
C PRO A 420 12.09 36.49 3.67
N ALA A 421 12.83 37.56 3.93
CA ALA A 421 13.64 37.69 5.16
C ALA A 421 12.78 37.92 6.40
N GLU A 422 11.61 38.54 6.21
CA GLU A 422 10.74 38.83 7.37
C GLU A 422 10.27 37.51 8.00
N VAL A 423 10.36 37.43 9.32
CA VAL A 423 9.89 36.24 10.03
C VAL A 423 8.50 36.47 10.49
N LEU A 424 7.60 35.56 10.15
CA LEU A 424 6.19 35.74 10.38
C LEU A 424 5.74 34.88 11.54
N LEU A 425 4.81 35.40 12.32
CA LEU A 425 4.36 34.73 13.53
C LEU A 425 3.76 33.37 13.21
N TRP A 426 3.09 33.28 12.06
CA TRP A 426 2.41 32.03 11.72
C TRP A 426 3.38 30.87 11.48
N GLN A 427 4.65 31.18 11.17
CA GLN A 427 5.71 30.20 10.95
C GLN A 427 6.21 29.46 12.23
N ASP A 428 5.63 29.80 13.38
CA ASP A 428 6.09 29.26 14.67
C ASP A 428 7.63 29.38 14.78
N PRO A 429 8.14 30.58 14.62
CA PRO A 429 9.55 30.75 14.39
C PRO A 429 10.42 30.29 15.59
N ILE A 430 11.61 29.85 15.24
CA ILE A 430 12.64 29.40 16.18
C ILE A 430 13.83 30.31 16.06
N PRO A 431 14.28 30.90 17.16
CA PRO A 431 15.43 31.81 17.01
C PRO A 431 16.70 31.11 16.53
N ALA A 432 17.59 31.87 15.90
CA ALA A 432 18.87 31.39 15.50
C ALA A 432 19.72 31.01 16.72
N VAL A 433 20.57 30.03 16.53
CA VAL A 433 21.53 29.70 17.54
C VAL A 433 22.82 30.44 17.25
N ASP A 434 23.32 31.13 18.25
CA ASP A 434 24.46 32.03 18.06
C ASP A 434 25.65 31.68 18.97
N HIS A 435 25.75 30.41 19.40
CA HIS A 435 26.75 30.00 20.40
C HIS A 435 27.16 28.54 20.17
N PRO A 436 28.29 28.14 20.73
CA PRO A 436 28.73 26.73 20.53
C PRO A 436 27.75 25.77 21.20
N LEU A 437 27.58 24.59 20.61
CA LEU A 437 26.71 23.56 21.16
C LEU A 437 27.44 22.64 22.07
N ILE A 438 26.67 21.99 22.95
CA ILE A 438 27.24 20.95 23.79
C ILE A 438 27.76 19.77 22.97
N ASP A 439 28.84 19.19 23.48
CA ASP A 439 29.43 18.01 22.84
C ASP A 439 29.08 16.71 23.53
N ALA A 440 29.66 15.58 23.09
CA ALA A 440 29.21 14.30 23.59
C ALA A 440 29.47 14.21 25.10
N ALA A 441 30.61 14.69 25.54
CA ALA A 441 30.95 14.68 26.95
C ALA A 441 30.00 15.53 27.80
N ASP A 442 29.62 16.68 27.27
CA ASP A 442 28.65 17.59 27.92
C ASP A 442 27.30 16.86 28.05
N ALA A 443 26.90 16.19 26.97
CA ALA A 443 25.65 15.44 26.96
C ALA A 443 25.65 14.35 28.04
N ALA A 444 26.77 13.62 28.15
CA ALA A 444 26.89 12.60 29.19
C ALA A 444 26.82 13.21 30.60
N GLU A 445 27.44 14.36 30.78
CA GLU A 445 27.41 15.07 32.07
C GLU A 445 26.00 15.47 32.42
N LEU A 446 25.29 16.06 31.44
CA LEU A 446 23.91 16.48 31.65
C LEU A 446 22.98 15.33 31.94
N LYS A 447 23.14 14.20 31.22
CA LYS A 447 22.27 13.02 31.49
C LYS A 447 22.49 12.55 32.94
N ALA A 448 23.74 12.59 33.40
CA ALA A 448 24.01 12.07 34.76
C ALA A 448 23.40 13.04 35.80
N LYS A 449 23.49 14.35 35.55
CA LYS A 449 22.88 15.35 36.43
C LYS A 449 21.36 15.21 36.48
N VAL A 450 20.75 14.97 35.31
CA VAL A 450 19.32 14.78 35.25
C VAL A 450 18.91 13.56 36.13
N LEU A 451 19.61 12.46 35.99
CA LEU A 451 19.27 11.22 36.69
C LEU A 451 19.53 11.41 38.22
N ALA A 452 20.51 12.22 38.56
CA ALA A 452 20.84 12.47 39.97
C ALA A 452 19.88 13.42 40.65
N SER A 453 19.06 14.14 39.88
CA SER A 453 18.14 15.11 40.43
C SER A 453 16.99 14.43 41.16
N GLY A 454 16.75 13.16 40.87
CA GLY A 454 15.58 12.46 41.39
C GLY A 454 14.38 12.40 40.45
N LEU A 455 14.47 13.05 39.29
CA LEU A 455 13.43 12.85 38.27
C LEU A 455 13.38 11.38 37.85
N THR A 456 12.19 10.85 37.73
CA THR A 456 12.01 9.45 37.45
C THR A 456 12.01 9.18 35.94
N VAL A 457 12.20 7.92 35.62
CA VAL A 457 12.07 7.46 34.23
C VAL A 457 10.73 7.91 33.66
N SER A 458 9.65 7.66 34.39
CA SER A 458 8.34 8.08 33.92
C SER A 458 8.22 9.58 33.68
N GLN A 459 8.71 10.40 34.62
CA GLN A 459 8.74 11.83 34.39
C GLN A 459 9.51 12.29 33.14
N LEU A 460 10.66 11.73 32.96
CA LEU A 460 11.58 12.15 31.93
C LEU A 460 11.00 11.73 30.55
N VAL A 461 10.56 10.48 30.46
CA VAL A 461 10.00 9.96 29.21
C VAL A 461 8.70 10.67 28.86
N SER A 462 7.83 10.85 29.85
CA SER A 462 6.56 11.49 29.59
C SER A 462 6.77 12.94 29.10
N THR A 463 7.70 13.66 29.71
CA THR A 463 7.93 15.08 29.39
C THR A 463 8.49 15.21 27.94
N ALA A 464 9.47 14.37 27.61
CA ALA A 464 10.07 14.47 26.27
C ALA A 464 9.05 14.03 25.23
N TRP A 465 8.27 13.02 25.55
CA TRP A 465 7.21 12.57 24.64
C TRP A 465 6.20 13.68 24.38
N ALA A 466 5.79 14.34 25.45
CA ALA A 466 4.86 15.48 25.33
C ALA A 466 5.41 16.57 24.44
N ALA A 467 6.70 16.86 24.58
CA ALA A 467 7.33 17.94 23.83
C ALA A 467 7.44 17.60 22.34
N ALA A 468 7.87 16.37 22.04
CA ALA A 468 8.27 16.00 20.69
C ALA A 468 7.07 15.55 19.85
N SER A 469 6.05 15.00 20.47
CA SER A 469 5.02 14.27 19.74
C SER A 469 3.88 15.18 19.27
N THR A 470 4.04 16.51 19.39
CA THR A 470 3.15 17.45 18.73
C THR A 470 3.44 17.56 17.21
N PHE A 471 4.58 17.05 16.76
CA PHE A 471 4.90 17.08 15.32
C PHE A 471 3.85 16.40 14.51
N ARG A 472 3.58 16.97 13.35
CA ARG A 472 2.76 16.25 12.37
C ARG A 472 3.34 16.49 10.99
N GLY A 473 3.51 15.41 10.23
CA GLY A 473 4.23 15.50 8.96
C GLY A 473 3.37 16.07 7.83
N SER A 474 2.09 16.18 8.10
CA SER A 474 1.12 16.68 7.15
C SER A 474 1.43 18.19 6.77
N ASP A 475 1.68 19.01 7.79
CA ASP A 475 2.16 20.39 7.54
C ASP A 475 3.48 20.76 8.24
N LYS A 476 4.13 19.76 8.81
CA LYS A 476 5.43 19.88 9.41
C LYS A 476 5.48 20.93 10.54
N ARG A 477 4.33 21.15 11.19
CA ARG A 477 4.25 21.92 12.44
C ARG A 477 4.52 21.02 13.65
N GLY A 478 4.83 21.65 14.78
CA GLY A 478 5.03 20.92 16.02
C GLY A 478 6.42 20.33 16.18
N GLY A 479 6.60 19.60 17.26
CA GLY A 479 7.88 19.07 17.65
C GLY A 479 8.52 19.75 18.84
N ALA A 480 9.64 19.19 19.26
CA ALA A 480 10.30 19.67 20.49
C ALA A 480 11.13 20.93 20.30
N ASN A 481 11.52 21.25 19.06
CA ASN A 481 12.26 22.46 18.84
C ASN A 481 11.42 23.67 19.29
N GLY A 482 12.06 24.66 19.92
CA GLY A 482 11.31 25.79 20.46
C GLY A 482 11.03 25.77 21.94
N ALA A 483 11.02 24.57 22.54
CA ALA A 483 10.59 24.37 23.94
C ALA A 483 9.26 25.08 24.19
N ARG A 484 8.34 24.93 23.26
CA ARG A 484 7.05 25.55 23.46
C ARG A 484 6.18 24.81 24.45
N ILE A 485 6.62 23.65 24.92
CA ILE A 485 5.91 22.96 25.98
C ILE A 485 5.91 23.77 27.27
N ARG A 486 6.84 24.70 27.40
CA ARG A 486 6.90 25.53 28.64
C ARG A 486 6.04 26.78 28.54
N LEU A 487 5.46 27.02 27.37
CA LEU A 487 4.70 28.23 27.08
C LEU A 487 3.22 27.96 27.02
N ALA A 488 2.41 29.01 27.01
CA ALA A 488 0.99 28.86 26.67
C ALA A 488 0.87 28.55 25.18
N PRO A 489 -0.06 27.69 24.75
CA PRO A 489 -0.97 26.93 25.58
C PRO A 489 -0.51 25.52 25.94
N GLN A 490 0.63 25.09 25.39
CA GLN A 490 1.05 23.68 25.61
C GLN A 490 1.18 23.32 27.08
N LYS A 491 1.67 24.26 27.90
CA LYS A 491 1.96 23.96 29.28
C LYS A 491 0.72 23.61 30.07
N ASP A 492 -0.44 24.00 29.53
CA ASP A 492 -1.73 23.74 30.20
C ASP A 492 -2.65 22.73 29.54
N TRP A 493 -2.18 22.10 28.49
CA TRP A 493 -2.96 21.01 27.87
C TRP A 493 -3.11 19.86 28.83
N GLU A 494 -4.33 19.34 28.92
CA GLU A 494 -4.60 18.22 29.79
C GLU A 494 -3.68 17.00 29.58
N ALA A 495 -3.45 16.64 28.33
CA ALA A 495 -2.60 15.49 28.02
C ALA A 495 -1.19 15.65 28.55
N ASN A 496 -0.74 16.88 28.72
CA ASN A 496 0.58 17.20 29.15
C ASN A 496 0.71 17.22 30.70
N GLN A 497 -0.39 17.03 31.41
CA GLN A 497 -0.37 16.87 32.88
C GLN A 497 0.25 18.12 33.54
N PRO A 498 -0.46 19.24 33.48
CA PRO A 498 0.20 20.51 33.73
C PRO A 498 0.97 20.65 35.03
N GLU A 499 0.41 20.18 36.14
CA GLU A 499 1.15 20.24 37.43
C GLU A 499 2.40 19.39 37.46
N GLN A 500 2.32 18.18 36.94
CA GLN A 500 3.51 17.34 36.88
C GLN A 500 4.57 17.97 35.96
N LEU A 501 4.11 18.45 34.83
CA LEU A 501 5.00 19.08 33.86
C LEU A 501 5.72 20.25 34.47
N ALA A 502 4.99 21.14 35.15
CA ALA A 502 5.58 22.29 35.81
C ALA A 502 6.72 21.92 36.75
N ALA A 503 6.55 20.84 37.51
CA ALA A 503 7.57 20.38 38.42
C ALA A 503 8.83 19.86 37.70
N VAL A 504 8.63 19.13 36.62
CA VAL A 504 9.75 18.62 35.84
C VAL A 504 10.53 19.78 35.21
N LEU A 505 9.80 20.70 34.59
CA LEU A 505 10.45 21.83 33.94
C LEU A 505 11.24 22.72 34.93
N GLU A 506 10.72 22.88 36.13
CA GLU A 506 11.45 23.65 37.13
C GLU A 506 12.80 23.01 37.47
N THR A 507 12.81 21.68 37.61
CA THR A 507 13.99 20.95 37.92
C THR A 507 14.95 21.03 36.76
N LEU A 508 14.45 20.79 35.53
CA LEU A 508 15.35 20.88 34.39
C LEU A 508 15.93 22.30 34.20
N GLU A 509 15.12 23.34 34.44
CA GLU A 509 15.60 24.71 34.26
C GLU A 509 16.72 24.99 35.29
N ALA A 510 16.63 24.38 36.47
CA ALA A 510 17.69 24.62 37.47
C ALA A 510 19.01 23.97 37.04
N ILE A 511 18.89 22.76 36.48
CA ILE A 511 20.05 22.04 35.92
C ILE A 511 20.65 22.85 34.80
N ARG A 512 19.79 23.40 33.94
CA ARG A 512 20.27 24.18 32.84
C ARG A 512 21.06 25.44 33.30
N THR A 513 20.46 26.15 34.25
CA THR A 513 21.04 27.36 34.78
C THR A 513 22.40 27.08 35.38
N ALA A 514 22.50 26.00 36.13
CA ALA A 514 23.78 25.63 36.73
C ALA A 514 24.82 25.21 35.68
N PHE A 515 24.41 24.40 34.69
CA PHE A 515 25.33 24.06 33.63
C PHE A 515 25.79 25.26 32.83
N ASN A 516 24.88 26.11 32.39
CA ASN A 516 25.22 27.27 31.55
C ASN A 516 26.08 28.29 32.35
N GLY A 517 25.83 28.40 33.62
CA GLY A 517 26.61 29.35 34.46
C GLY A 517 28.05 28.90 34.63
N ALA A 518 28.33 27.62 34.47
CA ALA A 518 29.70 27.12 34.68
C ALA A 518 30.49 27.15 33.42
N GLN A 519 29.85 27.42 32.29
CA GLN A 519 30.57 27.37 31.04
C GLN A 519 31.42 28.60 30.84
N ARG A 520 32.51 28.42 30.10
CA ARG A 520 33.07 29.54 29.40
C ARG A 520 32.95 29.41 27.90
N GLY A 521 33.19 30.54 27.26
CA GLY A 521 33.35 30.56 25.83
C GLY A 521 32.02 30.66 25.12
N GLY A 522 30.98 30.95 25.88
CA GLY A 522 29.69 31.14 25.26
C GLY A 522 28.91 29.82 25.05
N LYS A 523 29.48 28.67 25.38
CA LYS A 523 28.70 27.41 25.24
C LYS A 523 27.50 27.43 26.17
N GLN A 524 26.33 27.03 25.66
CA GLN A 524 25.14 26.97 26.51
C GLN A 524 24.29 25.85 25.93
N VAL A 525 23.37 25.35 26.75
CA VAL A 525 22.36 24.40 26.30
C VAL A 525 20.97 25.03 26.42
N SER A 526 20.19 24.92 25.37
CA SER A 526 18.81 25.36 25.40
C SER A 526 17.93 24.45 26.25
N LEU A 527 16.79 24.95 26.71
CA LEU A 527 15.86 24.11 27.40
C LEU A 527 15.24 23.08 26.44
N ALA A 528 15.08 23.48 25.18
CA ALA A 528 14.52 22.55 24.19
C ALA A 528 15.39 21.34 24.03
N ASP A 529 16.71 21.54 23.93
CA ASP A 529 17.63 20.43 23.91
C ASP A 529 17.65 19.64 25.23
N LEU A 530 17.61 20.31 26.37
CA LEU A 530 17.71 19.58 27.61
C LEU A 530 16.47 18.74 27.90
N ILE A 531 15.30 19.19 27.49
CA ILE A 531 14.12 18.37 27.61
C ILE A 531 14.27 17.06 26.84
N VAL A 532 14.74 17.15 25.61
CA VAL A 532 14.95 15.95 24.81
C VAL A 532 16.06 15.06 25.40
N LEU A 533 17.19 15.68 25.77
CA LEU A 533 18.29 14.96 26.38
C LEU A 533 17.89 14.24 27.65
N ALA A 534 17.06 14.90 28.44
CA ALA A 534 16.57 14.32 29.69
C ALA A 534 15.69 13.09 29.43
N GLY A 535 14.86 13.16 28.39
CA GLY A 535 14.13 11.98 27.93
C GLY A 535 15.02 10.85 27.52
N CYS A 536 16.08 11.16 26.78
CA CYS A 536 17.10 10.19 26.42
C CYS A 536 17.74 9.51 27.67
N ALA A 537 18.01 10.32 28.69
CA ALA A 537 18.52 9.79 29.95
C ALA A 537 17.50 8.82 30.57
N GLY A 538 16.23 9.20 30.54
CA GLY A 538 15.20 8.33 31.05
C GLY A 538 15.14 6.99 30.34
N VAL A 539 15.24 6.99 29.00
CA VAL A 539 15.19 5.76 28.24
C VAL A 539 16.45 4.93 28.58
N GLU A 540 17.61 5.58 28.69
CA GLU A 540 18.88 4.84 29.05
C GLU A 540 18.74 4.19 30.42
N GLN A 541 18.21 4.94 31.38
CA GLN A 541 18.04 4.42 32.71
C GLN A 541 17.02 3.26 32.74
N ALA A 542 15.96 3.35 31.95
CA ALA A 542 15.00 2.25 31.83
C ALA A 542 15.66 1.01 31.29
N ALA A 543 16.55 1.18 30.31
CA ALA A 543 17.25 0.05 29.76
C ALA A 543 18.19 -0.54 30.82
N LYS A 544 18.81 0.31 31.59
CA LYS A 544 19.67 -0.18 32.67
C LYS A 544 18.89 -0.88 33.76
N ASN A 545 17.72 -0.37 34.09
CA ASN A 545 16.80 -1.07 35.00
C ASN A 545 16.48 -2.47 34.54
N ALA A 546 16.51 -2.70 33.23
CA ALA A 546 16.14 -4.01 32.67
C ALA A 546 17.36 -4.90 32.56
N GLY A 547 18.53 -4.37 32.92
CA GLY A 547 19.76 -5.11 32.85
C GLY A 547 20.50 -4.88 31.56
N HIS A 548 20.27 -3.74 30.87
CA HIS A 548 20.88 -3.45 29.57
C HIS A 548 21.50 -2.05 29.39
N ALA A 549 22.76 -2.01 28.98
CA ALA A 549 23.47 -0.75 28.81
C ALA A 549 23.26 -0.30 27.37
N VAL A 550 22.60 0.85 27.19
CA VAL A 550 22.47 1.39 25.85
C VAL A 550 22.67 2.87 25.89
N THR A 551 23.15 3.40 24.80
CA THR A 551 23.27 4.79 24.60
C THR A 551 22.15 5.24 23.59
N VAL A 552 21.36 6.24 23.97
CA VAL A 552 20.36 6.75 23.08
C VAL A 552 20.93 7.96 22.35
N PRO A 553 20.93 7.93 21.00
CA PRO A 553 21.44 9.08 20.27
C PRO A 553 20.77 10.42 20.65
N PHE A 554 21.54 11.50 20.53
CA PHE A 554 21.05 12.84 20.81
C PHE A 554 21.78 13.82 19.92
N ALA A 555 21.00 14.69 19.30
CA ALA A 555 21.54 15.74 18.47
C ALA A 555 21.15 17.10 19.04
N PRO A 556 22.12 17.89 19.47
CA PRO A 556 21.79 19.23 19.99
C PRO A 556 21.53 20.21 18.84
N GLY A 557 21.10 21.41 19.19
CA GLY A 557 20.90 22.51 18.25
C GLY A 557 19.51 23.05 18.20
N ARG A 558 18.63 22.52 19.02
CA ARG A 558 17.32 23.18 19.20
C ARG A 558 17.51 24.52 19.92
N ALA A 559 16.59 25.44 19.66
CA ALA A 559 16.55 26.71 20.36
C ALA A 559 15.23 26.93 21.06
N ASP A 560 15.19 27.93 21.97
CA ASP A 560 13.99 28.23 22.75
C ASP A 560 13.24 29.43 22.17
N ALA A 561 11.99 29.22 21.83
CA ALA A 561 11.16 30.31 21.34
C ALA A 561 10.53 31.04 22.53
N SER A 562 10.20 32.32 22.35
CA SER A 562 9.45 33.09 23.37
C SER A 562 7.95 32.99 23.24
N GLN A 563 7.26 33.40 24.29
CA GLN A 563 5.84 33.51 24.23
C GLN A 563 5.42 34.50 23.14
N GLU A 564 6.14 35.61 23.03
CA GLU A 564 5.79 36.65 22.03
C GLU A 564 5.97 36.13 20.60
N GLN A 565 6.84 35.14 20.42
CA GLN A 565 7.00 34.43 19.13
C GLN A 565 6.07 33.25 18.97
N THR A 566 5.02 33.17 19.78
CA THR A 566 4.14 32.00 19.74
C THR A 566 2.69 32.48 19.65
N ASP A 567 2.04 32.14 18.56
CA ASP A 567 0.62 32.39 18.37
C ASP A 567 -0.23 31.36 19.07
N VAL A 568 -0.78 31.73 20.22
CA VAL A 568 -1.49 30.80 21.02
C VAL A 568 -2.73 30.19 20.34
N GLU A 569 -3.47 30.99 19.56
N GLU A 569 -3.45 30.98 19.56
CA GLU A 569 -4.67 30.48 18.87
CA GLU A 569 -4.66 30.43 18.98
C GLU A 569 -4.30 29.44 17.82
C GLU A 569 -4.35 29.47 17.80
N SER A 570 -3.28 29.74 17.02
CA SER A 570 -2.80 28.82 16.01
C SER A 570 -2.26 27.51 16.61
N MET A 571 -1.69 27.59 17.82
CA MET A 571 -1.18 26.39 18.47
C MET A 571 -2.29 25.42 18.96
N ALA A 572 -3.52 25.92 19.12
CA ALA A 572 -4.61 25.09 19.59
C ALA A 572 -4.85 23.83 18.80
N VAL A 573 -4.69 23.92 17.47
CA VAL A 573 -4.93 22.73 16.64
C VAL A 573 -3.94 21.62 16.84
N LEU A 574 -2.83 21.92 17.51
CA LEU A 574 -1.86 20.88 17.77
C LEU A 574 -2.10 20.17 19.09
N GLU A 575 -3.12 20.57 19.84
CA GLU A 575 -3.42 19.85 21.06
C GLU A 575 -3.82 18.42 20.78
N PRO A 576 -3.18 17.48 21.45
CA PRO A 576 -3.60 16.09 21.27
C PRO A 576 -4.83 15.80 22.13
N VAL A 577 -5.95 15.63 21.47
CA VAL A 577 -7.13 15.21 22.14
C VAL A 577 -7.28 13.70 22.11
N ALA A 578 -6.50 13.05 21.28
CA ALA A 578 -6.41 11.57 21.36
C ALA A 578 -4.91 11.29 21.16
N ASP A 579 -4.32 10.55 22.09
CA ASP A 579 -2.92 10.14 21.93
C ASP A 579 -2.81 8.75 22.50
N GLY A 580 -2.98 7.77 21.63
CA GLY A 580 -2.90 6.39 22.06
C GLY A 580 -1.58 5.99 22.68
N PHE A 581 -0.54 6.73 22.36
CA PHE A 581 0.79 6.42 22.90
C PHE A 581 0.87 6.76 24.42
N ARG A 582 -0.05 7.59 24.90
CA ARG A 582 -0.18 7.89 26.34
C ARG A 582 -1.53 7.35 26.89
N ASN A 583 -2.19 6.51 26.11
CA ASN A 583 -3.50 5.92 26.42
C ASN A 583 -4.50 7.03 26.82
N TYR A 584 -4.53 8.10 26.01
CA TYR A 584 -5.27 9.29 26.32
C TYR A 584 -6.35 9.56 25.29
N LEU A 585 -7.53 9.86 25.79
CA LEU A 585 -8.65 10.33 24.97
C LEU A 585 -9.32 11.41 25.78
N LYS A 586 -9.41 12.62 25.23
CA LYS A 586 -9.88 13.78 26.01
C LYS A 586 -11.37 13.69 26.21
N GLY A 587 -12.08 13.16 25.23
CA GLY A 587 -13.51 12.91 25.39
C GLY A 587 -13.96 11.70 24.63
N LYS A 588 -15.26 11.56 24.43
CA LYS A 588 -15.82 10.37 23.72
C LYS A 588 -16.08 10.74 22.27
N TYR A 589 -15.52 10.00 21.31
CA TYR A 589 -15.62 10.38 19.89
C TYR A 589 -16.38 9.30 19.17
N ARG A 590 -16.82 9.60 17.96
CA ARG A 590 -17.50 8.61 17.12
C ARG A 590 -16.46 7.66 16.53
N VAL A 591 -15.27 8.17 16.24
CA VAL A 591 -14.24 7.35 15.63
C VAL A 591 -13.60 6.46 16.72
N PRO A 592 -13.53 5.13 16.53
CA PRO A 592 -12.94 4.28 17.57
C PRO A 592 -11.47 4.66 17.88
N ALA A 593 -11.06 4.38 19.13
CA ALA A 593 -9.75 4.87 19.57
C ALA A 593 -8.58 4.29 18.76
N GLU A 594 -8.72 3.03 18.30
CA GLU A 594 -7.69 2.42 17.53
C GLU A 594 -7.49 3.08 16.19
N VAL A 595 -8.57 3.55 15.61
CA VAL A 595 -8.46 4.33 14.38
C VAL A 595 -7.71 5.65 14.63
N LEU A 596 -7.98 6.29 15.79
CA LEU A 596 -7.29 7.52 16.14
C LEU A 596 -5.81 7.30 16.44
N LEU A 597 -5.48 6.10 16.93
CA LEU A 597 -4.06 5.70 17.10
C LEU A 597 -3.34 5.65 15.78
N VAL A 598 -3.93 4.94 14.81
CA VAL A 598 -3.33 4.87 13.49
C VAL A 598 -3.20 6.27 12.83
N ASP A 599 -4.21 7.09 12.99
CA ASP A 599 -4.17 8.50 12.50
C ASP A 599 -2.98 9.25 13.09
N LYS A 600 -2.79 9.12 14.41
CA LYS A 600 -1.64 9.76 15.10
C LYS A 600 -0.30 9.22 14.62
N ALA A 601 -0.22 7.88 14.41
CA ALA A 601 0.99 7.28 13.92
C ALA A 601 1.33 7.81 12.51
N GLN A 602 0.29 8.01 11.70
CA GLN A 602 0.49 8.55 10.35
C GLN A 602 1.05 10.01 10.39
N LEU A 603 0.49 10.81 11.31
CA LEU A 603 1.00 12.16 11.52
C LEU A 603 2.44 12.18 12.00
N LEU A 604 2.79 11.19 12.85
CA LEU A 604 4.15 11.08 13.33
C LEU A 604 5.13 10.47 12.35
N THR A 605 4.62 10.05 11.18
CA THR A 605 5.39 9.40 10.11
C THR A 605 5.85 7.97 10.43
N LEU A 606 5.16 7.32 11.34
CA LEU A 606 5.54 5.99 11.80
C LEU A 606 4.96 4.91 10.93
N SER A 607 5.73 3.88 10.71
CA SER A 607 5.21 2.63 10.12
C SER A 607 4.45 1.82 11.16
N ALA A 608 3.82 0.73 10.76
CA ALA A 608 3.14 -0.10 11.75
C ALA A 608 4.11 -0.74 12.75
N PRO A 609 5.25 -1.26 12.27
CA PRO A 609 6.24 -1.77 13.23
C PRO A 609 6.75 -0.73 14.19
N GLU A 610 7.01 0.49 13.68
CA GLU A 610 7.42 1.58 14.56
C GLU A 610 6.36 1.93 15.62
N MET A 611 5.10 2.06 15.18
CA MET A 611 4.00 2.32 16.07
C MET A 611 3.95 1.27 17.16
N THR A 612 4.09 0.02 16.78
CA THR A 612 3.91 -1.12 17.73
C THR A 612 5.00 -1.12 18.79
N VAL A 613 6.25 -1.05 18.34
N VAL A 613 6.25 -1.04 18.35
CA VAL A 613 7.38 -1.01 19.26
CA VAL A 613 7.33 -1.08 19.31
C VAL A 613 7.25 0.14 20.24
C VAL A 613 7.29 0.14 20.24
N LEU A 614 6.97 1.31 19.69
CA LEU A 614 6.94 2.57 20.46
C LEU A 614 5.86 2.48 21.53
N LEU A 615 4.67 2.02 21.14
CA LEU A 615 3.58 1.95 22.10
C LEU A 615 3.87 0.97 23.24
N GLY A 616 4.36 -0.21 22.87
CA GLY A 616 4.66 -1.25 23.89
C GLY A 616 5.73 -0.79 24.88
N GLY A 617 6.68 -0.03 24.39
CA GLY A 617 7.70 0.50 25.27
C GLY A 617 7.19 1.63 26.14
N LEU A 618 6.49 2.55 25.56
CA LEU A 618 5.93 3.66 26.36
C LEU A 618 5.05 3.15 27.51
N ARG A 619 4.30 2.10 27.27
CA ARG A 619 3.38 1.56 28.27
C ARG A 619 4.20 1.16 29.54
N VAL A 620 5.31 0.48 29.34
CA VAL A 620 6.08 -0.03 30.45
C VAL A 620 7.02 1.00 31.06
N LEU A 621 7.24 2.11 30.38
CA LEU A 621 8.04 3.23 30.91
C LEU A 621 7.26 4.18 31.80
N GLY A 622 5.94 4.06 31.86
CA GLY A 622 5.14 5.02 32.67
C GLY A 622 4.68 6.26 31.93
N ALA A 623 4.51 6.16 30.62
CA ALA A 623 4.12 7.31 29.86
C ALA A 623 2.63 7.61 29.86
N ASN A 624 1.79 6.71 30.37
CA ASN A 624 0.37 6.97 30.38
C ASN A 624 0.02 8.29 31.13
N VAL A 625 -0.93 9.04 30.60
CA VAL A 625 -1.46 10.21 31.31
C VAL A 625 -2.15 9.74 32.58
N GLY A 626 -1.87 10.44 33.69
CA GLY A 626 -2.56 10.14 34.98
C GLY A 626 -2.10 8.85 35.60
N GLN A 627 -0.97 8.31 35.15
CA GLN A 627 -0.45 7.07 35.71
C GLN A 627 -1.53 5.92 35.68
N SER A 628 -2.39 5.96 34.67
CA SER A 628 -3.31 4.88 34.38
C SER A 628 -2.58 3.59 34.26
N ARG A 629 -3.19 2.53 34.83
CA ARG A 629 -2.65 1.21 34.72
C ARG A 629 -3.02 0.51 33.38
N HIS A 630 -3.92 1.12 32.61
CA HIS A 630 -4.39 0.49 31.36
C HIS A 630 -3.23 0.19 30.42
N GLY A 631 -3.06 -1.08 30.05
CA GLY A 631 -2.00 -1.46 29.16
C GLY A 631 -0.63 -1.57 29.79
N VAL A 632 -0.53 -1.38 31.12
CA VAL A 632 0.76 -1.46 31.75
C VAL A 632 0.97 -2.88 32.18
N PHE A 633 1.24 -3.72 31.20
CA PHE A 633 1.29 -5.14 31.38
C PHE A 633 2.70 -5.60 31.82
N THR A 634 3.10 -5.15 33.00
CA THR A 634 4.40 -5.49 33.52
C THR A 634 4.36 -5.41 35.05
N ALA A 635 5.25 -6.14 35.69
CA ALA A 635 5.51 -5.98 37.12
C ALA A 635 6.84 -5.30 37.34
N ARG A 636 7.45 -4.78 36.27
CA ARG A 636 8.66 -3.92 36.41
C ARG A 636 8.50 -2.63 35.60
N GLU A 637 7.55 -1.83 36.04
N GLU A 637 7.55 -1.82 36.01
CA GLU A 637 7.35 -0.48 35.58
CA GLU A 637 7.37 -0.51 35.36
C GLU A 637 8.69 0.31 35.56
C GLU A 637 8.63 0.32 35.55
N GLN A 638 8.94 1.07 34.50
CA GLN A 638 10.16 1.89 34.38
C GLN A 638 11.43 1.12 34.05
N ALA A 639 11.25 -0.13 33.65
CA ALA A 639 12.26 -0.93 33.03
C ALA A 639 11.83 -1.17 31.57
N LEU A 640 12.78 -1.02 30.67
CA LEU A 640 12.49 -1.13 29.24
C LEU A 640 12.60 -2.60 28.84
N THR A 641 11.47 -3.26 28.78
CA THR A 641 11.38 -4.68 28.42
C THR A 641 10.25 -4.82 27.43
N ASN A 642 10.16 -6.01 26.88
CA ASN A 642 9.08 -6.37 25.97
C ASN A 642 7.85 -6.96 26.70
N ASP A 643 7.75 -6.72 28.01
CA ASP A 643 6.67 -7.29 28.80
C ASP A 643 5.26 -6.97 28.22
N PHE A 644 5.04 -5.81 27.62
CA PHE A 644 3.74 -5.51 27.09
C PHE A 644 3.30 -6.64 26.13
N PHE A 645 4.21 -7.01 25.24
CA PHE A 645 3.89 -8.00 24.21
C PHE A 645 3.77 -9.38 24.75
N VAL A 646 4.68 -9.78 25.62
CA VAL A 646 4.65 -11.15 26.16
C VAL A 646 3.36 -11.33 26.96
N ASN A 647 3.02 -10.36 27.78
CA ASN A 647 1.78 -10.45 28.56
C ASN A 647 0.51 -10.27 27.73
N LEU A 648 0.52 -9.41 26.74
CA LEU A 648 -0.68 -9.26 25.92
C LEU A 648 -1.02 -10.55 25.19
N LEU A 649 0.02 -11.26 24.72
CA LEU A 649 -0.20 -12.41 23.88
C LEU A 649 -0.35 -13.72 24.65
N ASP A 650 -0.38 -13.63 25.97
CA ASP A 650 -0.47 -14.85 26.81
C ASP A 650 -1.87 -15.43 26.84
N MET A 651 -2.06 -16.59 26.23
CA MET A 651 -3.40 -17.16 26.07
C MET A 651 -3.96 -17.62 27.45
N GLY A 652 -3.09 -17.65 28.47
CA GLY A 652 -3.56 -17.87 29.86
C GLY A 652 -4.48 -16.79 30.38
N THR A 653 -4.58 -15.66 29.68
CA THR A 653 -5.42 -14.54 30.11
C THR A 653 -6.61 -14.35 29.17
N GLU A 654 -7.80 -14.24 29.74
CA GLU A 654 -9.02 -13.99 29.00
C GLU A 654 -9.52 -12.56 29.22
N TRP A 655 -10.03 -11.93 28.17
CA TRP A 655 -10.37 -10.54 28.19
C TRP A 655 -11.87 -10.32 27.97
N LYS A 656 -12.42 -9.40 28.73
CA LYS A 656 -13.86 -9.04 28.62
C LYS A 656 -14.05 -7.59 28.90
N PRO A 657 -14.93 -6.93 28.11
CA PRO A 657 -15.28 -5.54 28.42
C PRO A 657 -15.91 -5.38 29.80
N THR A 658 -15.65 -4.25 30.46
CA THR A 658 -16.26 -4.01 31.77
C THR A 658 -17.70 -3.55 31.60
N ALA A 659 -18.50 -3.80 32.64
CA ALA A 659 -19.91 -3.31 32.70
C ALA A 659 -20.01 -1.80 32.68
N ALA A 660 -19.20 -1.16 33.52
CA ALA A 660 -19.11 0.32 33.60
C ALA A 660 -18.75 1.00 32.27
N ASP A 661 -17.80 0.40 31.53
CA ASP A 661 -17.25 1.04 30.33
C ASP A 661 -16.83 -0.07 29.31
N ALA A 662 -17.55 -0.12 28.20
CA ALA A 662 -17.37 -1.13 27.15
C ALA A 662 -16.02 -1.00 26.42
N ASP A 663 -15.35 0.13 26.63
CA ASP A 663 -14.07 0.48 25.99
C ASP A 663 -12.88 0.22 26.90
N VAL A 664 -13.15 -0.31 28.09
CA VAL A 664 -12.15 -0.83 29.01
C VAL A 664 -12.38 -2.30 29.26
N PHE A 665 -11.29 -3.07 29.27
CA PHE A 665 -11.34 -4.48 29.32
C PHE A 665 -10.55 -4.99 30.49
N GLU A 666 -11.06 -6.05 31.12
CA GLU A 666 -10.35 -6.76 32.18
C GLU A 666 -9.70 -8.01 31.61
N GLY A 667 -8.46 -8.24 31.99
CA GLY A 667 -7.77 -9.47 31.70
C GLY A 667 -7.66 -10.31 32.93
N ARG A 668 -8.31 -11.46 32.91
CA ARG A 668 -8.35 -12.39 34.05
C ARG A 668 -7.68 -13.69 33.71
N ASP A 669 -7.04 -14.30 34.70
CA ASP A 669 -6.54 -15.67 34.53
C ASP A 669 -7.68 -16.59 34.14
N ARG A 670 -7.47 -17.34 33.08
CA ARG A 670 -8.52 -18.12 32.43
C ARG A 670 -8.95 -19.27 33.36
N ALA A 671 -8.04 -19.78 34.15
CA ALA A 671 -8.33 -20.92 35.06
C ALA A 671 -8.92 -20.45 36.37
N THR A 672 -8.37 -19.38 36.96
CA THR A 672 -8.78 -18.94 38.31
C THR A 672 -9.73 -17.81 38.36
N GLY A 673 -9.82 -16.98 37.33
CA GLY A 673 -10.65 -15.80 37.40
C GLY A 673 -9.97 -14.59 38.03
N GLU A 674 -8.76 -14.76 38.51
CA GLU A 674 -8.06 -13.67 39.15
C GLU A 674 -7.81 -12.51 38.13
N LEU A 675 -8.02 -11.30 38.58
CA LEU A 675 -7.81 -10.11 37.76
C LEU A 675 -6.32 -9.85 37.63
N LYS A 676 -5.83 -9.77 36.41
CA LYS A 676 -4.40 -9.54 36.17
C LYS A 676 -4.12 -8.13 35.64
N TRP A 677 -4.96 -7.65 34.73
CA TRP A 677 -4.67 -6.42 34.01
C TRP A 677 -5.94 -5.73 33.62
N THR A 678 -5.84 -4.43 33.26
CA THR A 678 -6.89 -3.79 32.52
C THR A 678 -6.29 -3.12 31.30
N GLY A 679 -7.12 -2.90 30.30
CA GLY A 679 -6.62 -2.28 29.04
C GLY A 679 -7.73 -1.63 28.30
N THR A 680 -7.36 -0.73 27.38
CA THR A 680 -8.31 -0.01 26.53
C THR A 680 -8.33 -0.70 25.16
N ARG A 681 -9.15 -0.17 24.26
CA ARG A 681 -9.12 -0.64 22.85
C ARG A 681 -7.73 -0.44 22.22
N VAL A 682 -7.08 0.66 22.56
CA VAL A 682 -5.77 0.91 21.95
C VAL A 682 -4.77 -0.15 22.41
N ASP A 683 -4.85 -0.58 23.67
CA ASP A 683 -3.98 -1.69 24.12
C ASP A 683 -4.32 -3.01 23.41
N LEU A 684 -5.59 -3.39 23.40
CA LEU A 684 -5.96 -4.70 22.97
C LEU A 684 -6.02 -4.86 21.46
N VAL A 685 -6.05 -3.78 20.70
CA VAL A 685 -6.02 -3.93 19.24
C VAL A 685 -4.78 -4.69 18.76
N PHE A 686 -3.67 -4.58 19.53
CA PHE A 686 -2.45 -5.32 19.21
C PHE A 686 -2.54 -6.82 19.36
N GLY A 687 -3.55 -7.28 20.09
CA GLY A 687 -3.85 -8.69 20.22
C GLY A 687 -5.03 -9.16 19.41
N SER A 688 -5.62 -8.25 18.64
CA SER A 688 -6.83 -8.54 17.86
C SER A 688 -6.59 -8.44 16.35
N HIS A 689 -6.15 -7.26 15.91
CA HIS A 689 -5.94 -7.02 14.51
C HIS A 689 -4.89 -8.00 13.99
N SER A 690 -5.19 -8.68 12.87
CA SER A 690 -4.32 -9.78 12.47
C SER A 690 -2.93 -9.33 12.00
N GLN A 691 -2.82 -8.12 11.42
CA GLN A 691 -1.50 -7.63 11.06
C GLN A 691 -0.74 -7.05 12.27
N LEU A 692 -1.42 -6.28 13.14
CA LEU A 692 -0.75 -5.82 14.35
C LEU A 692 -0.34 -6.97 15.28
N ARG A 693 -1.18 -8.02 15.37
CA ARG A 693 -0.83 -9.13 16.24
C ARG A 693 0.42 -9.81 15.70
N ALA A 694 0.54 -9.90 14.38
CA ALA A 694 1.74 -10.51 13.80
C ALA A 694 3.00 -9.71 14.22
N LEU A 695 2.88 -8.38 14.31
CA LEU A 695 3.99 -7.55 14.73
C LEU A 695 4.28 -7.74 16.22
N ALA A 696 3.21 -7.75 17.02
CA ALA A 696 3.36 -7.97 18.47
C ALA A 696 4.09 -9.31 18.75
N GLU A 697 3.78 -10.33 17.95
CA GLU A 697 4.40 -11.63 18.11
C GLU A 697 5.92 -11.56 17.97
N VAL A 698 6.41 -10.80 17.00
CA VAL A 698 7.85 -10.69 16.81
C VAL A 698 8.48 -10.13 18.09
N TYR A 699 7.93 -9.04 18.61
CA TYR A 699 8.47 -8.42 19.82
C TYR A 699 8.19 -9.15 21.12
N GLY A 700 7.21 -10.05 21.09
CA GLY A 700 6.88 -10.89 22.22
C GLY A 700 7.48 -12.29 22.21
N SER A 701 8.45 -12.51 21.34
CA SER A 701 9.12 -13.78 21.26
C SER A 701 10.33 -13.85 22.18
N ALA A 702 10.79 -15.06 22.47
CA ALA A 702 11.79 -15.27 23.53
C ALA A 702 13.14 -14.73 23.08
N ASP A 703 13.32 -14.58 21.77
CA ASP A 703 14.57 -14.10 21.19
C ASP A 703 14.61 -12.58 20.97
N ALA A 704 13.61 -11.87 21.46
CA ALA A 704 13.38 -10.50 21.00
C ALA A 704 13.84 -9.39 21.92
N GLN A 705 14.42 -9.70 23.07
CA GLN A 705 14.74 -8.60 24.03
C GLN A 705 15.65 -7.55 23.40
N GLU A 706 16.74 -8.01 22.78
N GLU A 706 16.74 -8.00 22.78
CA GLU A 706 17.72 -7.10 22.19
CA GLU A 706 17.72 -7.09 22.17
C GLU A 706 17.12 -6.29 21.04
C GLU A 706 17.12 -6.28 21.04
N LYS A 707 16.37 -6.98 20.19
CA LYS A 707 15.67 -6.33 19.11
C LYS A 707 14.66 -5.30 19.58
N PHE A 708 13.92 -5.63 20.62
CA PHE A 708 12.93 -4.71 21.12
C PHE A 708 13.61 -3.42 21.62
N VAL A 709 14.69 -3.57 22.41
CA VAL A 709 15.37 -2.41 22.92
C VAL A 709 15.95 -1.58 21.76
N ARG A 710 16.61 -2.21 20.83
CA ARG A 710 17.24 -1.47 19.72
C ARG A 710 16.19 -0.73 18.89
N ASP A 711 15.09 -1.43 18.58
CA ASP A 711 14.08 -0.83 17.76
C ASP A 711 13.36 0.31 18.51
N PHE A 712 13.20 0.15 19.83
CA PHE A 712 12.56 1.19 20.59
C PHE A 712 13.44 2.44 20.60
N VAL A 713 14.73 2.27 20.87
CA VAL A 713 15.64 3.42 20.90
C VAL A 713 15.61 4.14 19.53
N ALA A 714 15.60 3.37 18.43
CA ALA A 714 15.58 3.96 17.13
C ALA A 714 14.33 4.81 16.89
N VAL A 715 13.15 4.29 17.26
CA VAL A 715 11.90 5.03 17.00
C VAL A 715 11.78 6.21 17.94
N TRP A 716 12.27 6.03 19.18
CA TRP A 716 12.34 7.17 20.12
C TRP A 716 13.16 8.31 19.55
N ASN A 717 14.35 8.00 19.03
CA ASN A 717 15.24 9.00 18.47
C ASN A 717 14.56 9.62 17.22
N LYS A 718 13.89 8.79 16.41
CA LYS A 718 13.17 9.33 15.26
C LYS A 718 12.18 10.39 15.69
N VAL A 719 11.37 10.09 16.70
CA VAL A 719 10.37 11.04 17.14
C VAL A 719 11.03 12.32 17.68
N MET A 720 12.11 12.17 18.42
CA MET A 720 12.79 13.34 18.97
C MET A 720 13.28 14.28 17.85
N ASN A 721 13.61 13.70 16.68
CA ASN A 721 14.23 14.46 15.61
C ASN A 721 13.23 14.89 14.51
N LEU A 722 11.92 14.72 14.69
CA LEU A 722 10.99 14.88 13.54
C LEU A 722 11.06 16.28 12.95
N ASP A 723 11.26 17.29 13.79
CA ASP A 723 11.24 18.65 13.33
C ASP A 723 12.62 19.21 13.00
N ARG A 724 13.66 18.34 13.00
CA ARG A 724 15.01 18.80 12.91
C ARG A 724 15.49 19.00 11.47
N PHE A 725 14.81 19.87 10.77
CA PHE A 725 15.16 20.18 9.40
C PHE A 725 16.44 21.01 9.30
N ASP A 726 16.87 21.59 10.42
CA ASP A 726 18.24 22.17 10.53
C ASP A 726 19.34 21.15 10.37
N LEU A 727 19.06 19.88 10.60
CA LEU A 727 20.06 18.82 10.39
C LEU A 727 20.02 18.16 9.01
N ALA A 728 18.89 18.28 8.31
CA ALA A 728 18.83 17.95 6.86
C ALA A 728 19.85 18.79 6.06
N GLY B 16 -15.77 7.06 5.34
CA GLY B 16 -14.65 7.79 4.59
C GLY B 16 -14.51 7.32 3.14
N THR B 17 -14.97 8.13 2.19
CA THR B 17 -15.02 7.69 0.78
C THR B 17 -13.60 7.73 0.20
N SER B 18 -13.20 6.66 -0.49
CA SER B 18 -11.83 6.49 -0.96
C SER B 18 -11.80 6.57 -2.50
N ASN B 19 -10.59 6.57 -3.11
CA ASN B 19 -10.47 6.59 -4.57
C ASN B 19 -11.11 5.34 -5.21
N ARG B 20 -10.94 4.22 -4.52
CA ARG B 20 -11.55 2.96 -4.94
C ARG B 20 -13.10 3.08 -5.04
N ASP B 21 -13.71 3.83 -4.11
CA ASP B 21 -15.16 4.05 -4.13
C ASP B 21 -15.55 4.91 -5.36
N TRP B 22 -14.82 6.01 -5.61
CA TRP B 22 -15.17 6.91 -6.69
C TRP B 22 -14.91 6.29 -8.09
N TRP B 23 -13.82 5.53 -8.21
CA TRP B 23 -13.35 5.07 -9.52
C TRP B 23 -13.02 3.59 -9.36
N PRO B 24 -14.07 2.76 -9.26
CA PRO B 24 -13.87 1.38 -8.77
C PRO B 24 -13.23 0.50 -9.83
N ASN B 25 -13.17 0.99 -11.06
CA ASN B 25 -12.51 0.27 -12.13
C ASN B 25 -11.10 0.82 -12.49
N GLN B 26 -10.61 1.92 -11.89
CA GLN B 26 -9.21 2.42 -12.17
C GLN B 26 -8.28 1.26 -11.71
N LEU B 27 -7.10 1.23 -12.29
CA LEU B 27 -6.08 0.21 -12.03
C LEU B 27 -5.58 0.35 -10.58
N ASP B 28 -5.24 -0.74 -9.91
CA ASP B 28 -4.62 -0.66 -8.55
C ASP B 28 -3.14 -0.95 -8.49
N LEU B 29 -2.31 0.08 -8.37
CA LEU B 29 -0.86 -0.13 -8.38
C LEU B 29 -0.36 -0.55 -7.02
N SER B 30 -1.18 -0.44 -5.97
CA SER B 30 -0.66 -0.72 -4.61
C SER B 30 -0.27 -2.20 -4.48
N ILE B 31 -0.77 -3.05 -5.39
CA ILE B 31 -0.36 -4.44 -5.39
C ILE B 31 1.11 -4.60 -5.74
N LEU B 32 1.69 -3.63 -6.43
CA LEU B 32 3.13 -3.70 -6.70
C LEU B 32 4.04 -3.20 -5.58
N HIS B 33 3.45 -2.58 -4.56
CA HIS B 33 4.25 -1.91 -3.53
C HIS B 33 3.85 -2.42 -2.14
N ARG B 34 3.14 -3.52 -2.11
CA ARG B 34 3.01 -4.38 -0.95
C ARG B 34 4.37 -4.90 -0.53
N HIS B 35 4.50 -5.28 0.72
CA HIS B 35 5.69 -5.98 1.11
C HIS B 35 6.92 -5.06 1.00
N SER B 36 6.74 -3.77 1.28
CA SER B 36 7.90 -2.86 1.43
C SER B 36 8.61 -3.08 2.75
N SER B 37 9.77 -2.49 2.85
CA SER B 37 10.53 -2.52 4.08
C SER B 37 9.77 -1.78 5.17
N LEU B 38 8.81 -0.93 4.82
CA LEU B 38 8.03 -0.21 5.85
C LEU B 38 7.20 -1.15 6.75
N SER B 39 6.53 -2.12 6.15
CA SER B 39 5.59 -2.98 6.87
C SER B 39 6.29 -4.19 7.53
N ASP B 40 7.55 -4.39 7.24
CA ASP B 40 8.30 -5.56 7.70
C ASP B 40 8.97 -5.20 9.01
N PRO B 41 8.68 -5.94 10.10
CA PRO B 41 9.31 -5.63 11.35
C PRO B 41 10.79 -6.04 11.41
N MET B 42 11.22 -6.94 10.54
CA MET B 42 12.57 -7.42 10.58
C MET B 42 13.52 -6.41 9.93
N GLY B 43 14.74 -6.40 10.36
CA GLY B 43 15.70 -5.42 9.72
C GLY B 43 15.96 -5.75 8.24
N LYS B 44 16.48 -4.80 7.45
CA LYS B 44 16.41 -5.04 6.00
C LYS B 44 17.49 -6.07 5.63
N ASP B 45 18.40 -6.33 6.53
CA ASP B 45 19.41 -7.36 6.33
C ASP B 45 19.01 -8.72 6.92
N PHE B 46 17.83 -8.82 7.50
CA PHE B 46 17.42 -10.13 8.06
C PHE B 46 17.40 -11.15 6.94
N ASN B 47 17.97 -12.30 7.25
CA ASN B 47 17.98 -13.35 6.28
C ASN B 47 17.36 -14.63 6.94
N TYR B 48 16.14 -14.94 6.55
CA TYR B 48 15.44 -16.04 7.26
C TYR B 48 16.20 -17.37 7.06
N ALA B 49 16.75 -17.63 5.87
CA ALA B 49 17.47 -18.87 5.66
C ALA B 49 18.59 -19.07 6.66
N GLN B 50 19.30 -17.99 6.98
CA GLN B 50 20.41 -18.12 7.89
C GLN B 50 19.92 -18.42 9.33
N ALA B 51 18.77 -17.86 9.67
CA ALA B 51 18.17 -18.07 11.00
C ALA B 51 17.70 -19.49 11.11
N PHE B 52 17.02 -19.98 10.06
CA PHE B 52 16.49 -21.33 10.06
C PHE B 52 17.62 -22.36 10.16
N GLU B 53 18.69 -22.10 9.44
CA GLU B 53 19.77 -23.08 9.42
C GLU B 53 20.42 -23.27 10.77
N LYS B 54 20.29 -22.31 11.68
CA LYS B 54 20.72 -22.49 13.02
C LYS B 54 19.66 -23.02 14.04
N LEU B 55 18.43 -23.14 13.61
CA LEU B 55 17.38 -23.71 14.43
C LEU B 55 17.71 -25.15 14.80
N ASP B 56 17.38 -25.51 16.04
CA ASP B 56 17.43 -26.89 16.47
C ASP B 56 16.12 -27.60 16.10
N LEU B 57 16.03 -28.04 14.87
CA LEU B 57 14.78 -28.56 14.36
C LEU B 57 14.29 -29.75 15.15
N ALA B 58 15.24 -30.55 15.62
CA ALA B 58 14.87 -31.72 16.43
C ALA B 58 14.16 -31.30 17.74
N ALA B 59 14.64 -30.23 18.36
CA ALA B 59 14.01 -29.70 19.53
C ALA B 59 12.59 -29.19 19.26
N VAL B 60 12.41 -28.51 18.13
CA VAL B 60 11.09 -28.04 17.75
C VAL B 60 10.16 -29.26 17.60
N LYS B 61 10.65 -30.28 16.92
CA LYS B 61 9.81 -31.48 16.71
C LYS B 61 9.43 -32.18 18.00
N ARG B 62 10.33 -32.22 18.96
CA ARG B 62 9.96 -32.77 20.30
C ARG B 62 8.88 -31.96 20.96
N ASP B 63 8.98 -30.64 20.89
CA ASP B 63 7.92 -29.77 21.45
C ASP B 63 6.58 -29.99 20.73
N LEU B 64 6.60 -30.16 19.41
CA LEU B 64 5.39 -30.38 18.68
C LEU B 64 4.76 -31.75 19.03
N HIS B 65 5.61 -32.77 19.17
CA HIS B 65 5.13 -34.09 19.62
C HIS B 65 4.42 -33.98 20.99
N ALA B 66 5.03 -33.21 21.93
CA ALA B 66 4.44 -32.99 23.23
C ALA B 66 3.09 -32.28 23.14
N LEU B 67 3.01 -31.30 22.27
CA LEU B 67 1.82 -30.53 22.12
C LEU B 67 0.63 -31.38 21.70
N MET B 68 0.88 -32.42 20.88
CA MET B 68 -0.20 -33.19 20.28
C MET B 68 -1.23 -33.63 21.31
N THR B 69 -0.77 -33.99 22.51
CA THR B 69 -1.69 -34.50 23.48
C THR B 69 -1.78 -33.64 24.72
N THR B 70 -1.38 -32.38 24.61
CA THR B 70 -1.52 -31.45 25.71
C THR B 70 -2.75 -30.64 25.47
N SER B 71 -3.90 -31.14 25.95
CA SER B 71 -5.19 -30.53 25.61
C SER B 71 -5.39 -29.21 26.40
N GLN B 72 -5.85 -28.18 25.72
CA GLN B 72 -6.17 -26.92 26.34
C GLN B 72 -7.70 -26.85 26.51
N ASP B 73 -8.14 -26.37 27.68
CA ASP B 73 -9.57 -26.34 28.00
C ASP B 73 -10.38 -25.43 27.13
N TRP B 74 -9.76 -24.39 26.55
CA TRP B 74 -10.50 -23.50 25.67
C TRP B 74 -10.74 -24.09 24.25
N TRP B 75 -10.11 -25.23 23.95
CA TRP B 75 -10.39 -25.98 22.73
C TRP B 75 -9.93 -27.40 22.88
N PRO B 76 -10.69 -28.17 23.64
CA PRO B 76 -10.20 -29.48 23.99
C PRO B 76 -9.94 -30.37 22.78
N ALA B 77 -8.89 -31.19 22.90
CA ALA B 77 -8.47 -32.09 21.86
C ALA B 77 -9.43 -33.28 21.70
N ASP B 78 -9.95 -33.46 20.48
CA ASP B 78 -10.71 -34.67 20.14
C ASP B 78 -9.85 -35.90 20.40
N PHE B 79 -10.43 -36.96 21.02
CA PHE B 79 -9.70 -38.20 21.27
C PHE B 79 -8.41 -37.98 22.09
N GLY B 80 -8.27 -36.82 22.71
CA GLY B 80 -7.08 -36.47 23.42
C GLY B 80 -5.88 -36.13 22.54
N HIS B 81 -6.08 -35.95 21.23
CA HIS B 81 -4.94 -35.79 20.31
C HIS B 81 -5.30 -34.77 19.22
N TYR B 82 -4.53 -33.71 19.13
CA TYR B 82 -4.78 -32.62 18.14
C TYR B 82 -4.32 -32.97 16.70
N GLY B 83 -3.83 -34.17 16.47
CA GLY B 83 -3.21 -34.49 15.17
C GLY B 83 -4.11 -34.23 13.97
N GLY B 84 -5.37 -34.67 14.06
CA GLY B 84 -6.29 -34.44 12.93
C GLY B 84 -6.49 -32.95 12.66
N LEU B 85 -6.69 -32.16 13.74
CA LEU B 85 -6.89 -30.72 13.57
C LEU B 85 -5.66 -30.11 12.86
N PHE B 86 -4.48 -30.51 13.29
CA PHE B 86 -3.28 -29.97 12.69
C PHE B 86 -3.02 -30.43 11.24
N ILE B 87 -3.38 -31.65 10.90
CA ILE B 87 -3.27 -32.08 9.53
C ILE B 87 -4.20 -31.22 8.67
N ARG B 88 -5.44 -31.01 9.10
CA ARG B 88 -6.36 -30.14 8.36
C ARG B 88 -5.79 -28.72 8.23
N MET B 89 -5.23 -28.22 9.32
CA MET B 89 -4.59 -26.92 9.32
C MET B 89 -3.50 -26.81 8.21
N ALA B 90 -2.61 -27.80 8.14
CA ALA B 90 -1.52 -27.78 7.17
C ALA B 90 -2.05 -27.98 5.76
N TRP B 91 -3.00 -28.92 5.60
CA TRP B 91 -3.65 -29.09 4.32
C TRP B 91 -4.32 -27.79 3.81
N HIS B 92 -5.03 -27.10 4.68
CA HIS B 92 -5.60 -25.82 4.28
C HIS B 92 -4.58 -24.73 3.98
N SER B 93 -3.47 -24.72 4.71
CA SER B 93 -2.41 -23.78 4.41
C SER B 93 -1.97 -23.93 2.97
N ALA B 94 -1.69 -25.19 2.58
CA ALA B 94 -1.25 -25.52 1.24
C ALA B 94 -2.32 -25.47 0.17
N GLY B 95 -3.55 -25.68 0.60
CA GLY B 95 -4.67 -26.00 -0.29
C GLY B 95 -5.26 -24.84 -1.06
N THR B 96 -4.81 -23.62 -0.78
CA THR B 96 -5.29 -22.48 -1.52
C THR B 96 -4.59 -22.28 -2.90
N TYR B 97 -3.54 -23.07 -3.12
CA TYR B 97 -2.69 -22.96 -4.32
C TYR B 97 -3.45 -23.10 -5.62
N ARG B 98 -3.13 -22.26 -6.58
CA ARG B 98 -3.69 -22.38 -7.95
C ARG B 98 -2.52 -22.44 -8.90
N THR B 99 -2.53 -23.43 -9.77
CA THR B 99 -1.49 -23.54 -10.80
CA THR B 99 -1.50 -23.55 -10.77
C THR B 99 -1.57 -22.46 -11.85
N ALA B 100 -2.76 -21.88 -12.07
CA ALA B 100 -2.91 -20.88 -13.13
C ALA B 100 -1.94 -19.70 -12.93
N ASP B 101 -1.82 -19.22 -11.70
CA ASP B 101 -0.95 -18.10 -11.40
C ASP B 101 0.09 -18.34 -10.34
N GLY B 102 0.04 -19.52 -9.70
CA GLY B 102 0.94 -19.85 -8.65
C GLY B 102 0.63 -19.20 -7.29
N ARG B 103 -0.47 -18.45 -7.26
CA ARG B 103 -0.81 -17.73 -6.05
C ARG B 103 -1.48 -18.70 -5.06
N GLY B 104 -1.55 -18.28 -3.81
CA GLY B 104 -1.97 -19.21 -2.74
C GLY B 104 -0.88 -20.21 -2.46
N GLY B 105 -1.21 -21.21 -1.62
CA GLY B 105 -0.24 -22.10 -1.08
C GLY B 105 0.27 -21.74 0.30
N ALA B 106 1.12 -22.62 0.85
CA ALA B 106 1.59 -22.49 2.24
C ALA B 106 2.80 -21.60 2.39
N GLY B 107 3.41 -21.26 1.25
CA GLY B 107 4.77 -20.74 1.24
C GLY B 107 4.97 -19.34 1.80
N GLU B 108 3.88 -18.59 2.06
CA GLU B 108 3.99 -17.30 2.69
C GLU B 108 3.27 -17.20 4.03
N GLY B 109 2.77 -18.32 4.52
CA GLY B 109 2.03 -18.30 5.83
C GLY B 109 0.83 -17.41 5.86
N GLN B 110 0.19 -17.23 4.72
CA GLN B 110 -0.92 -16.29 4.60
C GLN B 110 -2.22 -16.69 5.33
N GLN B 111 -2.30 -17.95 5.82
CA GLN B 111 -3.47 -18.38 6.60
C GLN B 111 -3.70 -17.51 7.85
N ARG B 112 -2.66 -16.83 8.31
CA ARG B 112 -2.78 -16.04 9.53
C ARG B 112 -3.27 -14.59 9.27
N PHE B 113 -3.47 -14.24 8.01
CA PHE B 113 -3.92 -12.89 7.65
C PHE B 113 -5.30 -12.98 6.98
N ALA B 114 -5.95 -11.84 6.85
CA ALA B 114 -7.15 -11.73 6.02
C ALA B 114 -6.83 -11.92 4.54
N PRO B 115 -7.73 -12.53 3.76
CA PRO B 115 -9.01 -13.07 4.20
C PRO B 115 -8.96 -14.51 4.67
N LEU B 116 -7.86 -15.20 4.41
CA LEU B 116 -7.84 -16.65 4.63
C LEU B 116 -8.02 -17.03 6.09
N ASN B 117 -7.62 -16.18 7.03
CA ASN B 117 -7.85 -16.50 8.42
C ASN B 117 -9.29 -16.59 8.80
N SER B 118 -10.16 -16.10 7.91
CA SER B 118 -11.57 -15.96 8.19
C SER B 118 -12.45 -16.59 7.14
N TRP B 119 -11.85 -17.33 6.21
CA TRP B 119 -12.66 -18.09 5.25
C TRP B 119 -13.51 -19.10 6.03
N PRO B 120 -14.74 -19.30 5.62
CA PRO B 120 -15.56 -20.29 6.38
C PRO B 120 -14.92 -21.67 6.47
N ASN B 121 -14.28 -22.11 5.40
CA ASN B 121 -13.59 -23.41 5.37
C ASN B 121 -12.40 -23.48 6.31
N ASN B 122 -11.96 -22.34 6.85
CA ASN B 122 -10.85 -22.31 7.80
C ASN B 122 -11.35 -22.10 9.22
N ALA B 123 -12.62 -22.32 9.44
CA ALA B 123 -13.18 -22.18 10.80
C ALA B 123 -12.45 -23.09 11.79
N ASN B 124 -12.18 -22.53 12.95
CA ASN B 124 -11.48 -23.15 14.06
C ASN B 124 -10.04 -23.53 13.81
N LEU B 125 -9.52 -23.19 12.62
CA LEU B 125 -8.06 -23.24 12.46
C LEU B 125 -7.39 -22.07 13.18
N ASP B 126 -8.13 -21.04 13.53
CA ASP B 126 -7.64 -20.04 14.44
C ASP B 126 -7.23 -20.64 15.79
N LYS B 127 -7.96 -21.64 16.24
CA LYS B 127 -7.61 -22.36 17.49
C LYS B 127 -6.31 -23.12 17.29
N ALA B 128 -6.20 -23.77 16.15
CA ALA B 128 -5.00 -24.55 15.86
C ALA B 128 -3.75 -23.70 15.82
N ARG B 129 -3.85 -22.55 15.19
CA ARG B 129 -2.69 -21.63 15.18
C ARG B 129 -2.38 -21.08 16.56
N ARG B 130 -3.40 -20.79 17.37
CA ARG B 130 -3.20 -20.27 18.71
C ARG B 130 -2.49 -21.32 19.61
N LEU B 131 -2.80 -22.61 19.40
CA LEU B 131 -2.13 -23.69 20.16
C LEU B 131 -0.63 -23.70 19.87
N LEU B 132 -0.24 -23.20 18.69
CA LEU B 132 1.16 -23.15 18.30
C LEU B 132 1.94 -21.93 18.78
N TRP B 133 1.25 -20.91 19.27
CA TRP B 133 1.95 -19.73 19.73
C TRP B 133 3.08 -19.97 20.75
N PRO B 134 2.89 -20.85 21.73
CA PRO B 134 4.00 -21.00 22.64
C PRO B 134 5.28 -21.52 21.97
N ILE B 135 5.15 -22.43 21.02
CA ILE B 135 6.34 -22.91 20.30
C ILE B 135 6.92 -21.77 19.43
N LYS B 136 6.07 -21.07 18.69
CA LYS B 136 6.51 -19.95 17.88
C LYS B 136 7.28 -18.94 18.71
N GLN B 137 6.73 -18.62 19.88
CA GLN B 137 7.36 -17.69 20.80
C GLN B 137 8.71 -18.17 21.27
N LYS B 138 8.77 -19.45 21.61
CA LYS B 138 9.98 -20.05 22.12
C LYS B 138 11.14 -19.98 21.11
N TYR B 139 10.86 -20.28 19.85
CA TYR B 139 11.91 -20.33 18.84
C TYR B 139 12.09 -19.03 18.05
N GLY B 140 11.09 -18.17 18.10
CA GLY B 140 11.15 -16.82 17.54
C GLY B 140 11.45 -16.81 16.04
N ARG B 141 12.38 -15.95 15.63
CA ARG B 141 12.59 -15.69 14.20
CA ARG B 141 12.57 -15.71 14.19
C ARG B 141 13.20 -16.88 13.47
N ALA B 142 13.70 -17.84 14.22
CA ALA B 142 14.38 -19.00 13.64
C ALA B 142 13.40 -20.03 13.01
N ILE B 143 12.10 -19.95 13.31
CA ILE B 143 11.11 -20.69 12.55
C ILE B 143 9.96 -19.78 12.21
N SER B 144 9.71 -19.64 10.93
CA SER B 144 8.58 -18.86 10.50
C SER B 144 7.26 -19.54 10.79
N TRP B 145 6.19 -18.75 10.86
CA TRP B 145 4.87 -19.34 10.89
C TRP B 145 4.66 -20.25 9.69
N ALA B 146 5.08 -19.76 8.51
CA ALA B 146 4.84 -20.53 7.28
C ALA B 146 5.44 -21.92 7.40
N ASP B 147 6.69 -22.03 7.82
CA ASP B 147 7.33 -23.32 8.02
C ASP B 147 6.66 -24.11 9.15
N LEU B 148 6.34 -23.44 10.25
CA LEU B 148 5.75 -24.08 11.41
C LEU B 148 4.40 -24.75 11.11
N LEU B 149 3.57 -24.14 10.28
CA LEU B 149 2.27 -24.73 9.99
C LEU B 149 2.48 -26.08 9.28
N ILE B 150 3.45 -26.13 8.35
CA ILE B 150 3.68 -27.39 7.63
C ILE B 150 4.38 -28.40 8.52
N LEU B 151 5.39 -27.96 9.26
CA LEU B 151 6.12 -28.87 10.15
C LEU B 151 5.14 -29.51 11.15
N THR B 152 4.20 -28.72 11.64
CA THR B 152 3.21 -29.23 12.58
C THR B 152 2.34 -30.32 11.96
N GLY B 153 1.92 -30.14 10.72
CA GLY B 153 1.26 -31.22 10.01
C GLY B 153 2.07 -32.48 9.89
N ASN B 154 3.34 -32.33 9.52
CA ASN B 154 4.24 -33.46 9.48
C ASN B 154 4.33 -34.18 10.80
N VAL B 155 4.54 -33.42 11.87
CA VAL B 155 4.69 -34.05 13.17
C VAL B 155 3.37 -34.72 13.62
N ALA B 156 2.24 -34.15 13.25
CA ALA B 156 0.97 -34.81 13.54
C ALA B 156 0.90 -36.19 12.88
N LEU B 157 1.22 -36.25 11.57
CA LEU B 157 1.33 -37.51 10.87
C LEU B 157 2.29 -38.49 11.55
N GLU B 158 3.49 -38.02 11.90
CA GLU B 158 4.49 -38.88 12.48
C GLU B 158 4.02 -39.41 13.86
N SER B 159 3.45 -38.52 14.65
CA SER B 159 2.92 -38.85 15.96
C SER B 159 1.88 -39.97 15.89
N MET B 160 1.07 -39.93 14.83
CA MET B 160 0.00 -40.91 14.62
C MET B 160 0.40 -42.09 13.74
N GLY B 161 1.70 -42.28 13.56
CA GLY B 161 2.23 -43.50 12.99
C GLY B 161 2.50 -43.52 11.49
N PHE B 162 2.49 -42.36 10.87
CA PHE B 162 2.71 -42.29 9.41
C PHE B 162 4.06 -41.65 9.16
N LYS B 163 4.89 -42.35 8.40
CA LYS B 163 6.26 -41.88 8.11
C LYS B 163 6.17 -40.94 6.89
N THR B 164 6.56 -39.70 7.11
CA THR B 164 6.53 -38.75 5.99
C THR B 164 7.72 -38.90 5.06
N PHE B 165 7.60 -38.30 3.88
CA PHE B 165 8.60 -38.36 2.83
C PHE B 165 9.73 -37.38 3.09
N GLY B 166 9.50 -36.42 3.98
CA GLY B 166 10.52 -35.38 4.25
C GLY B 166 9.91 -34.01 4.54
N PHE B 167 10.77 -33.01 4.66
CA PHE B 167 10.35 -31.67 4.98
C PHE B 167 11.49 -30.76 4.60
N ALA B 168 11.16 -29.61 4.08
CA ALA B 168 12.14 -28.54 3.87
C ALA B 168 11.61 -27.29 4.59
N GLY B 169 12.51 -26.60 5.26
CA GLY B 169 12.27 -25.22 5.68
C GLY B 169 12.63 -24.22 4.59
N GLY B 170 12.39 -22.97 4.91
CA GLY B 170 12.78 -21.81 4.07
C GLY B 170 11.66 -20.97 3.58
N ARG B 171 10.42 -21.16 4.08
CA ARG B 171 9.31 -20.28 3.76
C ARG B 171 9.41 -19.06 4.64
N ALA B 172 9.90 -17.94 4.10
CA ALA B 172 10.01 -16.72 4.93
C ALA B 172 8.59 -16.21 5.26
N ASP B 173 8.40 -15.72 6.49
CA ASP B 173 7.14 -15.10 6.79
C ASP B 173 6.94 -13.81 5.98
N THR B 174 5.67 -13.46 5.82
CA THR B 174 5.25 -12.23 5.20
C THR B 174 4.44 -11.47 6.22
N TRP B 175 4.13 -10.22 5.95
CA TRP B 175 3.69 -9.33 7.04
C TRP B 175 2.43 -8.55 6.74
N GLU B 176 1.89 -8.80 5.58
CA GLU B 176 0.59 -8.26 5.20
C GLU B 176 -0.10 -9.16 4.20
N PRO B 177 -1.41 -9.04 4.08
CA PRO B 177 -2.11 -9.85 3.10
C PRO B 177 -1.62 -9.69 1.67
N GLU B 178 -1.58 -10.78 0.93
CA GLU B 178 -1.31 -10.79 -0.49
C GLU B 178 -2.56 -10.31 -1.21
N ASP B 179 -2.34 -9.64 -2.33
CA ASP B 179 -3.42 -9.21 -3.21
C ASP B 179 -3.69 -10.32 -4.21
N VAL B 180 -4.73 -11.09 -3.91
CA VAL B 180 -5.06 -12.24 -4.75
C VAL B 180 -6.51 -12.10 -5.20
N TYR B 181 -6.77 -12.41 -6.46
CA TYR B 181 -8.17 -12.51 -6.95
C TYR B 181 -8.72 -13.86 -6.53
N TRP B 182 -9.66 -13.87 -5.58
CA TRP B 182 -10.25 -15.10 -5.07
C TRP B 182 -11.64 -15.35 -5.64
N GLY B 183 -12.07 -14.42 -6.48
CA GLY B 183 -13.43 -14.44 -7.02
C GLY B 183 -14.12 -13.10 -6.86
N SER B 184 -15.28 -12.94 -7.51
CA SER B 184 -16.02 -11.67 -7.46
C SER B 184 -17.29 -11.75 -6.64
N GLU B 185 -17.63 -12.91 -6.09
CA GLU B 185 -18.87 -12.96 -5.28
C GLU B 185 -18.77 -12.04 -4.05
N LYS B 186 -19.92 -11.54 -3.63
CA LYS B 186 -20.03 -10.62 -2.47
C LYS B 186 -20.73 -11.29 -1.29
N ILE B 187 -20.97 -12.61 -1.42
CA ILE B 187 -21.59 -13.40 -0.38
C ILE B 187 -20.72 -14.64 -0.12
N TRP B 188 -20.33 -14.88 1.14
CA TRP B 188 -19.55 -16.09 1.44
C TRP B 188 -20.28 -17.33 0.95
N LEU B 189 -19.53 -18.26 0.35
CA LEU B 189 -20.05 -19.56 -0.03
C LEU B 189 -21.20 -19.52 -1.08
N GLU B 190 -21.35 -18.42 -1.78
CA GLU B 190 -22.46 -18.30 -2.71
C GLU B 190 -22.48 -19.45 -3.69
N LEU B 191 -23.65 -20.04 -3.91
CA LEU B 191 -23.77 -21.15 -4.87
C LEU B 191 -23.72 -20.58 -6.29
N SER B 192 -23.46 -21.44 -7.30
CA SER B 192 -23.15 -20.97 -8.64
C SER B 192 -24.36 -20.29 -9.33
N GLY B 193 -24.10 -19.52 -10.38
CA GLY B 193 -25.18 -18.97 -11.21
C GLY B 193 -25.67 -17.61 -10.75
N GLY B 194 -25.05 -17.04 -9.70
CA GLY B 194 -25.36 -15.72 -9.21
C GLY B 194 -24.80 -14.63 -10.08
N PRO B 195 -24.99 -13.37 -9.66
CA PRO B 195 -24.57 -12.23 -10.52
C PRO B 195 -23.08 -12.20 -10.77
N ASN B 196 -22.33 -12.80 -9.86
CA ASN B 196 -20.86 -12.87 -9.95
C ASN B 196 -20.35 -14.33 -10.06
N SER B 197 -21.08 -15.15 -10.79
CA SER B 197 -20.82 -16.57 -10.84
C SER B 197 -19.40 -16.83 -11.31
N ARG B 198 -18.72 -17.78 -10.65
CA ARG B 198 -17.41 -18.22 -11.11
C ARG B 198 -17.52 -19.36 -12.11
N TYR B 199 -18.76 -19.76 -12.41
CA TYR B 199 -19.03 -20.81 -13.38
C TYR B 199 -19.78 -20.24 -14.58
N SER B 200 -19.48 -20.78 -15.74
CA SER B 200 -20.33 -20.50 -16.95
C SER B 200 -20.31 -21.75 -17.81
N GLY B 201 -21.12 -21.77 -18.85
CA GLY B 201 -21.19 -22.93 -19.72
C GLY B 201 -21.51 -24.21 -18.97
N ASP B 202 -20.84 -25.30 -19.38
CA ASP B 202 -21.06 -26.62 -18.81
C ASP B 202 -20.13 -26.76 -17.59
N ARG B 203 -20.46 -26.01 -16.56
CA ARG B 203 -19.73 -26.01 -15.28
C ARG B 203 -18.23 -25.78 -15.50
N GLN B 204 -17.93 -24.70 -16.20
CA GLN B 204 -16.56 -24.28 -16.46
C GLN B 204 -16.16 -23.26 -15.43
N LEU B 205 -15.16 -23.60 -14.66
CA LEU B 205 -14.71 -22.71 -13.57
C LEU B 205 -13.79 -21.62 -14.19
N GLU B 206 -13.99 -20.36 -13.86
CA GLU B 206 -13.13 -19.31 -14.42
C GLU B 206 -11.71 -19.42 -13.91
N ASN B 207 -10.75 -19.29 -14.84
CA ASN B 207 -9.34 -19.09 -14.50
C ASN B 207 -9.17 -17.70 -13.90
N PRO B 208 -8.40 -17.53 -12.83
CA PRO B 208 -7.43 -18.48 -12.29
C PRO B 208 -7.95 -19.25 -11.05
N LEU B 209 -9.27 -19.32 -10.86
CA LEU B 209 -9.81 -19.89 -9.61
C LEU B 209 -9.69 -21.38 -9.54
N ALA B 210 -9.58 -21.91 -8.32
CA ALA B 210 -9.39 -23.33 -8.11
C ALA B 210 -10.25 -23.87 -6.99
N ALA B 211 -11.38 -23.19 -6.72
CA ALA B 211 -12.35 -23.62 -5.73
C ALA B 211 -13.73 -23.35 -6.25
N VAL B 212 -14.70 -24.11 -5.74
CA VAL B 212 -16.07 -24.12 -6.37
C VAL B 212 -16.98 -23.01 -5.81
N GLN B 213 -16.60 -22.48 -4.64
CA GLN B 213 -17.40 -21.46 -3.93
C GLN B 213 -16.40 -20.57 -3.16
N MET B 214 -16.78 -19.31 -3.02
CA MET B 214 -15.98 -18.33 -2.30
C MET B 214 -15.85 -18.72 -0.83
N GLY B 215 -14.62 -18.95 -0.39
CA GLY B 215 -14.34 -19.32 0.99
C GLY B 215 -14.17 -20.81 1.24
N LEU B 216 -14.20 -21.62 0.14
CA LEU B 216 -13.83 -23.03 0.20
C LEU B 216 -12.39 -23.22 -0.31
N ILE B 217 -11.78 -24.32 0.10
CA ILE B 217 -10.45 -24.69 -0.36
C ILE B 217 -10.51 -25.32 -1.75
N TYR B 218 -11.25 -26.43 -1.92
CA TYR B 218 -11.46 -27.01 -3.23
C TYR B 218 -12.96 -27.15 -3.58
N VAL B 219 -13.63 -28.08 -2.91
CA VAL B 219 -15.00 -28.39 -3.24
C VAL B 219 -15.92 -28.36 -2.03
N ASN B 220 -17.22 -28.51 -2.29
CA ASN B 220 -18.23 -28.54 -1.26
C ASN B 220 -18.39 -29.99 -0.74
N PRO B 221 -18.20 -30.23 0.55
CA PRO B 221 -18.25 -31.63 1.05
C PRO B 221 -19.65 -32.27 0.98
N GLU B 222 -20.68 -31.47 0.81
CA GLU B 222 -22.04 -32.04 0.60
C GLU B 222 -22.32 -32.44 -0.85
N GLY B 223 -21.52 -31.91 -1.76
CA GLY B 223 -21.72 -32.13 -3.22
C GLY B 223 -21.83 -30.78 -3.96
N PRO B 224 -21.88 -30.83 -5.29
CA PRO B 224 -21.83 -29.61 -6.08
C PRO B 224 -23.05 -28.72 -5.79
N ASP B 225 -22.76 -27.49 -5.36
CA ASP B 225 -23.79 -26.55 -4.93
C ASP B 225 -24.73 -27.17 -3.91
N GLY B 226 -24.18 -28.07 -3.10
CA GLY B 226 -24.95 -28.69 -2.04
C GLY B 226 -25.76 -29.92 -2.39
N ASN B 227 -25.68 -30.36 -3.63
CA ASN B 227 -26.47 -31.50 -4.13
C ASN B 227 -25.62 -32.79 -3.87
N PRO B 228 -26.13 -33.73 -3.05
CA PRO B 228 -25.32 -34.88 -2.60
C PRO B 228 -25.23 -36.03 -3.57
N ASP B 229 -24.58 -35.76 -4.71
CA ASP B 229 -24.37 -36.75 -5.79
C ASP B 229 -22.87 -36.98 -5.88
N PRO B 230 -22.39 -38.13 -5.40
CA PRO B 230 -20.93 -38.39 -5.36
C PRO B 230 -20.29 -38.39 -6.73
N VAL B 231 -21.07 -38.76 -7.74
CA VAL B 231 -20.49 -38.81 -9.10
C VAL B 231 -20.26 -37.44 -9.64
N ALA B 232 -21.24 -36.55 -9.50
CA ALA B 232 -21.07 -35.16 -9.89
C ALA B 232 -20.01 -34.49 -8.97
N ALA B 233 -19.97 -34.83 -7.70
CA ALA B 233 -18.92 -34.23 -6.83
C ALA B 233 -17.56 -34.57 -7.35
N ALA B 234 -17.40 -35.80 -7.87
CA ALA B 234 -16.09 -36.25 -8.33
C ALA B 234 -15.57 -35.34 -9.45
N ARG B 235 -16.49 -34.87 -10.28
CA ARG B 235 -16.08 -34.04 -11.38
C ARG B 235 -15.49 -32.70 -10.85
N ASP B 236 -16.10 -32.14 -9.81
CA ASP B 236 -15.57 -30.94 -9.18
C ASP B 236 -14.22 -31.21 -8.48
N ILE B 237 -14.11 -32.35 -7.81
CA ILE B 237 -12.86 -32.75 -7.19
C ILE B 237 -11.75 -32.85 -8.21
N ARG B 238 -12.03 -33.53 -9.31
CA ARG B 238 -11.02 -33.72 -10.32
C ARG B 238 -10.55 -32.36 -10.90
N ASP B 239 -11.50 -31.50 -11.20
CA ASP B 239 -11.18 -30.20 -11.83
C ASP B 239 -10.40 -29.33 -10.85
N THR B 240 -10.88 -29.19 -9.62
CA THR B 240 -10.21 -28.27 -8.68
C THR B 240 -8.85 -28.82 -8.26
N PHE B 241 -8.75 -30.14 -8.03
CA PHE B 241 -7.45 -30.68 -7.74
C PHE B 241 -6.46 -30.55 -8.91
N ALA B 242 -6.92 -30.69 -10.16
CA ALA B 242 -6.03 -30.47 -11.30
C ALA B 242 -5.55 -29.05 -11.35
N ARG B 243 -6.41 -28.15 -10.94
CA ARG B 243 -6.04 -26.74 -10.86
C ARG B 243 -5.16 -26.41 -9.65
N MET B 244 -4.87 -27.42 -8.82
CA MET B 244 -3.90 -27.32 -7.77
C MET B 244 -2.70 -28.24 -7.98
N ALA B 245 -2.56 -28.71 -9.23
CA ALA B 245 -1.42 -29.49 -9.69
C ALA B 245 -1.44 -30.96 -9.32
N MET B 246 -2.62 -31.51 -9.01
CA MET B 246 -2.73 -32.87 -8.60
C MET B 246 -3.53 -33.67 -9.59
N ASN B 247 -3.02 -34.88 -9.86
CA ASN B 247 -3.69 -35.81 -10.79
C ASN B 247 -4.59 -36.79 -10.01
N ASP B 248 -5.20 -37.77 -10.69
CA ASP B 248 -6.12 -38.66 -10.01
C ASP B 248 -5.48 -39.43 -8.88
N GLU B 249 -4.32 -40.03 -9.12
CA GLU B 249 -3.71 -40.86 -8.12
C GLU B 249 -3.36 -40.02 -6.88
N GLU B 250 -2.80 -38.84 -7.12
CA GLU B 250 -2.45 -37.93 -6.01
C GLU B 250 -3.67 -37.49 -5.21
N THR B 251 -4.75 -37.21 -5.93
CA THR B 251 -6.02 -36.78 -5.37
C THR B 251 -6.66 -37.83 -4.47
N VAL B 252 -6.78 -39.05 -4.96
CA VAL B 252 -7.30 -40.14 -4.14
C VAL B 252 -6.39 -40.35 -2.90
N ALA B 253 -5.07 -40.36 -3.09
CA ALA B 253 -4.15 -40.59 -2.00
C ALA B 253 -4.31 -39.54 -0.92
N LEU B 254 -4.42 -38.26 -1.34
CA LEU B 254 -4.52 -37.14 -0.38
C LEU B 254 -5.82 -37.19 0.39
N ILE B 255 -6.95 -37.42 -0.31
CA ILE B 255 -8.22 -37.34 0.36
C ILE B 255 -8.38 -38.52 1.34
N ALA B 256 -8.09 -39.73 0.88
CA ALA B 256 -8.20 -40.93 1.70
C ALA B 256 -7.15 -40.94 2.81
N GLY B 257 -5.96 -40.40 2.52
CA GLY B 257 -4.93 -40.26 3.54
C GLY B 257 -5.33 -39.30 4.62
N GLY B 258 -5.78 -38.11 4.22
CA GLY B 258 -6.24 -37.13 5.20
C GLY B 258 -7.34 -37.69 6.09
N HIS B 259 -8.34 -38.30 5.44
CA HIS B 259 -9.57 -38.73 6.14
C HIS B 259 -9.39 -40.12 6.77
N THR B 260 -8.16 -40.56 6.86
CA THR B 260 -7.79 -41.64 7.77
C THR B 260 -7.78 -41.12 9.21
N PHE B 261 -7.67 -39.80 9.38
CA PHE B 261 -7.47 -39.21 10.69
C PHE B 261 -8.62 -38.29 11.10
N GLY B 262 -8.87 -38.24 12.39
CA GLY B 262 -9.64 -37.19 12.96
C GLY B 262 -11.14 -37.29 12.73
N LYS B 263 -11.80 -36.15 12.69
CA LYS B 263 -13.27 -36.09 12.51
C LYS B 263 -13.69 -34.71 12.07
N THR B 264 -14.95 -34.59 11.62
CA THR B 264 -15.58 -33.31 11.38
C THR B 264 -16.36 -32.87 12.60
N HIS B 265 -16.92 -31.66 12.54
CA HIS B 265 -17.59 -31.09 13.70
C HIS B 265 -18.88 -30.41 13.26
N GLY B 266 -20.00 -30.95 13.75
CA GLY B 266 -21.31 -30.41 13.43
C GLY B 266 -22.35 -30.80 14.46
N ALA B 267 -22.07 -30.46 15.73
CA ALA B 267 -22.84 -31.03 16.83
C ALA B 267 -24.22 -30.37 17.03
N GLY B 268 -24.40 -29.18 16.47
CA GLY B 268 -25.65 -28.42 16.54
C GLY B 268 -25.77 -27.47 15.41
N PRO B 269 -26.88 -26.71 15.36
CA PRO B 269 -27.12 -25.90 14.23
C PRO B 269 -26.06 -24.79 14.04
N ALA B 270 -25.79 -24.45 12.78
CA ALA B 270 -24.73 -23.49 12.46
C ALA B 270 -25.07 -22.12 12.94
N SER B 271 -26.35 -21.85 13.16
CA SER B 271 -26.77 -20.55 13.60
C SER B 271 -26.20 -20.22 14.99
N ASN B 272 -25.74 -21.22 15.74
CA ASN B 272 -25.07 -20.97 17.00
C ASN B 272 -23.68 -20.29 16.86
N VAL B 273 -23.11 -20.37 15.67
CA VAL B 273 -21.70 -19.94 15.44
C VAL B 273 -21.63 -18.46 15.09
N GLY B 274 -20.86 -17.70 15.85
CA GLY B 274 -20.75 -16.25 15.66
C GLY B 274 -19.61 -15.85 14.71
N ALA B 275 -19.23 -14.59 14.83
CA ALA B 275 -18.44 -13.88 13.81
C ALA B 275 -17.11 -14.54 13.60
N GLU B 276 -16.72 -14.60 12.35
CA GLU B 276 -15.40 -15.00 11.92
C GLU B 276 -14.35 -14.05 12.51
N PRO B 277 -13.08 -14.48 12.54
CA PRO B 277 -12.09 -13.67 13.28
C PRO B 277 -12.05 -12.19 12.88
N GLU B 278 -12.01 -11.87 11.58
CA GLU B 278 -11.86 -10.47 11.19
C GLU B 278 -13.09 -9.61 11.59
N ALA B 279 -14.19 -10.26 11.90
CA ALA B 279 -15.45 -9.57 12.31
C ALA B 279 -15.70 -9.59 13.78
N ALA B 280 -14.90 -10.34 14.53
CA ALA B 280 -15.19 -10.52 15.92
C ALA B 280 -14.81 -9.32 16.73
N GLY B 281 -15.29 -9.25 17.96
CA GLY B 281 -14.95 -8.17 18.86
C GLY B 281 -13.46 -8.21 19.26
N ILE B 282 -12.98 -7.05 19.67
CA ILE B 282 -11.60 -6.89 20.08
C ILE B 282 -11.25 -7.83 21.26
N GLU B 283 -12.24 -8.12 22.12
CA GLU B 283 -11.96 -9.00 23.25
C GLU B 283 -11.68 -10.45 22.86
N ALA B 284 -12.08 -10.82 21.66
CA ALA B 284 -11.83 -12.19 21.16
C ALA B 284 -10.34 -12.42 20.85
N GLN B 285 -9.58 -11.34 20.82
CA GLN B 285 -8.12 -11.39 20.70
C GLN B 285 -7.68 -12.33 19.57
N GLY B 286 -8.27 -12.09 18.41
CA GLY B 286 -7.83 -12.73 17.19
C GLY B 286 -8.46 -14.09 16.86
N LEU B 287 -9.32 -14.58 17.73
CA LEU B 287 -10.09 -15.78 17.47
C LEU B 287 -11.50 -15.46 17.01
N GLY B 288 -12.20 -16.47 16.51
CA GLY B 288 -13.54 -16.26 16.00
C GLY B 288 -14.43 -17.50 16.11
N TRP B 289 -15.57 -17.42 15.45
CA TRP B 289 -16.55 -18.55 15.38
C TRP B 289 -16.97 -19.02 16.77
N LYS B 290 -17.05 -18.10 17.72
CA LYS B 290 -17.48 -18.45 19.08
C LYS B 290 -18.88 -19.03 18.98
N SER B 291 -19.10 -20.20 19.59
CA SER B 291 -20.39 -20.88 19.47
C SER B 291 -21.21 -20.85 20.76
N ALA B 292 -22.51 -20.62 20.60
CA ALA B 292 -23.48 -20.60 21.69
C ALA B 292 -24.04 -22.00 21.92
N TYR B 293 -23.58 -23.02 21.19
CA TYR B 293 -24.16 -24.36 21.31
C TYR B 293 -23.53 -25.11 22.46
N ARG B 294 -24.28 -25.34 23.54
CA ARG B 294 -23.76 -26.05 24.70
C ARG B 294 -22.44 -25.43 25.15
N THR B 295 -21.36 -26.21 25.35
CA THR B 295 -20.09 -25.64 25.77
C THR B 295 -19.35 -24.89 24.65
N GLY B 296 -19.81 -25.02 23.41
CA GLY B 296 -19.21 -24.26 22.30
C GLY B 296 -17.91 -24.83 21.76
N LYS B 297 -17.54 -26.02 22.21
CA LYS B 297 -16.20 -26.59 21.99
C LYS B 297 -16.20 -28.09 22.28
N GLY B 298 -15.11 -28.76 21.95
CA GLY B 298 -14.95 -30.19 22.30
C GLY B 298 -16.04 -31.05 21.72
N ALA B 299 -16.74 -31.77 22.61
CA ALA B 299 -17.86 -32.57 22.18
C ALA B 299 -18.97 -31.81 21.46
N ASP B 300 -19.09 -30.51 21.76
CA ASP B 300 -20.15 -29.67 21.22
C ASP B 300 -19.66 -28.85 19.98
N ALA B 301 -18.43 -29.09 19.51
CA ALA B 301 -17.86 -28.26 18.43
C ALA B 301 -18.69 -28.26 17.17
N ILE B 302 -18.73 -27.08 16.54
CA ILE B 302 -19.30 -26.90 15.24
C ILE B 302 -18.28 -26.14 14.35
N THR B 303 -17.89 -26.79 13.25
CA THR B 303 -16.94 -26.25 12.32
C THR B 303 -17.56 -26.22 10.94
N SER B 304 -17.66 -27.37 10.28
CA SER B 304 -18.29 -27.46 8.96
C SER B 304 -19.81 -27.64 9.02
N GLY B 305 -20.31 -28.15 10.13
CA GLY B 305 -21.70 -28.55 10.22
C GLY B 305 -21.94 -30.02 9.90
N LEU B 306 -20.91 -30.73 9.47
CA LEU B 306 -20.98 -32.16 9.25
C LEU B 306 -20.52 -32.89 10.50
N GLU B 307 -20.99 -34.11 10.69
CA GLU B 307 -20.64 -34.89 11.84
C GLU B 307 -20.25 -36.30 11.42
N VAL B 308 -18.99 -36.45 11.03
CA VAL B 308 -18.49 -37.68 10.38
C VAL B 308 -17.16 -38.01 11.07
N THR B 309 -16.97 -39.28 11.42
CA THR B 309 -15.69 -39.79 11.89
C THR B 309 -15.42 -41.03 11.05
N TRP B 310 -14.29 -41.02 10.31
CA TRP B 310 -14.08 -41.99 9.25
C TRP B 310 -13.63 -43.37 9.70
N THR B 311 -12.78 -43.43 10.72
CA THR B 311 -12.14 -44.71 11.05
C THR B 311 -12.31 -45.12 12.51
N THR B 312 -12.03 -46.41 12.76
CA THR B 312 -12.09 -46.99 14.09
C THR B 312 -10.91 -46.58 14.95
N THR B 313 -9.88 -45.96 14.37
CA THR B 313 -8.77 -45.43 15.14
C THR B 313 -8.37 -44.03 14.64
N PRO B 314 -9.13 -43.00 15.01
CA PRO B 314 -8.90 -41.70 14.35
C PRO B 314 -7.59 -41.05 14.69
N THR B 315 -6.86 -41.58 15.66
CA THR B 315 -5.57 -41.00 16.03
C THR B 315 -4.40 -41.89 15.65
N GLN B 316 -4.66 -42.87 14.77
CA GLN B 316 -3.61 -43.78 14.31
C GLN B 316 -3.77 -44.08 12.87
N TRP B 317 -2.67 -43.99 12.12
CA TRP B 317 -2.62 -44.44 10.76
C TRP B 317 -3.13 -45.89 10.66
N SER B 318 -3.98 -46.12 9.66
CA SER B 318 -4.67 -47.41 9.50
C SER B 318 -4.95 -47.59 8.01
N HIS B 319 -5.50 -48.75 7.67
CA HIS B 319 -6.04 -48.96 6.35
C HIS B 319 -7.57 -49.04 6.39
N ASN B 320 -8.16 -48.40 7.40
CA ASN B 320 -9.58 -48.53 7.67
C ASN B 320 -10.45 -47.61 6.83
N PHE B 321 -9.88 -46.55 6.25
CA PHE B 321 -10.69 -45.72 5.37
C PHE B 321 -11.28 -46.53 4.18
N PHE B 322 -10.42 -47.23 3.47
CA PHE B 322 -10.88 -47.97 2.30
C PHE B 322 -11.62 -49.27 2.69
N GLU B 323 -11.30 -49.83 3.84
CA GLU B 323 -12.13 -50.94 4.37
C GLU B 323 -13.55 -50.48 4.52
N ASN B 324 -13.76 -49.32 5.15
CA ASN B 324 -15.12 -48.82 5.34
C ASN B 324 -15.74 -48.44 4.00
N LEU B 325 -15.01 -47.71 3.17
CA LEU B 325 -15.57 -47.16 1.95
C LEU B 325 -16.20 -48.30 1.10
N PHE B 326 -15.46 -49.38 0.96
CA PHE B 326 -15.88 -50.50 0.12
C PHE B 326 -16.72 -51.53 0.88
N GLY B 327 -16.60 -51.60 2.21
CA GLY B 327 -17.17 -52.73 2.99
C GLY B 327 -18.59 -52.52 3.41
N TYR B 328 -19.10 -51.32 3.22
CA TYR B 328 -20.50 -51.00 3.50
C TYR B 328 -21.17 -50.38 2.29
N GLU B 329 -22.50 -50.47 2.28
CA GLU B 329 -23.32 -49.62 1.45
C GLU B 329 -23.77 -48.43 2.24
N TRP B 330 -24.06 -47.33 1.54
CA TRP B 330 -24.19 -46.03 2.18
C TRP B 330 -25.55 -45.44 1.97
N GLU B 331 -26.04 -44.80 3.02
CA GLU B 331 -27.36 -44.22 3.07
C GLU B 331 -27.24 -42.74 3.39
N LEU B 332 -28.00 -41.96 2.65
CA LEU B 332 -28.01 -40.53 2.81
C LEU B 332 -28.73 -40.16 4.06
N THR B 333 -28.12 -39.29 4.82
CA THR B 333 -28.66 -38.83 6.09
C THR B 333 -28.27 -37.36 6.31
N LYS B 334 -28.60 -36.84 7.47
CA LYS B 334 -28.33 -35.46 7.83
C LYS B 334 -27.64 -35.39 9.16
N SER B 335 -26.66 -34.48 9.25
CA SER B 335 -26.03 -34.21 10.51
C SER B 335 -26.96 -33.46 11.45
N PRO B 336 -26.51 -33.26 12.71
CA PRO B 336 -27.32 -32.46 13.62
C PRO B 336 -27.44 -31.00 13.23
N ALA B 337 -26.61 -30.52 12.31
CA ALA B 337 -26.78 -29.18 11.81
C ALA B 337 -27.64 -29.10 10.58
N GLY B 338 -28.03 -30.26 10.04
CA GLY B 338 -28.79 -30.27 8.82
C GLY B 338 -28.04 -30.48 7.52
N ALA B 339 -26.75 -30.85 7.59
CA ALA B 339 -25.97 -31.03 6.38
C ALA B 339 -26.08 -32.47 5.87
N HIS B 340 -25.97 -32.63 4.57
CA HIS B 340 -26.03 -33.95 3.95
C HIS B 340 -24.72 -34.72 4.20
N GLN B 341 -24.85 -35.96 4.65
CA GLN B 341 -23.74 -36.87 4.79
C GLN B 341 -24.27 -38.32 4.74
N TRP B 342 -23.40 -39.27 4.91
CA TRP B 342 -23.74 -40.67 4.63
C TRP B 342 -23.42 -41.54 5.84
N VAL B 343 -24.28 -42.54 6.08
CA VAL B 343 -24.06 -43.51 7.14
C VAL B 343 -24.09 -44.96 6.59
N ALA B 344 -23.30 -45.83 7.20
CA ALA B 344 -23.14 -47.20 6.71
C ALA B 344 -24.39 -48.05 7.06
N LYS B 345 -25.01 -48.61 6.03
CA LYS B 345 -26.26 -49.43 6.22
C LYS B 345 -25.94 -50.69 6.99
N GLY B 346 -26.70 -50.92 8.04
CA GLY B 346 -26.61 -52.14 8.84
C GLY B 346 -25.39 -52.28 9.70
N ALA B 347 -24.59 -51.23 9.85
CA ALA B 347 -23.33 -51.39 10.51
C ALA B 347 -23.55 -51.40 12.00
N ASP B 348 -22.62 -52.02 12.70
CA ASP B 348 -22.49 -51.90 14.13
C ASP B 348 -21.84 -50.54 14.50
N ALA B 349 -21.98 -50.15 15.76
CA ALA B 349 -21.33 -48.96 16.30
C ALA B 349 -19.88 -49.28 16.66
N VAL B 350 -18.96 -49.05 15.71
CA VAL B 350 -17.60 -49.43 15.86
C VAL B 350 -16.64 -48.23 15.96
N ILE B 351 -17.13 -47.05 15.65
CA ILE B 351 -16.28 -45.83 15.60
C ILE B 351 -16.26 -45.18 16.98
N PRO B 352 -15.08 -44.91 17.52
CA PRO B 352 -15.10 -44.31 18.86
C PRO B 352 -15.62 -42.90 18.89
N ASP B 353 -16.14 -42.50 20.03
CA ASP B 353 -16.53 -41.11 20.30
C ASP B 353 -15.28 -40.32 20.72
N ALA B 354 -15.26 -39.03 20.42
CA ALA B 354 -14.09 -38.20 20.68
C ALA B 354 -13.92 -37.84 22.15
N PHE B 355 -15.00 -37.92 22.93
CA PHE B 355 -14.94 -37.57 24.35
C PHE B 355 -15.52 -38.57 25.36
N ASP B 356 -16.51 -39.33 24.93
CA ASP B 356 -17.24 -40.22 25.89
C ASP B 356 -16.87 -41.64 25.59
N PRO B 357 -16.06 -42.28 26.46
CA PRO B 357 -15.70 -43.71 26.20
C PRO B 357 -16.87 -44.68 26.23
N SER B 358 -18.04 -44.26 26.68
CA SER B 358 -19.20 -45.17 26.67
C SER B 358 -19.99 -45.13 25.34
N LYS B 359 -19.57 -44.28 24.40
CA LYS B 359 -20.33 -44.09 23.16
C LYS B 359 -19.50 -44.60 21.99
N LYS B 360 -20.18 -45.23 21.04
CA LYS B 360 -19.59 -45.58 19.76
C LYS B 360 -20.57 -45.23 18.67
N HIS B 361 -20.09 -45.19 17.42
CA HIS B 361 -20.89 -44.65 16.32
C HIS B 361 -20.74 -45.55 15.13
N ARG B 362 -21.73 -45.47 14.24
CA ARG B 362 -21.60 -46.22 12.99
C ARG B 362 -20.61 -45.45 12.11
N PRO B 363 -19.97 -46.17 11.18
CA PRO B 363 -19.21 -45.49 10.13
C PRO B 363 -20.02 -44.52 9.30
N THR B 364 -19.38 -43.39 8.98
CA THR B 364 -19.97 -42.33 8.22
C THR B 364 -18.96 -41.84 7.16
N MET B 365 -19.47 -41.16 6.15
CA MET B 365 -18.67 -40.62 5.05
C MET B 365 -19.29 -39.33 4.53
N LEU B 366 -18.44 -38.49 3.94
CA LEU B 366 -18.92 -37.36 3.16
C LEU B 366 -19.31 -37.80 1.75
N THR B 367 -20.15 -37.01 1.10
CA THR B 367 -20.41 -37.18 -0.33
C THR B 367 -19.12 -37.29 -1.12
N THR B 368 -18.18 -36.41 -0.82
CA THR B 368 -16.91 -36.34 -1.57
C THR B 368 -15.92 -37.51 -1.26
N ASP B 369 -16.13 -38.19 -0.12
CA ASP B 369 -15.44 -39.43 0.15
C ASP B 369 -16.03 -40.53 -0.73
N LEU B 370 -17.36 -40.54 -0.86
CA LEU B 370 -17.99 -41.54 -1.71
C LEU B 370 -17.59 -41.37 -3.18
N SER B 371 -17.27 -40.14 -3.60
CA SER B 371 -16.71 -39.93 -4.95
C SER B 371 -15.56 -40.85 -5.27
N LEU B 372 -14.80 -41.24 -4.24
CA LEU B 372 -13.59 -42.03 -4.47
C LEU B 372 -13.94 -43.49 -4.84
N ARG B 373 -15.16 -43.89 -4.55
CA ARG B 373 -15.70 -45.18 -4.95
C ARG B 373 -16.61 -45.14 -6.17
N PHE B 374 -17.37 -44.06 -6.34
CA PHE B 374 -18.46 -44.07 -7.35
C PHE B 374 -18.10 -43.35 -8.66
N ASP B 375 -16.98 -42.64 -8.70
CA ASP B 375 -16.39 -42.18 -9.93
C ASP B 375 -15.57 -43.32 -10.49
N PRO B 376 -15.80 -43.72 -11.74
CA PRO B 376 -15.15 -44.97 -12.16
C PRO B 376 -13.65 -44.91 -12.22
N ALA B 377 -13.09 -43.77 -12.54
CA ALA B 377 -11.63 -43.68 -12.59
C ALA B 377 -11.04 -43.69 -11.18
N TYR B 378 -11.65 -42.96 -10.25
CA TYR B 378 -11.20 -43.02 -8.86
C TYR B 378 -11.38 -44.44 -8.26
N GLU B 379 -12.47 -45.12 -8.60
CA GLU B 379 -12.73 -46.42 -8.06
C GLU B 379 -11.59 -47.39 -8.31
N LYS B 380 -10.96 -47.31 -9.47
CA LYS B 380 -9.88 -48.21 -9.80
C LYS B 380 -8.66 -47.98 -8.94
N ILE B 381 -8.37 -46.71 -8.70
CA ILE B 381 -7.25 -46.31 -7.83
C ILE B 381 -7.54 -46.66 -6.36
N SER B 382 -8.73 -46.33 -5.90
CA SER B 382 -9.17 -46.66 -4.59
C SER B 382 -9.07 -48.16 -4.33
N ARG B 383 -9.51 -48.94 -5.30
CA ARG B 383 -9.47 -50.40 -5.15
C ARG B 383 -8.02 -50.89 -5.07
N ARG B 384 -7.15 -50.37 -5.91
CA ARG B 384 -5.76 -50.70 -5.88
C ARG B 384 -5.12 -50.34 -4.50
N PHE B 385 -5.44 -49.16 -3.98
CA PHE B 385 -4.97 -48.75 -2.68
C PHE B 385 -5.52 -49.62 -1.53
N HIS B 386 -6.80 -50.02 -1.63
CA HIS B 386 -7.42 -50.95 -0.67
C HIS B 386 -6.69 -52.33 -0.68
N GLU B 387 -6.41 -52.84 -1.87
CA GLU B 387 -5.77 -54.16 -2.01
C GLU B 387 -4.28 -54.09 -1.73
N ASN B 388 -3.66 -52.91 -1.89
CA ASN B 388 -2.22 -52.74 -1.76
C ASN B 388 -1.88 -51.52 -0.88
N PRO B 389 -2.09 -51.65 0.43
CA PRO B 389 -1.99 -50.49 1.28
C PRO B 389 -0.61 -49.87 1.28
N GLU B 390 0.44 -50.64 0.99
CA GLU B 390 1.76 -50.05 0.91
C GLU B 390 1.87 -49.06 -0.27
N GLN B 391 1.15 -49.32 -1.36
CA GLN B 391 1.10 -48.38 -2.46
C GLN B 391 0.37 -47.08 -2.05
N PHE B 392 -0.70 -47.22 -1.30
CA PHE B 392 -1.45 -46.07 -0.76
C PHE B 392 -0.57 -45.21 0.14
N ALA B 393 0.18 -45.88 1.03
CA ALA B 393 1.03 -45.16 1.99
C ALA B 393 2.08 -44.35 1.24
N ASP B 394 2.68 -44.96 0.24
CA ASP B 394 3.75 -44.30 -0.49
C ASP B 394 3.20 -43.16 -1.33
N ALA B 395 2.06 -43.38 -1.95
CA ALA B 395 1.47 -42.32 -2.76
C ALA B 395 1.04 -41.13 -1.92
N PHE B 396 0.46 -41.40 -0.75
CA PHE B 396 0.07 -40.33 0.19
C PHE B 396 1.28 -39.58 0.69
N ALA B 397 2.37 -40.28 1.02
CA ALA B 397 3.54 -39.57 1.53
C ALA B 397 4.07 -38.64 0.46
N ARG B 398 4.12 -39.13 -0.79
CA ARG B 398 4.70 -38.34 -1.89
C ARG B 398 3.78 -37.16 -2.18
N ALA B 399 2.47 -37.41 -2.18
CA ALA B 399 1.51 -36.36 -2.46
C ALA B 399 1.46 -35.30 -1.36
N TRP B 400 1.58 -35.73 -0.11
CA TRP B 400 1.67 -34.76 0.99
C TRP B 400 2.88 -33.84 0.86
N PHE B 401 4.04 -34.42 0.54
CA PHE B 401 5.22 -33.63 0.31
C PHE B 401 5.00 -32.61 -0.84
N LYS B 402 4.48 -33.09 -1.95
CA LYS B 402 4.21 -32.23 -3.09
C LYS B 402 3.24 -31.09 -2.74
N LEU B 403 2.12 -31.48 -2.12
CA LEU B 403 1.10 -30.53 -1.68
C LEU B 403 1.75 -29.38 -0.86
N THR B 404 2.59 -29.74 0.10
CA THR B 404 3.10 -28.83 1.07
C THR B 404 4.38 -28.09 0.63
N HIS B 405 4.92 -28.50 -0.51
CA HIS B 405 6.15 -27.89 -1.05
C HIS B 405 5.97 -27.34 -2.48
N ARG B 406 4.75 -27.42 -3.03
CA ARG B 406 4.58 -27.17 -4.47
CA ARG B 406 4.50 -27.13 -4.47
C ARG B 406 4.91 -25.74 -4.87
N ASP B 407 4.84 -24.81 -3.92
CA ASP B 407 5.09 -23.40 -4.15
C ASP B 407 6.40 -22.90 -3.64
N MET B 408 7.32 -23.79 -3.31
CA MET B 408 8.58 -23.40 -2.73
C MET B 408 9.68 -23.05 -3.74
N GLY B 409 9.49 -23.45 -4.98
CA GLY B 409 10.41 -23.14 -6.07
C GLY B 409 11.53 -24.15 -6.18
N PRO B 410 12.64 -23.70 -6.72
CA PRO B 410 13.73 -24.61 -7.02
C PRO B 410 14.26 -25.26 -5.73
N ARG B 411 14.77 -26.47 -5.86
CA ARG B 411 15.30 -27.23 -4.69
C ARG B 411 16.41 -26.47 -3.97
N ALA B 412 17.10 -25.57 -4.66
CA ALA B 412 18.05 -24.71 -3.99
C ALA B 412 17.51 -23.89 -2.79
N ARG B 413 16.20 -23.67 -2.74
CA ARG B 413 15.57 -22.96 -1.63
C ARG B 413 15.27 -23.85 -0.42
N TYR B 414 15.39 -25.16 -0.58
CA TYR B 414 15.00 -26.13 0.46
C TYR B 414 16.03 -26.22 1.54
N LEU B 415 15.63 -26.00 2.77
CA LEU B 415 16.57 -25.97 3.89
C LEU B 415 16.37 -27.09 4.91
N GLY B 416 17.47 -27.47 5.56
CA GLY B 416 17.42 -28.24 6.77
C GLY B 416 17.78 -29.69 6.53
N PRO B 417 17.71 -30.49 7.58
CA PRO B 417 18.24 -31.86 7.54
C PRO B 417 17.26 -32.91 7.07
N GLU B 418 16.02 -32.56 6.79
CA GLU B 418 15.00 -33.53 6.35
C GLU B 418 14.58 -33.45 4.88
N VAL B 419 15.37 -32.75 4.08
CA VAL B 419 15.03 -32.55 2.66
C VAL B 419 15.23 -33.87 1.96
N PRO B 420 14.22 -34.34 1.21
CA PRO B 420 14.37 -35.57 0.47
C PRO B 420 15.40 -35.44 -0.63
N ALA B 421 16.26 -36.43 -0.71
CA ALA B 421 17.32 -36.50 -1.75
C ALA B 421 16.71 -36.70 -3.15
N GLU B 422 15.61 -37.44 -3.21
CA GLU B 422 15.03 -37.79 -4.49
C GLU B 422 14.56 -36.50 -5.21
N VAL B 423 14.96 -36.39 -6.47
CA VAL B 423 14.51 -35.30 -7.33
C VAL B 423 13.24 -35.64 -7.99
N LEU B 424 12.25 -34.77 -7.89
CA LEU B 424 10.93 -35.07 -8.38
C LEU B 424 10.63 -34.22 -9.61
N LEU B 425 9.89 -34.80 -10.55
CA LEU B 425 9.63 -34.12 -11.82
C LEU B 425 8.90 -32.81 -11.60
N TRP B 426 8.02 -32.77 -10.59
CA TRP B 426 7.22 -31.60 -10.40
C TRP B 426 8.01 -30.40 -9.95
N GLN B 427 9.24 -30.62 -9.43
CA GLN B 427 10.17 -29.54 -9.01
C GLN B 427 10.86 -28.77 -10.20
N ASP B 428 10.55 -29.16 -11.41
CA ASP B 428 11.20 -28.59 -12.63
C ASP B 428 12.71 -28.60 -12.44
N PRO B 429 13.28 -29.76 -12.20
CA PRO B 429 14.66 -29.83 -11.74
C PRO B 429 15.68 -29.30 -12.78
N ILE B 430 16.73 -28.75 -12.22
CA ILE B 430 17.88 -28.23 -12.98
C ILE B 430 19.09 -29.08 -12.61
N PRO B 431 19.77 -29.64 -13.59
CA PRO B 431 20.98 -30.42 -13.25
C PRO B 431 22.04 -29.62 -12.49
N ALA B 432 22.82 -30.30 -11.69
CA ALA B 432 23.92 -29.66 -11.02
C ALA B 432 25.01 -29.30 -12.03
N VAL B 433 25.70 -28.21 -11.77
CA VAL B 433 26.83 -27.85 -12.57
C VAL B 433 28.08 -28.51 -12.00
N ASP B 434 28.84 -29.11 -12.87
CA ASP B 434 29.94 -29.99 -12.46
C ASP B 434 31.26 -29.57 -13.13
N HIS B 435 31.36 -28.34 -13.61
CA HIS B 435 32.49 -27.92 -14.42
C HIS B 435 32.76 -26.43 -14.13
N PRO B 436 33.96 -25.95 -14.49
CA PRO B 436 34.23 -24.52 -14.32
C PRO B 436 33.27 -23.68 -15.15
N LEU B 437 32.94 -22.51 -14.64
CA LEU B 437 32.13 -21.56 -15.33
C LEU B 437 32.94 -20.60 -16.14
N ILE B 438 32.32 -20.00 -17.14
CA ILE B 438 32.91 -18.92 -17.86
C ILE B 438 33.22 -17.72 -16.97
N ASP B 439 34.34 -17.09 -17.28
CA ASP B 439 34.79 -15.90 -16.51
C ASP B 439 34.53 -14.63 -17.35
N ALA B 440 34.97 -13.46 -16.85
CA ALA B 440 34.68 -12.23 -17.56
C ALA B 440 35.27 -12.13 -18.93
N ALA B 441 36.48 -12.68 -19.09
CA ALA B 441 37.12 -12.66 -20.41
C ALA B 441 36.30 -13.52 -21.44
N ASP B 442 35.82 -14.66 -20.97
CA ASP B 442 35.02 -15.57 -21.76
C ASP B 442 33.69 -14.91 -22.13
N ALA B 443 33.10 -14.22 -21.19
CA ALA B 443 31.84 -13.51 -21.46
C ALA B 443 32.01 -12.47 -22.53
N ALA B 444 33.12 -11.73 -22.48
CA ALA B 444 33.40 -10.72 -23.51
C ALA B 444 33.57 -11.37 -24.88
N GLU B 445 34.24 -12.51 -24.91
CA GLU B 445 34.47 -13.21 -26.15
C GLU B 445 33.15 -13.73 -26.73
N LEU B 446 32.33 -14.34 -25.87
CA LEU B 446 31.00 -14.83 -26.31
C LEU B 446 30.10 -13.71 -26.80
N LYS B 447 30.08 -12.56 -26.09
CA LYS B 447 29.24 -11.47 -26.55
C LYS B 447 29.71 -10.93 -27.90
N ALA B 448 31.01 -10.94 -28.14
CA ALA B 448 31.48 -10.45 -29.41
C ALA B 448 31.11 -11.41 -30.52
N LYS B 449 31.19 -12.71 -30.25
CA LYS B 449 30.76 -13.70 -31.22
C LYS B 449 29.29 -13.59 -31.53
N VAL B 450 28.49 -13.38 -30.50
CA VAL B 450 27.04 -13.20 -30.70
C VAL B 450 26.77 -12.00 -31.61
N LEU B 451 27.41 -10.87 -31.34
CA LEU B 451 27.15 -9.66 -32.13
C LEU B 451 27.71 -9.79 -33.56
N ALA B 452 28.78 -10.54 -33.71
CA ALA B 452 29.35 -10.81 -35.06
C ALA B 452 28.51 -11.77 -35.89
N SER B 453 27.57 -12.50 -35.29
CA SER B 453 26.85 -13.52 -35.97
C SER B 453 25.80 -12.92 -36.89
N GLY B 454 25.46 -11.66 -36.70
CA GLY B 454 24.35 -11.07 -37.43
C GLY B 454 23.01 -11.06 -36.70
N LEU B 455 22.93 -11.70 -35.51
CA LEU B 455 21.69 -11.60 -34.69
C LEU B 455 21.46 -10.12 -34.36
N THR B 456 20.21 -9.67 -34.46
CA THR B 456 19.90 -8.29 -34.20
C THR B 456 19.64 -8.01 -32.72
N VAL B 457 19.62 -6.73 -32.39
CA VAL B 457 19.23 -6.32 -31.06
C VAL B 457 17.86 -6.83 -30.72
N SER B 458 16.91 -6.67 -31.66
CA SER B 458 15.57 -7.17 -31.43
C SER B 458 15.53 -8.67 -31.18
N GLN B 459 16.25 -9.44 -31.96
CA GLN B 459 16.24 -10.89 -31.79
C GLN B 459 16.82 -11.30 -30.42
N LEU B 460 17.92 -10.66 -30.04
CA LEU B 460 18.65 -11.04 -28.85
C LEU B 460 17.80 -10.67 -27.61
N VAL B 461 17.27 -9.44 -27.61
CA VAL B 461 16.48 -8.98 -26.49
C VAL B 461 15.18 -9.81 -26.36
N SER B 462 14.52 -10.00 -27.49
CA SER B 462 13.25 -10.77 -27.48
C SER B 462 13.45 -12.18 -26.94
N THR B 463 14.53 -12.84 -27.36
CA THR B 463 14.79 -14.22 -26.94
C THR B 463 15.10 -14.32 -25.42
N ALA B 464 15.94 -13.41 -24.93
CA ALA B 464 16.29 -13.43 -23.52
C ALA B 464 15.06 -13.08 -22.67
N TRP B 465 14.26 -12.11 -23.13
CA TRP B 465 13.06 -11.74 -22.46
C TRP B 465 12.11 -12.96 -22.38
N ALA B 466 11.94 -13.62 -23.50
CA ALA B 466 11.07 -14.81 -23.55
C ALA B 466 11.52 -15.88 -22.56
N ALA B 467 12.83 -16.09 -22.44
CA ALA B 467 13.40 -17.08 -21.60
C ALA B 467 13.23 -16.75 -20.12
N ALA B 468 13.47 -15.50 -19.75
CA ALA B 468 13.59 -15.12 -18.34
C ALA B 468 12.23 -14.76 -17.74
N SER B 469 11.30 -14.27 -18.57
CA SER B 469 10.09 -13.66 -18.07
C SER B 469 8.96 -14.64 -17.81
N THR B 470 9.21 -15.95 -17.93
CA THR B 470 8.31 -16.96 -17.43
C THR B 470 8.31 -17.12 -15.91
N PHE B 471 9.29 -16.52 -15.22
CA PHE B 471 9.33 -16.56 -13.77
C PHE B 471 8.11 -15.92 -13.15
N ARG B 472 7.62 -16.54 -12.07
CA ARG B 472 6.63 -15.91 -11.25
C ARG B 472 6.97 -16.12 -9.77
N GLY B 473 6.92 -15.06 -8.97
CA GLY B 473 7.35 -15.11 -7.61
C GLY B 473 6.30 -15.76 -6.68
N SER B 474 5.12 -15.93 -7.21
CA SER B 474 4.02 -16.55 -6.45
C SER B 474 4.34 -18.01 -6.03
N ASP B 475 4.87 -18.82 -6.98
CA ASP B 475 5.34 -20.15 -6.63
C ASP B 475 6.78 -20.42 -7.05
N LYS B 476 7.48 -19.37 -7.49
CA LYS B 476 8.87 -19.43 -7.84
C LYS B 476 9.18 -20.44 -8.93
N ARG B 477 8.19 -20.68 -9.80
CA ARG B 477 8.41 -21.47 -11.03
C ARG B 477 8.84 -20.56 -12.20
N GLY B 478 9.47 -21.15 -13.20
CA GLY B 478 9.85 -20.41 -14.40
C GLY B 478 11.19 -19.69 -14.28
N GLY B 479 11.50 -18.90 -15.29
CA GLY B 479 12.80 -18.27 -15.41
C GLY B 479 13.69 -18.88 -16.47
N ALA B 480 14.85 -18.26 -16.66
CA ALA B 480 15.74 -18.66 -17.75
C ALA B 480 16.62 -19.88 -17.41
N ASN B 481 16.80 -20.21 -16.11
CA ASN B 481 17.61 -21.34 -15.76
C ASN B 481 16.94 -22.59 -16.34
N GLY B 482 17.74 -23.51 -16.84
CA GLY B 482 17.20 -24.74 -17.45
C GLY B 482 17.16 -24.70 -18.99
N ALA B 483 17.17 -23.50 -19.59
CA ALA B 483 17.03 -23.35 -21.06
C ALA B 483 15.82 -24.09 -21.56
N ARG B 484 14.72 -24.00 -20.81
CA ARG B 484 13.53 -24.71 -21.23
C ARG B 484 12.84 -24.05 -22.42
N ILE B 485 13.30 -22.87 -22.81
CA ILE B 485 12.77 -22.21 -23.98
C ILE B 485 13.05 -23.03 -25.25
N ARG B 486 14.05 -23.92 -25.20
CA ARG B 486 14.39 -24.73 -26.33
C ARG B 486 13.60 -26.04 -26.42
N LEU B 487 12.84 -26.34 -25.37
CA LEU B 487 12.13 -27.59 -25.21
C LEU B 487 10.65 -27.39 -25.48
N ALA B 488 9.92 -28.48 -25.67
CA ALA B 488 8.47 -28.40 -25.57
C ALA B 488 8.07 -28.10 -24.11
N PRO B 489 6.98 -27.35 -23.90
CA PRO B 489 6.22 -26.65 -24.89
C PRO B 489 6.65 -25.19 -25.13
N GLN B 490 7.64 -24.69 -24.39
CA GLN B 490 7.96 -23.26 -24.50
C GLN B 490 8.35 -22.85 -25.93
N LYS B 491 9.05 -23.75 -26.64
CA LYS B 491 9.57 -23.46 -27.97
C LYS B 491 8.47 -23.25 -29.00
N ASP B 492 7.27 -23.66 -28.64
CA ASP B 492 6.10 -23.63 -29.54
C ASP B 492 5.07 -22.56 -29.15
N TRP B 493 5.29 -21.82 -28.06
CA TRP B 493 4.31 -20.85 -27.60
C TRP B 493 4.28 -19.70 -28.55
N GLU B 494 3.07 -19.26 -28.89
CA GLU B 494 2.92 -18.16 -29.84
C GLU B 494 3.65 -16.88 -29.41
N ALA B 495 3.54 -16.51 -28.14
CA ALA B 495 4.23 -15.33 -27.64
C ALA B 495 5.73 -15.41 -27.85
N ASN B 496 6.27 -16.62 -27.90
CA ASN B 496 7.73 -16.82 -28.10
C ASN B 496 8.20 -16.78 -29.56
N GLN B 497 7.24 -16.63 -30.48
CA GLN B 497 7.56 -16.48 -31.93
C GLN B 497 8.38 -17.65 -32.46
N PRO B 498 7.79 -18.84 -32.45
CA PRO B 498 8.52 -20.04 -32.65
C PRO B 498 9.51 -20.07 -33.80
N GLU B 499 9.14 -19.52 -34.97
CA GLU B 499 10.07 -19.55 -36.11
C GLU B 499 11.28 -18.69 -35.89
N GLN B 500 11.06 -17.48 -35.38
CA GLN B 500 12.19 -16.60 -35.08
C GLN B 500 13.07 -17.23 -33.99
N LEU B 501 12.41 -17.71 -32.94
CA LEU B 501 13.13 -18.38 -31.84
C LEU B 501 14.02 -19.49 -32.33
N ALA B 502 13.50 -20.37 -33.22
CA ALA B 502 14.29 -21.46 -33.73
C ALA B 502 15.53 -21.00 -34.41
N ALA B 503 15.43 -19.95 -35.21
CA ALA B 503 16.60 -19.41 -35.91
C ALA B 503 17.65 -18.84 -34.92
N VAL B 504 17.18 -18.15 -33.88
CA VAL B 504 18.13 -17.57 -32.90
C VAL B 504 18.81 -18.69 -32.14
N LEU B 505 18.03 -19.67 -31.67
CA LEU B 505 18.61 -20.81 -30.95
C LEU B 505 19.60 -21.60 -31.78
N GLU B 506 19.33 -21.75 -33.08
CA GLU B 506 20.25 -22.52 -33.91
C GLU B 506 21.61 -21.80 -33.95
N THR B 507 21.58 -20.48 -34.12
CA THR B 507 22.77 -19.69 -34.16
C THR B 507 23.48 -19.71 -32.85
N LEU B 508 22.74 -19.52 -31.75
CA LEU B 508 23.38 -19.61 -30.40
C LEU B 508 23.97 -20.97 -30.10
N GLU B 509 23.31 -22.06 -30.52
CA GLU B 509 23.85 -23.40 -30.26
CA GLU B 509 23.80 -23.43 -30.27
C GLU B 509 25.14 -23.62 -31.03
N ALA B 510 25.26 -23.01 -32.21
CA ALA B 510 26.48 -23.19 -33.00
C ALA B 510 27.65 -22.44 -32.35
N ILE B 511 27.36 -21.24 -31.83
CA ILE B 511 28.34 -20.48 -31.04
C ILE B 511 28.78 -21.24 -29.82
N ARG B 512 27.81 -21.82 -29.13
CA ARG B 512 28.09 -22.60 -27.97
C ARG B 512 29.03 -23.78 -28.28
N THR B 513 28.63 -24.55 -29.27
CA THR B 513 29.35 -25.76 -29.66
C THR B 513 30.78 -25.40 -30.01
N ALA B 514 30.97 -24.31 -30.72
CA ALA B 514 32.31 -23.91 -31.13
C ALA B 514 33.14 -23.43 -29.92
N PHE B 515 32.52 -22.64 -29.05
CA PHE B 515 33.19 -22.26 -27.78
C PHE B 515 33.56 -23.45 -26.93
N ASN B 516 32.61 -24.35 -26.67
CA ASN B 516 32.84 -25.46 -25.79
C ASN B 516 33.90 -26.42 -26.38
N GLY B 517 33.91 -26.52 -27.70
CA GLY B 517 34.84 -27.42 -28.36
C GLY B 517 36.29 -26.93 -28.22
N ALA B 518 36.48 -25.63 -28.03
CA ALA B 518 37.82 -25.07 -27.98
C ALA B 518 38.37 -25.07 -26.58
N GLN B 519 37.55 -25.36 -25.58
CA GLN B 519 37.99 -25.25 -24.21
C GLN B 519 38.90 -26.39 -23.78
N ARG B 520 39.83 -26.03 -22.90
CA ARG B 520 40.60 -26.95 -22.08
C ARG B 520 39.93 -27.11 -20.73
N GLY B 521 40.28 -28.22 -20.13
CA GLY B 521 39.75 -28.56 -18.87
C GLY B 521 38.29 -28.83 -19.16
N GLY B 522 37.52 -28.80 -18.10
CA GLY B 522 36.14 -29.07 -18.25
C GLY B 522 35.29 -27.85 -18.57
N LYS B 523 35.88 -26.68 -18.83
CA LYS B 523 35.07 -25.46 -18.94
C LYS B 523 34.07 -25.56 -20.07
N GLN B 524 32.81 -25.19 -19.80
CA GLN B 524 31.80 -25.16 -20.84
C GLN B 524 30.80 -24.09 -20.45
N VAL B 525 30.08 -23.58 -21.45
CA VAL B 525 28.96 -22.70 -21.20
C VAL B 525 27.63 -23.41 -21.53
N SER B 526 26.68 -23.27 -20.64
CA SER B 526 25.33 -23.80 -20.93
C SER B 526 24.58 -22.92 -21.95
N LEU B 527 23.59 -23.51 -22.64
CA LEU B 527 22.75 -22.70 -23.48
C LEU B 527 21.93 -21.71 -22.67
N ALA B 528 21.56 -22.13 -21.46
CA ALA B 528 20.77 -21.26 -20.59
C ALA B 528 21.51 -19.97 -20.32
N ASP B 529 22.80 -20.11 -19.98
CA ASP B 529 23.66 -18.93 -19.78
C ASP B 529 23.85 -18.14 -21.05
N LEU B 530 24.07 -18.83 -22.19
CA LEU B 530 24.36 -18.12 -23.41
C LEU B 530 23.15 -17.31 -23.91
N ILE B 531 21.93 -17.82 -23.72
CA ILE B 531 20.74 -17.09 -24.08
C ILE B 531 20.69 -15.74 -23.34
N VAL B 532 20.88 -15.80 -22.01
CA VAL B 532 20.89 -14.62 -21.17
C VAL B 532 22.04 -13.67 -21.52
N LEU B 533 23.23 -14.22 -21.72
CA LEU B 533 24.41 -13.43 -22.09
C LEU B 533 24.22 -12.75 -23.45
N ALA B 534 23.59 -13.46 -24.37
CA ALA B 534 23.32 -12.91 -25.67
C ALA B 534 22.33 -11.77 -25.61
N GLY B 535 21.35 -11.86 -24.73
CA GLY B 535 20.43 -10.76 -24.47
C GLY B 535 21.11 -9.54 -23.87
N CYS B 536 22.05 -9.78 -22.96
CA CYS B 536 22.88 -8.71 -22.38
C CYS B 536 23.68 -8.02 -23.51
N ALA B 537 24.22 -8.80 -24.44
CA ALA B 537 24.92 -8.23 -25.57
C ALA B 537 24.02 -7.37 -26.42
N GLY B 538 22.79 -7.84 -26.63
CA GLY B 538 21.81 -7.01 -27.30
C GLY B 538 21.54 -5.68 -26.68
N VAL B 539 21.40 -5.67 -25.35
CA VAL B 539 21.17 -4.43 -24.62
C VAL B 539 22.40 -3.53 -24.74
N GLU B 540 23.62 -4.11 -24.59
CA GLU B 540 24.85 -3.32 -24.74
C GLU B 540 24.95 -2.66 -26.15
N GLN B 541 24.67 -3.47 -27.18
CA GLN B 541 24.64 -2.97 -28.52
C GLN B 541 23.60 -1.81 -28.70
N ALA B 542 22.42 -1.97 -28.13
CA ALA B 542 21.42 -0.94 -28.21
C ALA B 542 21.85 0.34 -27.54
N ALA B 543 22.52 0.23 -26.41
CA ALA B 543 23.04 1.37 -25.74
C ALA B 543 24.11 2.05 -26.61
N LYS B 544 24.99 1.26 -27.22
CA LYS B 544 25.97 1.81 -28.16
C LYS B 544 25.31 2.52 -29.38
N ASN B 545 24.23 1.93 -29.90
CA ASN B 545 23.47 2.52 -30.96
C ASN B 545 22.97 3.90 -30.59
N ALA B 546 22.73 4.14 -29.29
CA ALA B 546 22.27 5.42 -28.80
C ALA B 546 23.40 6.36 -28.33
N GLY B 547 24.66 5.98 -28.56
CA GLY B 547 25.82 6.76 -28.08
C GLY B 547 26.21 6.63 -26.62
N HIS B 548 25.76 5.56 -25.95
CA HIS B 548 26.08 5.33 -24.53
C HIS B 548 27.05 4.12 -24.38
N ALA B 549 28.02 4.25 -23.48
CA ALA B 549 28.92 3.14 -23.22
C ALA B 549 28.36 2.41 -21.99
N VAL B 550 27.83 1.19 -22.15
CA VAL B 550 27.13 0.56 -21.04
C VAL B 550 27.60 -0.90 -20.93
N THR B 551 27.94 -1.33 -19.73
CA THR B 551 28.19 -2.74 -19.46
CA THR B 551 28.18 -2.78 -19.45
C THR B 551 26.99 -3.32 -18.68
N VAL B 552 26.43 -4.43 -19.15
CA VAL B 552 25.28 -5.04 -18.47
C VAL B 552 25.83 -6.17 -17.62
N PRO B 553 25.49 -6.21 -16.34
CA PRO B 553 25.92 -7.34 -15.49
C PRO B 553 25.40 -8.71 -16.01
N PHE B 554 26.21 -9.73 -15.79
CA PHE B 554 25.84 -11.10 -16.15
C PHE B 554 26.43 -12.01 -15.09
N ALA B 555 25.61 -12.93 -14.61
CA ALA B 555 26.04 -13.96 -13.67
C ALA B 555 25.89 -15.35 -14.31
N PRO B 556 27.02 -16.06 -14.55
CA PRO B 556 26.89 -17.44 -15.09
C PRO B 556 26.45 -18.42 -14.05
N GLY B 557 26.20 -19.63 -14.51
CA GLY B 557 25.89 -20.74 -13.64
C GLY B 557 24.56 -21.40 -13.80
N ARG B 558 23.79 -20.95 -14.79
CA ARG B 558 22.60 -21.70 -15.20
C ARG B 558 23.03 -22.99 -15.86
N ALA B 559 22.19 -24.02 -15.73
CA ALA B 559 22.38 -25.28 -16.39
C ALA B 559 21.19 -25.59 -17.30
N ASP B 560 21.37 -26.60 -18.17
CA ASP B 560 20.37 -26.95 -19.17
C ASP B 560 19.63 -28.21 -18.70
N ALA B 561 18.32 -28.09 -18.60
CA ALA B 561 17.49 -29.21 -18.23
C ALA B 561 17.14 -29.97 -19.50
N SER B 562 16.87 -31.26 -19.33
CA SER B 562 16.38 -32.07 -20.46
C SER B 562 14.87 -32.01 -20.65
N GLN B 563 14.41 -32.50 -21.80
CA GLN B 563 13.02 -32.67 -22.02
C GLN B 563 12.38 -33.60 -20.96
N GLU B 564 13.08 -34.65 -20.60
CA GLU B 564 12.55 -35.63 -19.66
C GLU B 564 12.45 -35.06 -18.24
N GLN B 565 13.20 -33.99 -17.96
CA GLN B 565 13.07 -33.20 -16.75
C GLN B 565 12.05 -32.10 -16.83
N THR B 566 11.28 -32.03 -17.91
CA THR B 566 10.37 -30.96 -18.16
C THR B 566 9.02 -31.52 -18.47
N ASP B 567 8.18 -31.52 -17.45
CA ASP B 567 6.76 -31.99 -17.57
C ASP B 567 5.97 -31.00 -18.44
N VAL B 568 5.63 -31.44 -19.66
CA VAL B 568 5.01 -30.55 -20.60
C VAL B 568 3.62 -30.02 -20.17
N GLU B 569 2.85 -30.85 -19.50
N GLU B 569 2.86 -30.86 -19.48
CA GLU B 569 1.51 -30.42 -19.06
CA GLU B 569 1.51 -30.45 -19.02
C GLU B 569 1.60 -29.39 -17.93
C GLU B 569 1.63 -29.39 -17.92
N SER B 570 2.54 -29.60 -16.99
CA SER B 570 2.77 -28.65 -15.89
C SER B 570 3.29 -27.31 -16.41
N MET B 571 4.08 -27.35 -17.48
CA MET B 571 4.61 -26.12 -18.08
C MET B 571 3.53 -25.23 -18.73
N ALA B 572 2.41 -25.82 -19.12
CA ALA B 572 1.36 -25.07 -19.81
C ALA B 572 0.87 -23.85 -19.08
N VAL B 573 0.82 -23.93 -17.74
CA VAL B 573 0.33 -22.81 -16.96
C VAL B 573 1.26 -21.64 -16.96
N LEU B 574 2.51 -21.83 -17.39
CA LEU B 574 3.40 -20.72 -17.46
C LEU B 574 3.31 -19.96 -18.80
N GLU B 575 2.50 -20.48 -19.73
CA GLU B 575 2.40 -19.80 -21.03
C GLU B 575 1.86 -18.39 -20.82
N PRO B 576 2.53 -17.39 -21.38
CA PRO B 576 1.99 -16.03 -21.23
C PRO B 576 0.95 -15.80 -22.29
N VAL B 577 -0.29 -15.77 -21.89
CA VAL B 577 -1.33 -15.41 -22.78
C VAL B 577 -1.58 -13.89 -22.83
N ALA B 578 -1.05 -13.19 -21.86
CA ALA B 578 -1.02 -11.73 -21.91
C ALA B 578 0.41 -11.38 -21.42
N ASP B 579 1.14 -10.66 -22.22
CA ASP B 579 2.42 -10.11 -21.77
C ASP B 579 2.51 -8.71 -22.35
N GLY B 580 2.15 -7.74 -21.53
CA GLY B 580 2.20 -6.36 -21.94
C GLY B 580 3.58 -5.89 -22.32
N PHE B 581 4.60 -6.52 -21.75
CA PHE B 581 5.99 -6.13 -22.04
C PHE B 581 6.37 -6.47 -23.48
N ARG B 582 5.63 -7.36 -24.11
CA ARG B 582 5.80 -7.64 -25.56
C ARG B 582 4.56 -7.20 -26.38
N ASN B 583 3.67 -6.43 -25.76
CA ASN B 583 2.40 -5.95 -26.31
C ASN B 583 1.60 -7.13 -26.89
N TYR B 584 1.52 -8.20 -26.13
CA TYR B 584 0.94 -9.42 -26.57
C TYR B 584 -0.33 -9.73 -25.79
N LEU B 585 -1.37 -10.11 -26.55
CA LEU B 585 -2.57 -10.67 -25.97
C LEU B 585 -3.04 -11.78 -26.84
N LYS B 586 -3.17 -12.97 -26.29
CA LYS B 586 -3.40 -14.19 -27.14
C LYS B 586 -4.82 -14.21 -27.61
N GLY B 587 -5.72 -13.72 -26.76
CA GLY B 587 -7.14 -13.60 -27.17
C GLY B 587 -7.78 -12.39 -26.57
N LYS B 588 -9.09 -12.30 -26.64
CA LYS B 588 -9.84 -11.20 -26.01
C LYS B 588 -10.36 -11.69 -24.64
N TYR B 589 -10.06 -10.94 -23.58
CA TYR B 589 -10.39 -11.37 -22.22
C TYR B 589 -11.34 -10.36 -21.63
N ARG B 590 -11.92 -10.72 -20.50
CA ARG B 590 -12.86 -9.84 -19.84
C ARG B 590 -12.06 -8.82 -19.02
N VAL B 591 -10.90 -9.21 -18.50
CA VAL B 591 -10.10 -8.31 -17.69
C VAL B 591 -9.34 -7.36 -18.63
N PRO B 592 -9.39 -6.03 -18.39
CA PRO B 592 -8.69 -5.11 -19.34
C PRO B 592 -7.16 -5.35 -19.35
N ALA B 593 -6.55 -5.12 -20.49
CA ALA B 593 -5.17 -5.48 -20.73
C ALA B 593 -4.20 -4.78 -19.76
N GLU B 594 -4.47 -3.55 -19.36
CA GLU B 594 -3.61 -2.89 -18.39
C GLU B 594 -3.68 -3.50 -17.00
N VAL B 595 -4.83 -4.08 -16.62
CA VAL B 595 -4.88 -4.86 -15.39
C VAL B 595 -4.02 -6.13 -15.51
N LEU B 596 -4.03 -6.75 -16.69
CA LEU B 596 -3.18 -7.92 -16.92
C LEU B 596 -1.69 -7.58 -16.90
N LEU B 597 -1.37 -6.37 -17.31
CA LEU B 597 0.06 -5.89 -17.27
C LEU B 597 0.51 -5.79 -15.81
N VAL B 598 -0.28 -5.13 -15.00
CA VAL B 598 0.03 -5.01 -13.56
C VAL B 598 0.12 -6.37 -12.88
N ASP B 599 -0.76 -7.28 -13.25
CA ASP B 599 -0.73 -8.66 -12.72
C ASP B 599 0.62 -9.38 -13.07
N LYS B 600 1.04 -9.24 -14.31
CA LYS B 600 2.33 -9.76 -14.78
C LYS B 600 3.53 -9.12 -14.06
N ALA B 601 3.49 -7.81 -13.91
CA ALA B 601 4.52 -7.11 -13.15
C ALA B 601 4.61 -7.61 -11.71
N GLN B 602 3.46 -7.92 -11.11
CA GLN B 602 3.46 -8.45 -9.77
C GLN B 602 4.12 -9.82 -9.68
N LEU B 603 3.82 -10.67 -10.69
CA LEU B 603 4.44 -12.01 -10.72
C LEU B 603 5.96 -11.91 -10.94
N LEU B 604 6.38 -10.91 -11.72
CA LEU B 604 7.79 -10.65 -11.96
C LEU B 604 8.48 -9.95 -10.80
N THR B 605 7.72 -9.60 -9.77
CA THR B 605 8.24 -8.90 -8.57
C THR B 605 8.64 -7.44 -8.80
N LEU B 606 8.10 -6.85 -9.86
CA LEU B 606 8.44 -5.48 -10.25
C LEU B 606 7.61 -4.46 -9.47
N SER B 607 8.25 -3.36 -9.12
CA SER B 607 7.52 -2.16 -8.67
C SER B 607 6.93 -1.40 -9.87
N ALA B 608 6.18 -0.36 -9.60
CA ALA B 608 5.66 0.43 -10.70
C ALA B 608 6.74 1.17 -11.48
N PRO B 609 7.71 1.79 -10.82
CA PRO B 609 8.80 2.39 -11.56
C PRO B 609 9.56 1.37 -12.40
N GLU B 610 9.83 0.17 -11.86
CA GLU B 610 10.49 -0.88 -12.62
C GLU B 610 9.67 -1.31 -13.83
N MET B 611 8.38 -1.55 -13.65
CA MET B 611 7.51 -1.92 -14.76
C MET B 611 7.59 -0.85 -15.83
N THR B 612 7.52 0.42 -15.41
CA THR B 612 7.45 1.52 -16.36
C THR B 612 8.76 1.60 -17.20
N VAL B 613 9.89 1.65 -16.53
N VAL B 613 9.94 1.63 -16.56
CA VAL B 613 11.18 1.71 -17.21
CA VAL B 613 11.15 1.73 -17.40
C VAL B 613 11.36 0.54 -18.17
C VAL B 613 11.26 0.52 -18.28
N LEU B 614 11.02 -0.66 -17.70
CA LEU B 614 11.23 -1.88 -18.46
C LEU B 614 10.42 -1.85 -19.76
N LEU B 615 9.13 -1.52 -19.63
CA LEU B 615 8.25 -1.55 -20.76
C LEU B 615 8.67 -0.50 -21.81
N GLY B 616 9.02 0.69 -21.37
CA GLY B 616 9.44 1.71 -22.29
C GLY B 616 10.70 1.37 -23.04
N GLY B 617 11.62 0.71 -22.36
CA GLY B 617 12.82 0.25 -23.04
C GLY B 617 12.56 -0.89 -24.01
N LEU B 618 11.81 -1.88 -23.56
CA LEU B 618 11.54 -3.03 -24.44
C LEU B 618 10.85 -2.56 -25.75
N ARG B 619 9.92 -1.61 -25.65
CA ARG B 619 9.25 -1.11 -26.87
C ARG B 619 10.25 -0.61 -27.94
N VAL B 620 11.27 0.13 -27.52
CA VAL B 620 12.20 0.69 -28.46
C VAL B 620 13.32 -0.24 -28.89
N LEU B 621 13.48 -1.34 -28.19
CA LEU B 621 14.43 -2.38 -28.55
C LEU B 621 13.92 -3.39 -29.55
N GLY B 622 12.63 -3.38 -29.82
CA GLY B 622 12.02 -4.34 -30.76
C GLY B 622 11.57 -5.63 -30.11
N ALA B 623 11.15 -5.58 -28.84
CA ALA B 623 10.68 -6.75 -28.21
C ALA B 623 9.22 -7.13 -28.47
N ASN B 624 8.45 -6.30 -29.20
CA ASN B 624 7.07 -6.66 -29.45
C ASN B 624 6.95 -7.99 -30.24
N VAL B 625 5.97 -8.79 -29.89
CA VAL B 625 5.61 -9.98 -30.70
C VAL B 625 5.21 -9.54 -32.10
N GLY B 626 5.74 -10.22 -33.11
CA GLY B 626 5.43 -9.92 -34.52
C GLY B 626 5.95 -8.60 -35.04
N GLN B 627 6.89 -7.99 -34.32
CA GLN B 627 7.42 -6.67 -34.70
C GLN B 627 6.26 -5.63 -34.93
N SER B 628 5.18 -5.78 -34.15
CA SER B 628 4.11 -4.81 -34.11
C SER B 628 4.68 -3.46 -33.82
N ARG B 629 4.12 -2.45 -34.49
CA ARG B 629 4.53 -1.07 -34.28
C ARG B 629 3.86 -0.42 -33.06
N HIS B 630 2.90 -1.08 -32.44
CA HIS B 630 2.09 -0.51 -31.39
C HIS B 630 3.06 -0.14 -30.22
N GLY B 631 3.05 1.12 -29.84
CA GLY B 631 3.90 1.59 -28.77
C GLY B 631 5.34 1.78 -29.11
N VAL B 632 5.72 1.60 -30.38
CA VAL B 632 7.08 1.80 -30.78
C VAL B 632 7.34 3.24 -31.15
N PHE B 633 7.33 4.09 -30.11
CA PHE B 633 7.32 5.53 -30.29
C PHE B 633 8.73 6.10 -30.42
N THR B 634 9.42 5.67 -31.46
CA THR B 634 10.74 6.12 -31.77
C THR B 634 10.96 6.04 -33.26
N ALA B 635 11.91 6.82 -33.73
CA ALA B 635 12.43 6.71 -35.10
C ALA B 635 13.81 6.09 -35.08
N ARG B 636 14.27 5.63 -33.91
CA ARG B 636 15.55 4.87 -33.84
C ARG B 636 15.40 3.55 -33.09
N GLU B 637 14.60 2.68 -33.67
CA GLU B 637 14.39 1.35 -33.10
C GLU B 637 15.75 0.64 -32.96
N GLN B 638 15.85 -0.16 -31.90
CA GLN B 638 17.08 -0.86 -31.54
C GLN B 638 18.20 0.01 -30.99
N ALA B 639 17.85 1.23 -30.60
CA ALA B 639 18.66 2.07 -29.79
C ALA B 639 17.98 2.25 -28.43
N LEU B 640 18.79 2.16 -27.38
CA LEU B 640 18.26 2.23 -26.02
C LEU B 640 18.13 3.71 -25.62
N THR B 641 16.93 4.25 -25.80
CA THR B 641 16.67 5.66 -25.48
C THR B 641 15.37 5.71 -24.69
N ASN B 642 15.09 6.90 -24.15
CA ASN B 642 13.84 7.20 -23.47
C ASN B 642 12.78 7.76 -24.42
N ASP B 643 12.93 7.51 -25.72
CA ASP B 643 11.94 7.99 -26.71
C ASP B 643 10.49 7.62 -26.41
N PHE B 644 10.24 6.44 -25.84
CA PHE B 644 8.90 5.99 -25.61
C PHE B 644 8.21 7.06 -24.77
N PHE B 645 8.89 7.51 -23.72
CA PHE B 645 8.31 8.44 -22.78
C PHE B 645 8.14 9.84 -23.34
N VAL B 646 9.17 10.30 -24.01
CA VAL B 646 9.17 11.66 -24.52
C VAL B 646 8.02 11.76 -25.56
N ASN B 647 7.92 10.78 -26.45
CA ASN B 647 6.87 10.81 -27.46
C ASN B 647 5.47 10.54 -26.91
N LEU B 648 5.35 9.60 -25.97
CA LEU B 648 4.05 9.33 -25.37
C LEU B 648 3.47 10.61 -24.75
N LEU B 649 4.33 11.41 -24.10
CA LEU B 649 3.87 12.57 -23.34
C LEU B 649 3.76 13.85 -24.14
N ASP B 650 3.95 13.77 -25.45
CA ASP B 650 3.97 14.97 -26.28
C ASP B 650 2.50 15.38 -26.57
N MET B 651 2.13 16.55 -26.06
CA MET B 651 0.76 17.02 -26.18
C MET B 651 0.47 17.45 -27.64
N GLY B 652 1.51 17.55 -28.45
CA GLY B 652 1.33 17.72 -29.92
C GLY B 652 0.56 16.61 -30.60
N THR B 653 0.40 15.47 -29.93
CA THR B 653 -0.31 14.31 -30.49
C THR B 653 -1.61 14.09 -29.77
N GLU B 654 -2.68 13.85 -30.53
CA GLU B 654 -3.96 13.52 -30.02
C GLU B 654 -4.29 12.05 -30.27
N TRP B 655 -4.96 11.37 -29.32
CA TRP B 655 -5.20 9.96 -29.45
C TRP B 655 -6.70 9.63 -29.54
N LYS B 656 -7.07 8.66 -30.41
CA LYS B 656 -8.45 8.17 -30.48
C LYS B 656 -8.50 6.69 -30.78
N PRO B 657 -9.49 5.96 -30.22
CA PRO B 657 -9.64 4.56 -30.56
C PRO B 657 -9.98 4.41 -32.04
N THR B 658 -9.55 3.30 -32.67
CA THR B 658 -9.89 3.06 -34.07
C THR B 658 -11.30 2.53 -34.16
N ALA B 659 -11.90 2.80 -35.32
CA ALA B 659 -13.21 2.23 -35.75
C ALA B 659 -13.22 0.71 -35.74
N ALA B 660 -12.22 0.11 -36.40
CA ALA B 660 -12.07 -1.37 -36.48
C ALA B 660 -11.94 -2.06 -35.09
N ASP B 661 -11.18 -1.41 -34.18
CA ASP B 661 -10.81 -2.02 -32.92
C ASP B 661 -10.67 -0.92 -31.82
N ALA B 662 -11.60 -0.95 -30.87
CA ALA B 662 -11.62 -0.01 -29.74
C ALA B 662 -10.42 -0.12 -28.75
N ASP B 663 -9.63 -1.19 -28.87
CA ASP B 663 -8.44 -1.44 -28.00
C ASP B 663 -7.12 -1.06 -28.69
N VAL B 664 -7.22 -0.54 -29.91
CA VAL B 664 -6.13 0.08 -30.60
C VAL B 664 -6.40 1.57 -30.82
N PHE B 665 -5.36 2.37 -30.62
CA PHE B 665 -5.49 3.80 -30.64
C PHE B 665 -4.56 4.38 -31.65
N GLU B 666 -5.02 5.46 -32.28
CA GLU B 666 -4.22 6.21 -33.23
C GLU B 666 -3.85 7.56 -32.66
N GLY B 667 -2.58 7.92 -32.82
CA GLY B 667 -2.01 9.14 -32.32
C GLY B 667 -1.68 10.02 -33.53
N ARG B 668 -2.38 11.12 -33.62
CA ARG B 668 -2.28 12.03 -34.79
C ARG B 668 -1.76 13.39 -34.34
N ASP B 669 -0.97 14.03 -35.19
CA ASP B 669 -0.64 15.43 -35.00
C ASP B 669 -1.93 16.26 -34.82
N ARG B 670 -1.95 17.03 -33.75
CA ARG B 670 -3.14 17.80 -33.36
C ARG B 670 -3.49 18.87 -34.42
N ALA B 671 -2.47 19.44 -35.04
CA ALA B 671 -2.62 20.57 -35.94
C ALA B 671 -3.01 20.07 -37.34
N THR B 672 -2.39 18.99 -37.82
CA THR B 672 -2.63 18.52 -39.21
C THR B 672 -3.54 17.31 -39.37
N GLY B 673 -3.66 16.48 -38.35
CA GLY B 673 -4.39 15.22 -38.47
C GLY B 673 -3.57 14.04 -38.96
N GLU B 674 -2.31 14.29 -39.30
CA GLU B 674 -1.47 13.26 -39.80
C GLU B 674 -1.26 12.15 -38.69
N LEU B 675 -1.40 10.89 -39.09
CA LEU B 675 -1.06 9.76 -38.20
C LEU B 675 0.42 9.70 -37.86
N LYS B 676 0.74 9.69 -36.55
CA LYS B 676 2.13 9.55 -36.13
C LYS B 676 2.47 8.17 -35.52
N TRP B 677 1.54 7.60 -34.77
CA TRP B 677 1.79 6.37 -34.02
C TRP B 677 0.51 5.61 -33.86
N THR B 678 0.62 4.33 -33.48
CA THR B 678 -0.49 3.56 -32.97
C THR B 678 -0.06 2.94 -31.65
N GLY B 679 -1.03 2.67 -30.80
CA GLY B 679 -0.74 2.02 -29.53
C GLY B 679 -1.94 1.27 -28.99
N THR B 680 -1.67 0.38 -28.04
CA THR B 680 -2.68 -0.41 -27.36
C THR B 680 -3.04 0.24 -26.05
N ARG B 681 -3.98 -0.36 -25.31
CA ARG B 681 -4.28 0.07 -23.96
C ARG B 681 -3.02 0.03 -23.08
N VAL B 682 -2.21 -1.01 -23.26
CA VAL B 682 -1.01 -1.18 -22.42
C VAL B 682 -0.05 -0.05 -22.68
N ASP B 683 0.08 0.37 -23.92
CA ASP B 683 0.91 1.52 -24.20
C ASP B 683 0.37 2.81 -23.59
N LEU B 684 -0.89 3.09 -23.85
CA LEU B 684 -1.44 4.41 -23.47
C LEU B 684 -1.77 4.57 -22.01
N VAL B 685 -1.88 3.48 -21.25
CA VAL B 685 -2.16 3.61 -19.85
C VAL B 685 -1.10 4.46 -19.15
N PHE B 686 0.14 4.42 -19.66
CA PHE B 686 1.24 5.18 -19.06
C PHE B 686 1.05 6.69 -19.25
N GLY B 687 0.20 7.08 -20.21
CA GLY B 687 -0.16 8.46 -20.40
C GLY B 687 -1.52 8.87 -19.85
N SER B 688 -2.20 7.93 -19.22
CA SER B 688 -3.56 8.14 -18.71
C SER B 688 -3.66 8.01 -17.19
N HIS B 689 -3.23 6.87 -16.66
CA HIS B 689 -3.26 6.64 -15.22
C HIS B 689 -2.37 7.68 -14.52
N SER B 690 -2.94 8.34 -13.52
CA SER B 690 -2.29 9.55 -12.95
C SER B 690 -0.99 9.21 -12.21
N GLN B 691 -0.88 8.01 -11.66
CA GLN B 691 0.36 7.61 -11.01
CA GLN B 691 0.37 7.59 -11.02
C GLN B 691 1.39 7.09 -12.04
N LEU B 692 0.95 6.30 -13.00
CA LEU B 692 1.83 5.89 -14.10
C LEU B 692 2.38 7.06 -14.90
N ARG B 693 1.53 8.01 -15.18
CA ARG B 693 1.97 9.14 -15.99
C ARG B 693 3.00 9.95 -15.20
N ALA B 694 2.86 10.03 -13.88
CA ALA B 694 3.87 10.73 -13.10
C ALA B 694 5.26 10.03 -13.22
N LEU B 695 5.26 8.72 -13.31
CA LEU B 695 6.48 7.97 -13.48
C LEU B 695 7.04 8.18 -14.90
N ALA B 696 6.16 8.14 -15.89
CA ALA B 696 6.59 8.39 -17.25
C ALA B 696 7.27 9.76 -17.40
N GLU B 697 6.71 10.77 -16.73
CA GLU B 697 7.24 12.10 -16.74
C GLU B 697 8.71 12.15 -16.30
N VAL B 698 9.05 11.43 -15.23
CA VAL B 698 10.44 11.40 -14.80
C VAL B 698 11.36 10.93 -15.93
N TYR B 699 10.98 9.83 -16.56
CA TYR B 699 11.83 9.24 -17.60
C TYR B 699 11.77 9.98 -18.91
N GLY B 700 10.72 10.77 -19.11
CA GLY B 700 10.60 11.58 -20.32
C GLY B 700 11.07 13.03 -20.19
N SER B 701 11.75 13.34 -19.11
CA SER B 701 12.30 14.67 -18.89
C SER B 701 13.68 14.81 -19.56
N ALA B 702 14.07 16.06 -19.80
CA ALA B 702 15.28 16.38 -20.58
C ALA B 702 16.56 15.96 -19.86
N ASP B 703 16.48 15.75 -18.56
CA ASP B 703 17.63 15.35 -17.74
C ASP B 703 17.72 13.84 -17.47
N ALA B 704 16.93 13.06 -18.19
CA ALA B 704 16.69 11.70 -17.75
C ALA B 704 17.29 10.62 -18.64
N GLN B 705 18.00 10.95 -19.71
CA GLN B 705 18.43 9.86 -20.61
C GLN B 705 19.33 8.85 -19.89
N GLU B 706 20.32 9.36 -19.16
CA GLU B 706 21.23 8.47 -18.45
C GLU B 706 20.56 7.72 -17.34
N LYS B 707 19.70 8.38 -16.58
CA LYS B 707 18.86 7.70 -15.60
C LYS B 707 18.02 6.56 -16.21
N PHE B 708 17.39 6.84 -17.35
CA PHE B 708 16.63 5.82 -18.01
C PHE B 708 17.48 4.58 -18.36
N VAL B 709 18.64 4.81 -18.99
CA VAL B 709 19.51 3.70 -19.38
C VAL B 709 19.94 2.92 -18.14
N ARG B 710 20.36 3.60 -17.10
CA ARG B 710 20.91 2.88 -15.98
CA ARG B 710 20.88 2.91 -15.92
C ARG B 710 19.79 2.12 -15.20
N ASP B 711 18.61 2.71 -15.09
CA ASP B 711 17.47 2.02 -14.51
C ASP B 711 17.01 0.84 -15.34
N PHE B 712 17.10 0.96 -16.66
CA PHE B 712 16.67 -0.12 -17.54
C PHE B 712 17.62 -1.28 -17.36
N VAL B 713 18.92 -0.98 -17.35
CA VAL B 713 19.92 -2.06 -17.20
C VAL B 713 19.67 -2.77 -15.88
N ALA B 714 19.42 -2.02 -14.83
CA ALA B 714 19.17 -2.63 -13.54
C ALA B 714 17.96 -3.59 -13.53
N VAL B 715 16.84 -3.13 -14.07
CA VAL B 715 15.64 -3.97 -14.09
C VAL B 715 15.77 -5.17 -15.06
N TRP B 716 16.46 -4.96 -16.17
CA TRP B 716 16.77 -6.07 -17.09
C TRP B 716 17.57 -7.16 -16.37
N ASN B 717 18.60 -6.75 -15.64
CA ASN B 717 19.41 -7.71 -14.90
C ASN B 717 18.59 -8.41 -13.79
N LYS B 718 17.72 -7.65 -13.12
CA LYS B 718 16.84 -8.20 -12.14
C LYS B 718 16.00 -9.38 -12.76
N VAL B 719 15.37 -9.12 -13.89
CA VAL B 719 14.57 -10.13 -14.55
C VAL B 719 15.44 -11.36 -14.95
N MET B 720 16.61 -11.11 -15.47
CA MET B 720 17.50 -12.20 -15.85
C MET B 720 17.87 -13.10 -14.67
N ASN B 721 17.91 -12.53 -13.47
CA ASN B 721 18.31 -13.29 -12.28
C ASN B 721 17.18 -13.79 -11.39
N LEU B 722 15.91 -13.65 -11.78
CA LEU B 722 14.80 -13.89 -10.86
C LEU B 722 14.78 -15.30 -10.26
N ASP B 723 15.21 -16.30 -11.02
CA ASP B 723 15.21 -17.67 -10.56
C ASP B 723 16.55 -18.13 -10.01
N ARG B 724 17.47 -17.21 -9.75
CA ARG B 724 18.84 -17.60 -9.43
C ARG B 724 19.04 -17.83 -7.92
N PHE B 725 18.32 -18.79 -7.39
CA PHE B 725 18.40 -19.09 -5.96
C PHE B 725 19.70 -19.84 -5.65
N ASP B 726 20.35 -20.39 -6.68
CA ASP B 726 21.76 -20.88 -6.53
C ASP B 726 22.73 -19.80 -6.14
N LEU B 727 22.43 -18.53 -6.41
CA LEU B 727 23.31 -17.43 -6.03
C LEU B 727 22.93 -16.75 -4.71
N ALA B 728 21.70 -16.95 -4.26
CA ALA B 728 21.28 -16.58 -2.90
C ALA B 728 22.17 -17.29 -1.86
CHA HEM C . -12.21 31.63 -10.50
CHB HEM C . -15.06 30.83 -6.69
CHC HEM C . -11.53 32.31 -3.76
CHD HEM C . -8.68 33.16 -7.61
C1A HEM C . -13.23 31.13 -9.71
C2A HEM C . -14.41 30.50 -10.23
C3A HEM C . -15.22 30.28 -9.15
C4A HEM C . -14.56 30.80 -8.00
CMA HEM C . -16.62 29.68 -9.13
CAA HEM C . -14.67 30.14 -11.69
CBA HEM C . -14.14 28.75 -12.10
CGA HEM C . -14.36 28.64 -13.59
O1A HEM C . -15.56 28.57 -13.97
O2A HEM C . -13.41 28.75 -14.39
C1B HEM C . -14.35 31.20 -5.56
C2B HEM C . -14.92 31.20 -4.26
C3B HEM C . -13.92 31.62 -3.39
C4B HEM C . -12.75 31.90 -4.25
CMB HEM C . -16.33 30.74 -3.90
CAB HEM C . -13.96 31.79 -1.95
CBB HEM C . -15.03 32.22 -1.34
C1C HEM C . -10.44 32.56 -4.54
C2C HEM C . -9.12 32.88 -4.04
C3C HEM C . -8.31 33.10 -5.14
C4C HEM C . -9.10 32.87 -6.32
CMC HEM C . -8.74 32.87 -2.61
CAC HEM C . -6.87 33.48 -5.19
CBC HEM C . -6.28 34.24 -4.29
C1D HEM C . -9.49 32.92 -8.71
C2D HEM C . -9.07 33.26 -10.08
C3D HEM C . -10.04 32.78 -10.90
C4D HEM C . -11.07 32.23 -10.02
CMD HEM C . -7.79 33.91 -10.50
CAD HEM C . -10.11 32.95 -12.39
CBD HEM C . -9.76 31.70 -13.21
CGD HEM C . -9.59 31.93 -14.69
O1D HEM C . -9.56 30.90 -15.44
O2D HEM C . -9.30 33.08 -15.15
NA HEM C . -13.39 31.32 -8.37
NB HEM C . -13.09 31.67 -5.53
NC HEM C . -10.40 32.54 -5.89
ND HEM C . -10.75 32.32 -8.69
FE HEM C . -11.96 32.12 -7.18
NA NA D . -0.51 18.95 4.36
CL CL E . -2.46 15.36 2.18
O1 OXY F . -12.49 28.00 -8.86
O2 OXY F . -13.19 27.03 -9.17
P PO4 G . -23.91 41.23 -21.14
O1 PO4 G . -22.97 41.22 -22.32
O2 PO4 G . -25.35 41.42 -21.59
O3 PO4 G . -23.69 42.35 -20.16
O4 PO4 G . -23.69 39.90 -20.48
C1 MPD H . -19.03 18.41 -13.58
C2 MPD H . -18.85 19.91 -13.37
O2 MPD H . -17.46 20.25 -13.17
CM MPD H . -19.36 20.67 -14.59
C3 MPD H . -19.57 20.30 -12.10
C4 MPD H . -19.68 21.81 -12.02
O4 MPD H . -20.31 22.22 -13.24
C5 MPD H . -20.46 22.27 -10.78
C1 MPD I . 11.54 25.24 -24.13
C2 MPD I . 10.23 25.67 -23.52
O2 MPD I . 9.73 24.60 -22.69
CM MPD I . 10.57 26.81 -22.58
C3 MPD I . 9.09 26.07 -24.46
C4 MPD I . 9.26 26.25 -25.99
O4 MPD I . 8.71 27.53 -26.27
C5 MPD I . 10.61 26.16 -26.68
O1 OXY J . -12.37 28.31 -5.72
O2 OXY J . -12.67 28.18 -4.51
CHA HEM K . -11.73 -32.60 7.95
CHB HEM K . -13.71 -31.93 3.60
CHC HEM K . -9.51 -33.15 1.51
CHD HEM K . -7.54 -33.80 5.90
C1A HEM K . -12.56 -32.18 6.92
C2A HEM K . -13.85 -31.61 7.15
C3A HEM K . -14.41 -31.44 5.96
C4A HEM K . -13.47 -31.86 4.97
CMA HEM K . -15.79 -30.91 5.70
CAA HEM K . -14.48 -31.26 8.49
CBA HEM K . -14.07 -29.91 9.07
CGA HEM K . -14.67 -29.81 10.45
O1A HEM K . -15.94 -29.79 10.58
O2A HEM K . -13.91 -29.83 11.46
C1B HEM K . -12.74 -32.28 2.66
C2B HEM K . -12.99 -32.26 1.26
C3B HEM K . -11.80 -32.55 0.64
C4B HEM K . -10.84 -32.83 1.72
CMB HEM K . -14.34 -31.86 0.66
CAB HEM K . -11.44 -32.72 -0.80
CBB HEM K . -12.30 -33.23 -1.63
C1C HEM K . -8.59 -33.29 2.53
C2C HEM K . -7.19 -33.52 2.33
C3C HEM K . -6.65 -33.65 3.61
C4C HEM K . -7.71 -33.60 4.53
CMC HEM K . -6.48 -33.51 1.01
CAC HEM K . -5.26 -33.92 4.02
CBC HEM K . -4.42 -34.61 3.30
C1D HEM K . -8.56 -33.61 6.81
C2D HEM K . -8.45 -33.94 8.23
C3D HEM K . -9.65 -33.60 8.80
C4D HEM K . -10.44 -33.04 7.73
CMD HEM K . -7.24 -34.52 8.93
CAD HEM K . -10.04 -33.80 10.27
CBD HEM K . -9.95 -32.54 11.10
CGD HEM K . -10.06 -32.75 12.59
O1D HEM K . -10.24 -31.72 13.33
O2D HEM K . -9.80 -33.90 13.06
NA HEM K . -12.35 -32.35 5.57
NB HEM K . -11.48 -32.67 2.90
NC HEM K . -8.88 -33.34 3.86
ND HEM K . -9.79 -33.11 6.51
FE HEM K . -10.69 -33.06 4.76
NA NA L . 1.96 -18.90 -4.06
CL CL M . -0.67 -15.48 -2.37
O1 OXY N . -11.94 -28.90 6.30
O2 OXY N . -12.72 -27.96 6.47
P PO4 O . -24.61 -43.11 15.71
O1 PO4 O . -23.81 -41.92 15.21
O2 PO4 O . -24.37 -43.20 17.18
O3 PO4 O . -24.24 -44.34 14.96
O4 PO4 O . -26.10 -42.88 15.44
C1 MPD P . -20.29 -20.45 8.75
C2 MPD P . -19.64 -21.70 9.29
O2 MPD P . -18.26 -21.43 9.51
CM MPD P . -20.30 -22.18 10.58
C3 MPD P . -19.65 -22.79 8.26
C4 MPD P . -21.07 -23.22 8.04
O4 MPD P . -21.11 -23.59 6.67
C5 MPD P . -21.48 -24.37 8.97
O1 OXY Q . -10.93 -29.30 3.45
O2 OXY Q . -11.19 -29.30 2.23
C1 MPD R . -25.49 -45.23 -6.16
C2 MPD R . -24.83 -43.85 -6.04
O2 MPD R . -23.66 -43.73 -6.86
CM MPD R . -25.79 -42.78 -6.52
C3 MPD R . -24.40 -43.50 -4.62
C4 MPD R . -24.98 -44.39 -3.54
O4 MPD R . -24.68 -45.78 -3.74
C5 MPD R . -24.30 -43.99 -2.24
C NIZ S . 2.14 -12.99 -5.82
C1 NIZ S . 3.60 -12.99 -5.71
N1 NIZ S . 6.31 -12.62 -5.42
O1 NIZ S . 1.70 -12.70 -6.91
C2 NIZ S . 4.22 -13.21 -4.44
N2 NIZ S . 1.37 -13.04 -4.71
C3 NIZ S . 5.61 -13.05 -4.35
N3 NIZ S . 0.02 -12.80 -4.79
C4 NIZ S . 5.72 -12.41 -6.70
C5 NIZ S . 4.37 -12.54 -6.84
#